data_7VN5
#
_entry.id   7VN5
#
_cell.length_a   102.622
_cell.length_b   93.923
_cell.length_c   112.750
_cell.angle_alpha   90.000
_cell.angle_beta   100.646
_cell.angle_gamma   90.000
#
_symmetry.space_group_name_H-M   'P 1 21 1'
#
loop_
_entity.id
_entity.type
_entity.pdbx_description
1 polymer 'Maltodextrin-binding protein,Protein BRASSINAZOLE-RESISTANT 1'
2 polymer "DNA (5'-D(*TP*TP*TP*TP*CP*AP*CP*GP*TP*GP*AP*AP*AP*AP*A)-3')"
3 branched alpha-D-glucopyranose-(1-4)-alpha-D-glucopyranose
4 non-polymer 1,2-ETHANEDIOL
5 water water
#
loop_
_entity_poly.entity_id
_entity_poly.type
_entity_poly.pdbx_seq_one_letter_code
_entity_poly.pdbx_strand_id
1 'polypeptide(L)'
;MKIEEGKLVIWINGDKGYNGLAEVGKKFEKDTGIKVTVEHPDKLEEKFPQVAATGDGPDIIFWAHDRFGGYAQSGLLAEI
TPAAAFQDKLYPFTWDAVRYNGKLIAYPIAVEALSLIYNKDLLPNPPKTWEEIPALDKELKAKGKSALMFNLQEPYFTWP
LIAADGGYAFKYAAGKYDIKDVGVDNAGAKAGLTFLVDLIKNKHMNADTDYSIAEAAFNKGETAMTINGPWAWSNIDTSA
VNYGVTVLPTFKGQPSKPFVGVLSAGINAASPNKELAKEFLENYLLTDEGLEAVNKDKPLGAVALKSYEEELAKDPRIAA
TMENAQKGEIMPNIPQMSAFWYAVRTAVINAASGRQTVDAALAAAQTNAARRKPSWRERENNRRRERRRRAVAAKIYTGL
RAQGDYNLPKHCDNNEVLKALCVEAGWVVEEDGTTYRKG
;
C,D,A,B
2 'polydeoxyribonucleotide' (DT)(DT)(DT)(DT)(DC)(DA)(DC)(DG)(DT)(DG)(DA)(DA)(DA)(DA)(DA) G,H,E,F
#
loop_
_chem_comp.id
_chem_comp.type
_chem_comp.name
_chem_comp.formula
DA DNA linking 2'-DEOXYADENOSINE-5'-MONOPHOSPHATE 'C10 H14 N5 O6 P'
DC DNA linking 2'-DEOXYCYTIDINE-5'-MONOPHOSPHATE 'C9 H14 N3 O7 P'
DG DNA linking 2'-DEOXYGUANOSINE-5'-MONOPHOSPHATE 'C10 H14 N5 O7 P'
DT DNA linking THYMIDINE-5'-MONOPHOSPHATE 'C10 H15 N2 O8 P'
EDO non-polymer 1,2-ETHANEDIOL 'C2 H6 O2'
GLC D-saccharide, alpha linking alpha-D-glucopyranose 'C6 H12 O6'
#
# COMPACT_ATOMS: atom_id res chain seq x y z
N MET A 1 -16.45 -21.91 33.42
CA MET A 1 -17.56 -22.13 34.35
C MET A 1 -18.23 -23.48 34.08
N LYS A 2 -18.86 -24.04 35.10
CA LYS A 2 -19.74 -25.18 34.90
C LYS A 2 -21.13 -24.84 35.42
N ILE A 3 -22.14 -25.42 34.79
CA ILE A 3 -23.51 -25.21 35.21
C ILE A 3 -23.79 -26.01 36.49
N GLU A 4 -24.62 -25.45 37.36
CA GLU A 4 -24.96 -26.07 38.64
C GLU A 4 -26.47 -26.23 38.74
N GLU A 5 -26.90 -27.35 39.32
CA GLU A 5 -28.32 -27.55 39.57
C GLU A 5 -28.91 -26.39 40.37
N GLY A 6 -30.00 -25.83 39.87
CA GLY A 6 -30.76 -24.85 40.62
C GLY A 6 -30.50 -23.40 40.27
N LYS A 7 -29.60 -23.11 39.34
CA LYS A 7 -29.38 -21.76 38.86
C LYS A 7 -29.22 -21.80 37.35
N LEU A 8 -29.56 -20.69 36.70
CA LEU A 8 -29.41 -20.58 35.25
C LEU A 8 -28.37 -19.52 34.92
N VAL A 9 -27.47 -19.86 34.00
CA VAL A 9 -26.50 -18.92 33.44
C VAL A 9 -26.75 -18.82 31.95
N ILE A 10 -26.88 -17.60 31.45
CA ILE A 10 -27.17 -17.34 30.04
C ILE A 10 -26.01 -16.54 29.46
N TRP A 11 -25.63 -16.87 28.22
CA TRP A 11 -24.71 -16.08 27.42
C TRP A 11 -25.45 -15.45 26.25
N ILE A 12 -25.23 -14.16 26.02
CA ILE A 12 -25.82 -13.45 24.88
C ILE A 12 -24.83 -12.40 24.41
N ASN A 13 -24.86 -12.11 23.12
CA ASN A 13 -23.90 -11.17 22.57
C ASN A 13 -24.12 -9.77 23.16
N GLY A 14 -23.03 -9.03 23.30
CA GLY A 14 -23.02 -7.73 23.93
C GLY A 14 -23.73 -6.61 23.16
N ASP A 15 -24.10 -6.85 21.90
CA ASP A 15 -24.90 -5.84 21.20
C ASP A 15 -26.40 -6.06 21.38
N LYS A 16 -26.82 -7.07 22.14
CA LYS A 16 -28.23 -7.36 22.36
C LYS A 16 -28.69 -6.81 23.71
N GLY A 17 -29.99 -6.91 23.96
CA GLY A 17 -30.55 -6.36 25.18
C GLY A 17 -30.38 -7.27 26.38
N TYR A 18 -29.14 -7.43 26.84
CA TYR A 18 -28.89 -8.33 27.96
C TYR A 18 -29.40 -7.77 29.29
N ASN A 19 -29.55 -6.45 29.40
CA ASN A 19 -30.13 -5.90 30.62
C ASN A 19 -31.62 -6.17 30.69
N GLY A 20 -32.32 -6.05 29.56
CA GLY A 20 -33.71 -6.47 29.51
C GLY A 20 -33.86 -7.96 29.76
N LEU A 21 -32.99 -8.77 29.16
CA LEU A 21 -33.04 -10.20 29.41
C LEU A 21 -32.81 -10.50 30.89
N ALA A 22 -31.96 -9.72 31.57
CA ALA A 22 -31.76 -9.96 33.00
C ALA A 22 -33.00 -9.63 33.81
N GLU A 23 -33.79 -8.64 33.37
CA GLU A 23 -35.06 -8.37 34.04
C GLU A 23 -35.99 -9.57 33.94
N VAL A 24 -36.04 -10.20 32.77
CA VAL A 24 -36.82 -11.44 32.66
C VAL A 24 -36.30 -12.47 33.64
N GLY A 25 -34.97 -12.62 33.74
CA GLY A 25 -34.40 -13.56 34.69
C GLY A 25 -34.79 -13.24 36.12
N LYS A 26 -34.89 -11.95 36.45
CA LYS A 26 -35.27 -11.56 37.80
C LYS A 26 -36.72 -11.93 38.10
N LYS A 27 -37.59 -11.92 37.09
CA LYS A 27 -38.96 -12.38 37.30
C LYS A 27 -38.99 -13.89 37.47
N PHE A 28 -38.27 -14.62 36.62
CA PHE A 28 -38.15 -16.07 36.78
C PHE A 28 -37.70 -16.42 38.20
N GLU A 29 -36.71 -15.70 38.72
CA GLU A 29 -36.24 -15.94 40.08
C GLU A 29 -37.30 -15.55 41.11
N LYS A 30 -38.10 -14.53 40.81
CA LYS A 30 -39.15 -14.10 41.75
C LYS A 30 -40.27 -15.12 41.86
N ASP A 31 -40.52 -15.89 40.80
CA ASP A 31 -41.65 -16.80 40.80
C ASP A 31 -41.27 -18.24 41.11
N THR A 32 -40.01 -18.62 40.91
CA THR A 32 -39.57 -19.99 41.12
C THR A 32 -38.37 -20.12 42.04
N GLY A 33 -37.74 -19.02 42.45
CA GLY A 33 -36.61 -19.09 43.35
C GLY A 33 -35.29 -19.45 42.72
N ILE A 34 -35.24 -19.51 41.39
CA ILE A 34 -34.05 -19.94 40.65
C ILE A 34 -33.33 -18.69 40.16
N LYS A 35 -32.07 -18.55 40.54
CA LYS A 35 -31.28 -17.41 40.10
C LYS A 35 -30.93 -17.53 38.62
N VAL A 36 -31.03 -16.41 37.90
CA VAL A 36 -30.65 -16.32 36.50
C VAL A 36 -29.58 -15.24 36.38
N THR A 37 -28.42 -15.61 35.86
CA THR A 37 -27.34 -14.67 35.59
C THR A 37 -27.17 -14.55 34.08
N VAL A 38 -27.28 -13.33 33.56
CA VAL A 38 -27.02 -13.06 32.15
C VAL A 38 -25.62 -12.49 32.00
N GLU A 39 -24.81 -13.12 31.14
CA GLU A 39 -23.46 -12.66 30.84
C GLU A 39 -23.32 -12.45 29.34
N HIS A 40 -22.40 -11.57 28.94
CA HIS A 40 -22.16 -11.26 27.53
C HIS A 40 -20.67 -11.29 27.25
N PRO A 41 -20.04 -12.45 27.35
CA PRO A 41 -18.60 -12.54 27.12
C PRO A 41 -18.26 -12.29 25.66
N ASP A 42 -17.03 -11.84 25.42
CA ASP A 42 -16.54 -11.62 24.07
C ASP A 42 -16.33 -12.95 23.36
N LYS A 43 -16.63 -12.98 22.05
CA LYS A 43 -16.37 -14.15 21.22
C LYS A 43 -17.10 -15.38 21.76
N LEU A 44 -18.31 -15.18 22.28
CA LEU A 44 -19.01 -16.28 22.93
C LEU A 44 -19.30 -17.41 21.95
N GLU A 45 -19.47 -17.09 20.67
CA GLU A 45 -19.81 -18.11 19.70
C GLU A 45 -18.62 -19.00 19.37
N GLU A 46 -17.40 -18.54 19.65
CA GLU A 46 -16.21 -19.38 19.57
C GLU A 46 -15.89 -20.04 20.90
N LYS A 47 -16.18 -19.37 22.02
CA LYS A 47 -15.89 -19.98 23.31
C LYS A 47 -16.81 -21.15 23.59
N PHE A 48 -18.08 -21.05 23.22
CA PHE A 48 -19.04 -22.09 23.57
C PHE A 48 -18.63 -23.46 23.06
N PRO A 49 -18.32 -23.66 21.78
CA PRO A 49 -17.88 -24.99 21.33
C PRO A 49 -16.61 -25.45 22.00
N GLN A 50 -15.79 -24.55 22.52
CA GLN A 50 -14.57 -24.99 23.17
C GLN A 50 -14.85 -25.53 24.56
N VAL A 51 -15.71 -24.87 25.32
CA VAL A 51 -15.95 -25.28 26.69
C VAL A 51 -17.06 -26.33 26.79
N ALA A 52 -18.08 -26.26 25.94
CA ALA A 52 -19.20 -27.19 26.06
C ALA A 52 -18.80 -28.61 25.69
N ALA A 53 -17.71 -28.80 24.93
CA ALA A 53 -17.30 -30.14 24.55
C ALA A 53 -16.97 -31.01 25.76
N THR A 54 -16.69 -30.41 26.91
CA THR A 54 -16.37 -31.15 28.12
C THR A 54 -17.38 -30.91 29.23
N GLY A 55 -18.53 -30.31 28.91
CA GLY A 55 -19.55 -30.07 29.91
C GLY A 55 -19.49 -28.71 30.59
N ASP A 56 -18.59 -27.84 30.17
CA ASP A 56 -18.53 -26.49 30.72
C ASP A 56 -19.45 -25.57 29.92
N GLY A 57 -19.34 -24.26 30.16
CA GLY A 57 -20.17 -23.29 29.45
C GLY A 57 -21.49 -23.04 30.15
N PRO A 58 -22.34 -22.21 29.54
CA PRO A 58 -23.57 -21.79 30.21
C PRO A 58 -24.70 -22.79 30.02
N ASP A 59 -25.80 -22.55 30.74
CA ASP A 59 -27.01 -23.34 30.56
C ASP A 59 -27.64 -23.05 29.20
N ILE A 60 -27.67 -21.78 28.82
CA ILE A 60 -28.34 -21.33 27.61
C ILE A 60 -27.39 -20.41 26.86
N ILE A 61 -27.35 -20.55 25.54
CA ILE A 61 -26.54 -19.69 24.69
C ILE A 61 -27.43 -19.08 23.62
N PHE A 62 -27.34 -17.75 23.47
CA PHE A 62 -28.02 -17.03 22.39
C PHE A 62 -27.03 -16.70 21.29
N TRP A 63 -27.41 -17.00 20.05
CA TRP A 63 -26.68 -16.53 18.88
C TRP A 63 -27.62 -16.63 17.68
N ALA A 64 -27.23 -16.02 16.57
CA ALA A 64 -27.96 -16.28 15.34
C ALA A 64 -27.89 -17.76 15.00
N HIS A 65 -28.93 -18.25 14.31
CA HIS A 65 -29.10 -19.68 14.09
C HIS A 65 -28.00 -20.31 13.26
N ASP A 66 -27.21 -19.52 12.52
CA ASP A 66 -26.25 -20.12 11.59
C ASP A 66 -25.16 -20.89 12.31
N ARG A 67 -24.87 -20.56 13.56
CA ARG A 67 -23.84 -21.27 14.32
C ARG A 67 -24.33 -22.61 14.88
N PHE A 68 -25.64 -22.81 14.98
CA PHE A 68 -26.16 -23.88 15.83
C PHE A 68 -26.00 -25.27 15.23
N GLY A 69 -26.03 -25.40 13.91
CA GLY A 69 -25.83 -26.72 13.31
C GLY A 69 -24.49 -27.32 13.66
N GLY A 70 -23.43 -26.51 13.70
CA GLY A 70 -22.14 -27.03 14.10
C GLY A 70 -22.13 -27.46 15.56
N TYR A 71 -22.84 -26.72 16.42
CA TYR A 71 -22.95 -27.10 17.81
C TYR A 71 -23.66 -28.44 17.95
N ALA A 72 -24.78 -28.60 17.22
CA ALA A 72 -25.53 -29.85 17.28
C ALA A 72 -24.72 -31.01 16.72
N GLN A 73 -24.00 -30.78 15.62
CA GLN A 73 -23.18 -31.85 15.05
C GLN A 73 -22.13 -32.33 16.03
N SER A 74 -21.62 -31.44 16.87
CA SER A 74 -20.67 -31.83 17.89
C SER A 74 -21.34 -32.34 19.16
N GLY A 75 -22.67 -32.42 19.18
CA GLY A 75 -23.36 -32.94 20.35
C GLY A 75 -23.44 -31.98 21.52
N LEU A 76 -23.36 -30.67 21.28
CA LEU A 76 -23.29 -29.68 22.33
C LEU A 76 -24.66 -29.19 22.79
N LEU A 77 -25.73 -29.52 22.08
CA LEU A 77 -27.05 -28.98 22.33
C LEU A 77 -28.05 -30.07 22.67
N ALA A 78 -28.93 -29.78 23.62
CA ALA A 78 -30.05 -30.67 23.91
C ALA A 78 -31.14 -30.47 22.87
N GLU A 79 -31.78 -31.58 22.48
CA GLU A 79 -32.90 -31.47 21.56
C GLU A 79 -34.04 -30.68 22.18
N ILE A 80 -34.60 -29.75 21.41
CA ILE A 80 -35.71 -28.92 21.85
C ILE A 80 -37.02 -29.65 21.53
N THR A 81 -37.83 -29.90 22.56
CA THR A 81 -39.10 -30.64 22.41
C THR A 81 -40.26 -29.83 22.96
N PRO A 82 -40.62 -28.72 22.31
CA PRO A 82 -41.83 -28.00 22.69
C PRO A 82 -43.07 -28.75 22.22
N ALA A 83 -44.13 -28.64 23.01
CA ALA A 83 -45.40 -29.19 22.57
C ALA A 83 -45.84 -28.50 21.29
N ALA A 84 -46.70 -29.19 20.54
CA ALA A 84 -47.26 -28.58 19.33
C ALA A 84 -47.94 -27.25 19.63
N ALA A 85 -48.63 -27.17 20.78
CA ALA A 85 -49.27 -25.92 21.16
C ALA A 85 -48.28 -24.76 21.19
N PHE A 86 -47.10 -24.97 21.77
CA PHE A 86 -46.14 -23.88 21.84
C PHE A 86 -45.55 -23.55 20.47
N GLN A 87 -45.20 -24.53 19.69
CA GLN A 87 -44.66 -24.34 18.37
C GLN A 87 -45.54 -23.49 17.52
N ASP A 88 -46.85 -23.62 17.72
CA ASP A 88 -47.83 -22.87 16.98
C ASP A 88 -47.80 -21.38 17.20
N LYS A 89 -47.32 -20.95 18.35
CA LYS A 89 -47.15 -19.58 18.68
C LYS A 89 -46.03 -18.83 17.93
N LEU A 90 -45.14 -19.54 17.27
CA LEU A 90 -44.06 -18.95 16.51
C LEU A 90 -44.24 -19.23 15.03
N TYR A 91 -43.75 -18.30 14.20
CA TYR A 91 -43.88 -18.44 12.75
C TYR A 91 -43.16 -19.70 12.28
N PRO A 92 -43.81 -20.51 11.44
CA PRO A 92 -43.16 -21.76 10.98
C PRO A 92 -41.74 -21.58 10.48
N PHE A 93 -41.48 -20.52 9.71
CA PHE A 93 -40.15 -20.40 9.11
C PHE A 93 -39.06 -20.13 10.14
N THR A 94 -39.39 -19.58 11.31
CA THR A 94 -38.35 -19.45 12.33
C THR A 94 -38.00 -20.80 12.93
N TRP A 95 -38.95 -21.73 13.01
CA TRP A 95 -38.62 -23.08 13.45
C TRP A 95 -37.74 -23.79 12.42
N ASP A 96 -37.99 -23.55 11.12
CA ASP A 96 -37.14 -24.14 10.09
C ASP A 96 -35.69 -23.72 10.28
N ALA A 97 -35.47 -22.48 10.74
CA ALA A 97 -34.10 -21.97 10.88
C ALA A 97 -33.32 -22.73 11.95
N VAL A 98 -34.00 -23.32 12.92
CA VAL A 98 -33.34 -24.03 14.02
C VAL A 98 -33.61 -25.54 13.94
N ARG A 99 -33.99 -26.04 12.77
CA ARG A 99 -34.12 -27.47 12.55
C ARG A 99 -32.83 -27.97 11.90
N TYR A 100 -32.24 -29.01 12.49
CA TYR A 100 -31.01 -29.60 11.97
C TYR A 100 -31.15 -31.12 12.02
N ASN A 101 -30.97 -31.76 10.87
CA ASN A 101 -31.11 -33.20 10.76
C ASN A 101 -32.43 -33.67 11.37
N GLY A 102 -33.50 -32.92 11.11
CA GLY A 102 -34.84 -33.29 11.48
C GLY A 102 -35.24 -32.95 12.90
N LYS A 103 -34.35 -32.38 13.69
CA LYS A 103 -34.60 -32.09 15.10
C LYS A 103 -34.49 -30.59 15.34
N LEU A 104 -35.30 -30.09 16.26
CA LEU A 104 -35.19 -28.70 16.70
C LEU A 104 -34.07 -28.61 17.73
N ILE A 105 -33.12 -27.72 17.48
CA ILE A 105 -31.92 -27.59 18.30
C ILE A 105 -31.84 -26.25 19.02
N ALA A 106 -32.85 -25.40 18.92
CA ALA A 106 -32.84 -24.15 19.65
C ALA A 106 -34.25 -23.58 19.59
N TYR A 107 -34.50 -22.60 20.46
CA TYR A 107 -35.73 -21.82 20.36
C TYR A 107 -35.48 -20.57 19.54
N PRO A 108 -36.25 -20.32 18.48
CA PRO A 108 -36.09 -19.07 17.74
C PRO A 108 -36.67 -17.90 18.53
N ILE A 109 -35.98 -16.77 18.49
CA ILE A 109 -36.37 -15.58 19.24
C ILE A 109 -36.81 -14.45 18.31
N ALA A 110 -36.01 -14.15 17.29
CA ALA A 110 -36.27 -12.94 16.53
C ALA A 110 -35.49 -12.97 15.22
N VAL A 111 -36.03 -12.30 14.21
CA VAL A 111 -35.47 -12.30 12.86
C VAL A 111 -34.70 -10.99 12.65
N GLU A 112 -33.43 -11.10 12.25
CA GLU A 112 -32.54 -9.97 12.08
C GLU A 112 -32.16 -9.80 10.61
N ALA A 113 -32.33 -8.59 10.08
CA ALA A 113 -31.74 -8.26 8.80
C ALA A 113 -31.13 -6.88 8.88
N LEU A 114 -30.04 -6.69 8.15
CA LEU A 114 -29.43 -5.37 8.04
C LEU A 114 -30.29 -4.45 7.19
N SER A 115 -30.27 -3.16 7.54
CA SER A 115 -30.92 -2.12 6.75
C SER A 115 -29.99 -0.92 6.60
N LEU A 116 -30.33 -0.07 5.64
CA LEU A 116 -29.66 1.22 5.51
C LEU A 116 -30.23 2.18 6.54
N ILE A 117 -29.36 2.76 7.36
CA ILE A 117 -29.74 3.74 8.35
C ILE A 117 -29.12 5.07 7.96
N TYR A 118 -29.92 6.12 7.93
CA TYR A 118 -29.45 7.39 7.40
C TYR A 118 -29.92 8.54 8.28
N ASN A 119 -29.13 9.62 8.28
CA ASN A 119 -29.43 10.82 9.03
C ASN A 119 -30.31 11.72 8.16
N LYS A 120 -31.57 11.90 8.58
CA LYS A 120 -32.52 12.65 7.76
C LYS A 120 -32.14 14.12 7.64
N ASP A 121 -31.46 14.68 8.64
CA ASP A 121 -31.11 16.10 8.59
C ASP A 121 -29.98 16.38 7.62
N LEU A 122 -28.98 15.50 7.58
CA LEU A 122 -27.91 15.59 6.61
C LEU A 122 -28.29 15.06 5.23
N LEU A 123 -29.27 14.15 5.17
CA LEU A 123 -29.56 13.42 3.93
C LEU A 123 -31.06 13.15 3.87
N PRO A 124 -31.85 14.16 3.51
CA PRO A 124 -33.30 13.95 3.46
C PRO A 124 -33.71 12.82 2.53
N ASN A 125 -32.99 12.65 1.42
CA ASN A 125 -33.34 11.66 0.41
C ASN A 125 -32.20 10.66 0.29
N PRO A 126 -32.28 9.51 0.94
CA PRO A 126 -31.16 8.58 0.93
C PRO A 126 -30.93 8.04 -0.47
N PRO A 127 -29.69 7.69 -0.81
CA PRO A 127 -29.42 7.18 -2.16
C PRO A 127 -30.07 5.82 -2.37
N LYS A 128 -30.58 5.59 -3.58
CA LYS A 128 -31.17 4.30 -3.90
C LYS A 128 -30.17 3.29 -4.44
N THR A 129 -28.99 3.73 -4.87
CA THR A 129 -28.00 2.83 -5.45
C THR A 129 -26.67 2.98 -4.73
N TRP A 130 -25.89 1.89 -4.73
CA TRP A 130 -24.52 1.98 -4.26
C TRP A 130 -23.69 2.89 -5.18
N GLU A 131 -24.00 2.88 -6.47
CA GLU A 131 -23.16 3.55 -7.46
C GLU A 131 -23.05 5.05 -7.24
N GLU A 132 -24.08 5.67 -6.66
CA GLU A 132 -24.07 7.11 -6.46
C GLU A 132 -23.47 7.52 -5.10
N ILE A 133 -22.91 6.58 -4.36
CA ILE A 133 -22.38 6.90 -3.04
C ILE A 133 -21.09 7.71 -3.16
N PRO A 134 -20.18 7.36 -4.08
CA PRO A 134 -18.98 8.20 -4.27
C PRO A 134 -19.28 9.68 -4.50
N ALA A 135 -20.18 10.03 -5.40
CA ALA A 135 -20.46 11.45 -5.62
C ALA A 135 -21.14 12.07 -4.41
N LEU A 136 -21.97 11.28 -3.71
CA LEU A 136 -22.62 11.79 -2.50
C LEU A 136 -21.60 12.09 -1.42
N ASP A 137 -20.55 11.28 -1.34
CA ASP A 137 -19.50 11.48 -0.34
C ASP A 137 -18.69 12.74 -0.62
N LYS A 138 -18.40 12.99 -1.88
CA LYS A 138 -17.63 14.17 -2.28
C LYS A 138 -18.36 15.42 -1.89
N GLU A 139 -19.64 15.46 -2.11
CA GLU A 139 -20.46 16.56 -1.71
C GLU A 139 -20.50 16.70 -0.21
N LEU A 140 -20.52 15.61 0.52
CA LEU A 140 -20.55 15.71 1.95
C LEU A 140 -19.20 16.04 2.53
N LYS A 141 -18.14 15.54 1.95
CA LYS A 141 -16.79 15.83 2.43
C LYS A 141 -16.50 17.32 2.45
N ALA A 142 -17.13 18.09 1.55
CA ALA A 142 -16.92 19.53 1.53
C ALA A 142 -17.58 20.22 2.73
N LYS A 143 -18.54 19.58 3.37
CA LYS A 143 -19.15 20.07 4.59
C LYS A 143 -18.50 19.48 5.84
N GLY A 144 -17.35 18.83 5.69
CA GLY A 144 -16.74 18.14 6.82
C GLY A 144 -17.52 16.94 7.30
N LYS A 145 -18.19 16.22 6.40
CA LYS A 145 -18.91 15.01 6.73
C LYS A 145 -18.54 13.92 5.73
N SER A 146 -19.05 12.72 5.95
CA SER A 146 -18.81 11.61 5.03
C SER A 146 -20.14 10.96 4.69
N ALA A 147 -20.15 10.17 3.61
CA ALA A 147 -21.40 9.58 3.15
C ALA A 147 -21.81 8.38 3.99
N LEU A 148 -20.91 7.42 4.17
CA LEU A 148 -21.30 6.12 4.69
C LEU A 148 -20.15 5.51 5.48
N MET A 149 -20.48 4.97 6.66
CA MET A 149 -19.51 4.25 7.47
C MET A 149 -20.18 3.04 8.09
N PHE A 150 -19.59 1.87 7.90
CA PHE A 150 -20.12 0.66 8.52
C PHE A 150 -18.97 -0.30 8.79
N ASN A 151 -19.24 -1.28 9.64
CA ASN A 151 -18.24 -2.24 10.10
C ASN A 151 -17.64 -3.04 8.95
N LEU A 152 -16.37 -2.79 8.63
CA LEU A 152 -15.67 -3.57 7.60
C LEU A 152 -14.88 -4.75 8.16
N GLN A 153 -14.95 -5.00 9.47
CA GLN A 153 -14.19 -6.10 10.05
C GLN A 153 -14.99 -7.40 10.10
N GLU A 154 -16.31 -7.32 10.02
CA GLU A 154 -17.15 -8.50 10.09
C GLU A 154 -17.85 -8.68 8.75
N PRO A 155 -17.65 -9.82 8.07
CA PRO A 155 -18.21 -9.97 6.71
C PRO A 155 -19.73 -9.95 6.65
N TYR A 156 -20.41 -10.15 7.78
CA TYR A 156 -21.87 -9.98 7.82
C TYR A 156 -22.31 -8.67 7.17
N PHE A 157 -21.57 -7.59 7.40
CA PHE A 157 -22.00 -6.27 6.99
C PHE A 157 -21.70 -6.00 5.51
N THR A 158 -20.68 -6.66 4.97
CA THR A 158 -20.35 -6.47 3.56
C THR A 158 -21.03 -7.48 2.68
N TRP A 159 -21.46 -8.61 3.24
CA TRP A 159 -22.12 -9.64 2.46
C TRP A 159 -23.32 -9.16 1.64
N PRO A 160 -24.17 -8.25 2.11
CA PRO A 160 -25.30 -7.82 1.26
C PRO A 160 -24.86 -7.30 -0.10
N LEU A 161 -23.70 -6.65 -0.15
CA LEU A 161 -23.20 -6.11 -1.41
C LEU A 161 -22.49 -7.17 -2.25
N ILE A 162 -21.77 -8.09 -1.60
CA ILE A 162 -21.14 -9.20 -2.30
C ILE A 162 -22.19 -10.09 -2.94
N ALA A 163 -23.32 -10.29 -2.27
CA ALA A 163 -24.35 -11.17 -2.81
C ALA A 163 -25.23 -10.50 -3.84
N ALA A 164 -25.22 -9.16 -3.91
CA ALA A 164 -26.19 -8.46 -4.75
C ALA A 164 -26.15 -8.94 -6.19
N ASP A 165 -24.97 -8.97 -6.80
CA ASP A 165 -24.86 -9.30 -8.22
C ASP A 165 -24.57 -10.77 -8.46
N GLY A 166 -24.66 -11.61 -7.44
CA GLY A 166 -24.60 -13.04 -7.70
C GLY A 166 -23.77 -13.88 -6.76
N GLY A 167 -22.99 -13.26 -5.88
CA GLY A 167 -22.25 -14.04 -4.91
C GLY A 167 -23.19 -14.84 -4.02
N TYR A 168 -22.73 -16.03 -3.62
CA TYR A 168 -23.51 -16.86 -2.71
C TYR A 168 -22.56 -17.68 -1.84
N ALA A 169 -23.10 -18.21 -0.74
CA ALA A 169 -22.27 -18.99 0.17
C ALA A 169 -22.19 -20.44 -0.31
N PHE A 170 -23.24 -21.23 -0.07
CA PHE A 170 -23.34 -22.60 -0.52
C PHE A 170 -24.58 -22.75 -1.41
N LYS A 171 -24.42 -23.39 -2.55
CA LYS A 171 -25.55 -23.52 -3.48
C LYS A 171 -26.58 -24.50 -2.93
N TYR A 172 -27.85 -24.12 -3.02
CA TYR A 172 -28.97 -24.96 -2.60
C TYR A 172 -29.59 -25.63 -3.81
N ALA A 173 -29.74 -26.94 -3.75
CA ALA A 173 -30.33 -27.70 -4.86
C ALA A 173 -30.89 -29.02 -4.34
N ALA A 174 -32.05 -29.40 -4.87
CA ALA A 174 -32.69 -30.66 -4.51
C ALA A 174 -32.83 -30.82 -2.99
N GLY A 175 -33.15 -29.72 -2.32
CA GLY A 175 -33.46 -29.78 -0.90
C GLY A 175 -32.28 -29.81 0.06
N LYS A 176 -31.09 -29.40 -0.39
CA LYS A 176 -29.93 -29.46 0.50
C LYS A 176 -28.85 -28.51 -0.01
N TYR A 177 -28.01 -28.06 0.92
CA TYR A 177 -26.84 -27.25 0.56
C TYR A 177 -25.68 -28.14 0.14
N ASP A 178 -25.03 -27.75 -0.94
CA ASP A 178 -23.86 -28.46 -1.47
C ASP A 178 -22.64 -27.78 -0.86
N ILE A 179 -22.03 -28.41 0.15
CA ILE A 179 -20.91 -27.79 0.84
C ILE A 179 -19.70 -27.65 -0.06
N LYS A 180 -19.72 -28.27 -1.24
CA LYS A 180 -18.63 -28.17 -2.18
C LYS A 180 -18.85 -27.12 -3.26
N ASP A 181 -20.04 -26.56 -3.36
CA ASP A 181 -20.37 -25.55 -4.37
C ASP A 181 -20.46 -24.20 -3.65
N VAL A 182 -19.34 -23.51 -3.58
CA VAL A 182 -19.24 -22.21 -2.90
C VAL A 182 -19.21 -21.13 -3.96
N GLY A 183 -19.91 -20.02 -3.71
CA GLY A 183 -20.01 -18.97 -4.70
C GLY A 183 -19.38 -17.66 -4.28
N VAL A 184 -18.28 -17.69 -3.54
CA VAL A 184 -17.63 -16.46 -3.10
C VAL A 184 -16.66 -15.93 -4.13
N ASP A 185 -16.42 -16.67 -5.21
CA ASP A 185 -15.42 -16.32 -6.21
C ASP A 185 -16.03 -16.27 -7.61
N ASN A 186 -17.33 -15.97 -7.73
CA ASN A 186 -17.89 -15.80 -9.05
C ASN A 186 -17.90 -14.32 -9.43
N ALA A 187 -18.40 -14.02 -10.63
CA ALA A 187 -18.33 -12.66 -11.13
C ALA A 187 -19.08 -11.68 -10.24
N GLY A 188 -20.25 -12.09 -9.73
CA GLY A 188 -21.02 -11.19 -8.90
C GLY A 188 -20.32 -10.86 -7.59
N ALA A 189 -19.71 -11.86 -6.96
CA ALA A 189 -18.98 -11.62 -5.72
C ALA A 189 -17.80 -10.68 -5.97
N LYS A 190 -17.04 -10.90 -7.04
CA LYS A 190 -15.92 -10.02 -7.34
C LYS A 190 -16.40 -8.59 -7.59
N ALA A 191 -17.44 -8.43 -8.40
CA ALA A 191 -17.96 -7.09 -8.68
C ALA A 191 -18.35 -6.38 -7.40
N GLY A 192 -18.99 -7.10 -6.46
CA GLY A 192 -19.38 -6.46 -5.22
C GLY A 192 -18.20 -6.03 -4.38
N LEU A 193 -17.22 -6.93 -4.21
CA LEU A 193 -16.08 -6.61 -3.36
C LEU A 193 -15.16 -5.60 -4.02
N THR A 194 -15.09 -5.60 -5.35
CA THR A 194 -14.33 -4.55 -6.04
C THR A 194 -14.92 -3.18 -5.75
N PHE A 195 -16.24 -3.06 -5.74
CA PHE A 195 -16.85 -1.75 -5.52
C PHE A 195 -16.53 -1.24 -4.12
N LEU A 196 -16.54 -2.13 -3.12
CA LEU A 196 -16.17 -1.76 -1.76
C LEU A 196 -14.70 -1.36 -1.71
N VAL A 197 -13.82 -2.16 -2.31
CA VAL A 197 -12.41 -1.81 -2.30
C VAL A 197 -12.18 -0.48 -3.01
N ASP A 198 -12.91 -0.26 -4.11
CA ASP A 198 -12.81 1.00 -4.83
C ASP A 198 -13.27 2.17 -3.97
N LEU A 199 -14.26 1.96 -3.10
CA LEU A 199 -14.68 3.01 -2.18
C LEU A 199 -13.52 3.41 -1.27
N ILE A 200 -12.74 2.43 -0.82
CA ILE A 200 -11.60 2.70 0.05
C ILE A 200 -10.49 3.35 -0.76
N LYS A 201 -10.20 2.82 -1.94
CA LYS A 201 -9.14 3.38 -2.77
C LYS A 201 -9.39 4.84 -3.09
N ASN A 202 -10.66 5.21 -3.29
CA ASN A 202 -11.01 6.59 -3.61
C ASN A 202 -11.30 7.40 -2.35
N LYS A 203 -11.01 6.86 -1.17
CA LYS A 203 -11.04 7.60 0.08
C LYS A 203 -12.46 7.95 0.51
N HIS A 204 -13.42 7.14 0.12
CA HIS A 204 -14.78 7.28 0.62
C HIS A 204 -15.03 6.43 1.86
N MET A 205 -14.16 5.47 2.15
CA MET A 205 -14.22 4.65 3.35
C MET A 205 -12.81 4.31 3.78
N ASN A 206 -12.67 3.91 5.05
CA ASN A 206 -11.39 3.52 5.64
C ASN A 206 -11.39 2.03 5.93
N ALA A 207 -10.31 1.35 5.54
CA ALA A 207 -10.27 -0.11 5.69
C ALA A 207 -10.39 -0.54 7.15
N ASP A 208 -9.96 0.29 8.08
CA ASP A 208 -9.92 -0.09 9.48
C ASP A 208 -11.22 0.20 10.23
N THR A 209 -12.25 0.67 9.53
CA THR A 209 -13.49 1.01 10.21
C THR A 209 -14.13 -0.25 10.78
N ASP A 210 -14.46 -0.21 12.07
CA ASP A 210 -15.09 -1.34 12.72
C ASP A 210 -16.44 -0.92 13.29
N TYR A 211 -17.02 -1.80 14.12
CA TYR A 211 -18.36 -1.55 14.61
C TYR A 211 -18.43 -0.28 15.45
N SER A 212 -17.55 -0.14 16.44
CA SER A 212 -17.67 1.01 17.34
C SER A 212 -17.31 2.30 16.63
N ILE A 213 -16.39 2.26 15.67
CA ILE A 213 -16.03 3.47 14.96
C ILE A 213 -17.19 3.95 14.09
N ALA A 214 -17.85 3.03 13.38
CA ALA A 214 -18.98 3.44 12.55
C ALA A 214 -20.17 3.87 13.40
N GLU A 215 -20.43 3.18 14.51
CA GLU A 215 -21.54 3.56 15.37
C GLU A 215 -21.32 4.96 15.96
N ALA A 216 -20.10 5.25 16.40
CA ALA A 216 -19.80 6.57 16.95
C ALA A 216 -19.95 7.65 15.88
N ALA A 217 -19.44 7.39 14.67
CA ALA A 217 -19.48 8.41 13.63
C ALA A 217 -20.92 8.74 13.25
N PHE A 218 -21.79 7.72 13.15
CA PHE A 218 -23.17 7.99 12.82
C PHE A 218 -23.89 8.69 13.96
N ASN A 219 -23.75 8.16 15.18
CA ASN A 219 -24.51 8.68 16.30
C ASN A 219 -24.03 10.06 16.72
N LYS A 220 -22.84 10.47 16.29
CA LYS A 220 -22.35 11.82 16.54
C LYS A 220 -22.64 12.77 15.37
N GLY A 221 -23.34 12.31 14.34
CA GLY A 221 -23.65 13.17 13.21
C GLY A 221 -22.52 13.45 12.25
N GLU A 222 -21.51 12.58 12.21
CA GLU A 222 -20.33 12.80 11.38
C GLU A 222 -20.42 12.12 10.03
N THR A 223 -21.24 11.08 9.91
CA THR A 223 -21.49 10.40 8.64
C THR A 223 -23.00 10.28 8.45
N ALA A 224 -23.42 10.38 7.18
CA ALA A 224 -24.84 10.45 6.86
C ALA A 224 -25.53 9.09 6.85
N MET A 225 -24.80 7.99 6.70
CA MET A 225 -25.42 6.68 6.63
C MET A 225 -24.57 5.65 7.34
N THR A 226 -25.23 4.60 7.82
CA THR A 226 -24.55 3.42 8.29
C THR A 226 -25.39 2.21 7.90
N ILE A 227 -24.81 1.03 8.02
CA ILE A 227 -25.52 -0.22 7.81
C ILE A 227 -25.49 -0.98 9.13
N ASN A 228 -26.66 -1.34 9.64
CA ASN A 228 -26.71 -2.03 10.93
C ASN A 228 -28.07 -2.70 11.10
N GLY A 229 -28.20 -3.44 12.21
CA GLY A 229 -29.42 -4.14 12.52
C GLY A 229 -30.21 -3.46 13.60
N PRO A 230 -31.38 -4.01 13.92
CA PRO A 230 -32.29 -3.33 14.85
C PRO A 230 -31.68 -3.06 16.22
N TRP A 231 -30.77 -3.93 16.69
CA TRP A 231 -30.16 -3.73 18.00
C TRP A 231 -29.53 -2.33 18.13
N ALA A 232 -29.12 -1.75 17.02
CA ALA A 232 -28.42 -0.47 17.02
C ALA A 232 -29.36 0.72 17.24
N TRP A 233 -30.67 0.53 17.10
CA TRP A 233 -31.58 1.67 17.08
C TRP A 233 -31.63 2.41 18.42
N SER A 234 -31.50 1.71 19.55
CA SER A 234 -31.69 2.41 20.83
C SER A 234 -30.58 3.42 21.09
N ASN A 235 -29.33 3.09 20.73
CA ASN A 235 -28.25 4.06 20.88
C ASN A 235 -28.47 5.26 19.96
N ILE A 236 -29.10 5.06 18.80
CA ILE A 236 -29.40 6.19 17.94
C ILE A 236 -30.53 7.03 18.53
N ASP A 237 -31.52 6.36 19.13
CA ASP A 237 -32.60 7.09 19.79
C ASP A 237 -32.04 8.08 20.81
N THR A 238 -31.11 7.63 21.65
CA THR A 238 -30.58 8.49 22.71
C THR A 238 -29.73 9.61 22.13
N SER A 239 -29.13 9.41 20.97
CA SER A 239 -28.36 10.45 20.32
C SER A 239 -29.27 11.54 19.78
N ALA A 240 -28.66 12.64 19.34
CA ALA A 240 -29.40 13.77 18.79
C ALA A 240 -29.76 13.58 17.32
N VAL A 241 -29.55 12.39 16.77
CA VAL A 241 -29.70 12.18 15.33
C VAL A 241 -31.14 11.79 15.02
N ASN A 242 -31.73 12.50 14.06
CA ASN A 242 -33.03 12.12 13.50
C ASN A 242 -32.76 11.16 12.34
N TYR A 243 -33.02 9.89 12.56
CA TYR A 243 -32.61 8.86 11.60
C TYR A 243 -33.82 8.16 10.99
N GLY A 244 -33.58 7.58 9.83
CA GLY A 244 -34.56 6.73 9.20
C GLY A 244 -33.95 5.38 8.91
N VAL A 245 -34.78 4.36 8.76
CA VAL A 245 -34.35 3.02 8.40
C VAL A 245 -35.03 2.66 7.09
N THR A 246 -34.25 2.21 6.10
CA THR A 246 -34.81 1.98 4.78
C THR A 246 -34.12 0.81 4.09
N VAL A 247 -34.57 0.53 2.87
CA VAL A 247 -34.01 -0.55 2.08
C VAL A 247 -32.56 -0.24 1.74
N LEU A 248 -31.72 -1.27 1.71
CA LEU A 248 -30.34 -1.10 1.30
C LEU A 248 -30.28 -0.71 -0.17
N PRO A 249 -29.23 0.01 -0.59
CA PRO A 249 -29.14 0.42 -1.99
C PRO A 249 -28.95 -0.77 -2.92
N THR A 250 -29.40 -0.62 -4.16
CA THR A 250 -29.12 -1.60 -5.19
C THR A 250 -27.67 -1.49 -5.66
N PHE A 251 -27.18 -2.59 -6.24
CA PHE A 251 -25.87 -2.61 -6.87
C PHE A 251 -26.04 -3.24 -8.23
N LYS A 252 -25.61 -2.53 -9.27
CA LYS A 252 -25.79 -2.98 -10.65
C LYS A 252 -27.25 -3.29 -10.94
N GLY A 253 -28.15 -2.48 -10.36
CA GLY A 253 -29.57 -2.64 -10.55
C GLY A 253 -30.21 -3.74 -9.74
N GLN A 254 -29.47 -4.42 -8.88
CA GLN A 254 -30.06 -5.52 -8.14
C GLN A 254 -30.10 -5.23 -6.64
N PRO A 255 -31.07 -5.77 -5.92
CA PRO A 255 -31.13 -5.51 -4.47
C PRO A 255 -29.91 -6.08 -3.75
N SER A 256 -29.43 -5.33 -2.76
CA SER A 256 -28.52 -5.93 -1.79
C SER A 256 -29.25 -7.06 -1.09
N LYS A 257 -28.52 -8.13 -0.76
CA LYS A 257 -29.14 -9.37 -0.28
C LYS A 257 -28.51 -9.77 1.05
N PRO A 258 -28.99 -9.20 2.15
CA PRO A 258 -28.39 -9.52 3.44
C PRO A 258 -28.68 -10.96 3.84
N PHE A 259 -27.70 -11.56 4.51
CA PHE A 259 -27.92 -12.87 5.12
C PHE A 259 -28.77 -12.64 6.36
N VAL A 260 -29.91 -13.32 6.43
CA VAL A 260 -30.88 -13.11 7.48
C VAL A 260 -30.61 -14.09 8.62
N GLY A 261 -30.48 -13.58 9.83
CA GLY A 261 -30.24 -14.39 11.00
C GLY A 261 -31.49 -14.49 11.86
N VAL A 262 -31.64 -15.62 12.54
CA VAL A 262 -32.69 -15.81 13.53
C VAL A 262 -31.97 -15.96 14.87
N LEU A 263 -32.00 -14.91 15.70
CA LEU A 263 -31.51 -15.04 17.06
C LEU A 263 -32.24 -16.19 17.73
N SER A 264 -31.46 -17.13 18.27
CA SER A 264 -32.01 -18.36 18.83
C SER A 264 -31.31 -18.68 20.14
N ALA A 265 -31.99 -19.45 20.98
CA ALA A 265 -31.49 -19.83 22.31
C ALA A 265 -31.39 -21.34 22.36
N GLY A 266 -30.17 -21.84 22.47
CA GLY A 266 -29.91 -23.26 22.62
C GLY A 266 -29.65 -23.62 24.07
N ILE A 267 -29.97 -24.85 24.42
CA ILE A 267 -29.74 -25.37 25.76
C ILE A 267 -28.52 -26.27 25.73
N ASN A 268 -27.55 -25.98 26.59
CA ASN A 268 -26.35 -26.80 26.72
C ASN A 268 -26.73 -28.25 27.02
N ALA A 269 -26.22 -29.18 26.21
CA ALA A 269 -26.48 -30.59 26.47
C ALA A 269 -26.00 -31.01 27.85
N ALA A 270 -25.00 -30.32 28.39
CA ALA A 270 -24.45 -30.65 29.69
C ALA A 270 -25.21 -29.99 30.85
N SER A 271 -26.21 -29.18 30.56
CA SER A 271 -26.94 -28.52 31.64
C SER A 271 -27.71 -29.54 32.47
N PRO A 272 -27.65 -29.47 33.80
CA PRO A 272 -28.62 -30.19 34.64
C PRO A 272 -29.89 -29.41 34.91
N ASN A 273 -30.11 -28.32 34.15
CA ASN A 273 -31.27 -27.45 34.34
C ASN A 273 -32.12 -27.42 33.08
N LYS A 274 -32.13 -28.53 32.34
CA LYS A 274 -32.78 -28.51 31.03
C LYS A 274 -34.24 -28.14 31.15
N GLU A 275 -34.92 -28.65 32.18
CA GLU A 275 -36.36 -28.36 32.32
C GLU A 275 -36.58 -26.93 32.79
N LEU A 276 -35.70 -26.41 33.65
CA LEU A 276 -35.80 -25.01 34.05
C LEU A 276 -35.53 -24.10 32.88
N ALA A 277 -34.58 -24.46 32.03
CA ALA A 277 -34.26 -23.66 30.85
C ALA A 277 -35.45 -23.62 29.90
N LYS A 278 -36.11 -24.76 29.71
CA LYS A 278 -37.29 -24.80 28.87
C LYS A 278 -38.41 -23.94 29.46
N GLU A 279 -38.63 -24.03 30.77
CA GLU A 279 -39.63 -23.19 31.41
C GLU A 279 -39.31 -21.70 31.24
N PHE A 280 -38.05 -21.34 31.45
CA PHE A 280 -37.67 -19.92 31.32
C PHE A 280 -37.90 -19.44 29.89
N LEU A 281 -37.49 -20.23 28.91
CA LEU A 281 -37.56 -19.77 27.52
C LEU A 281 -39.01 -19.75 27.03
N GLU A 282 -39.75 -20.83 27.29
CA GLU A 282 -41.10 -20.94 26.76
C GLU A 282 -42.09 -20.05 27.49
N ASN A 283 -42.01 -20.00 28.82
CA ASN A 283 -43.05 -19.38 29.63
C ASN A 283 -42.68 -18.01 30.19
N TYR A 284 -41.42 -17.59 30.08
CA TYR A 284 -41.03 -16.26 30.51
C TYR A 284 -40.48 -15.40 29.37
N LEU A 285 -39.50 -15.91 28.62
CA LEU A 285 -38.93 -15.10 27.54
C LEU A 285 -39.87 -14.99 26.36
N LEU A 286 -40.30 -16.13 25.82
CA LEU A 286 -41.12 -16.13 24.61
C LEU A 286 -42.58 -15.86 24.96
N THR A 287 -42.78 -14.72 25.63
CA THR A 287 -44.09 -14.16 25.92
C THR A 287 -44.08 -12.70 25.52
N ASP A 288 -45.28 -12.12 25.37
CA ASP A 288 -45.39 -10.69 25.08
C ASP A 288 -44.57 -9.88 26.05
N GLU A 289 -44.79 -10.07 27.35
CA GLU A 289 -44.11 -9.26 28.36
C GLU A 289 -42.63 -9.60 28.40
N GLY A 290 -42.24 -10.83 28.15
CA GLY A 290 -40.85 -11.20 28.10
C GLY A 290 -40.08 -10.53 26.98
N LEU A 291 -40.53 -10.70 25.73
CA LEU A 291 -39.84 -10.08 24.61
C LEU A 291 -39.88 -8.56 24.69
N GLU A 292 -40.95 -8.00 25.26
CA GLU A 292 -41.02 -6.56 25.42
C GLU A 292 -39.91 -6.04 26.33
N ALA A 293 -39.61 -6.76 27.42
CA ALA A 293 -38.55 -6.28 28.31
C ALA A 293 -37.20 -6.29 27.60
N VAL A 294 -36.90 -7.34 26.84
CA VAL A 294 -35.66 -7.38 26.08
C VAL A 294 -35.70 -6.36 24.95
N ASN A 295 -36.85 -6.23 24.28
CA ASN A 295 -36.94 -5.34 23.13
C ASN A 295 -36.81 -3.88 23.55
N LYS A 296 -37.34 -3.52 24.72
CA LYS A 296 -37.21 -2.16 25.22
C LYS A 296 -35.75 -1.81 25.46
N ASP A 297 -34.92 -2.80 25.77
CA ASP A 297 -33.50 -2.58 26.01
C ASP A 297 -32.76 -2.34 24.71
N LYS A 298 -32.74 -3.33 23.82
CA LYS A 298 -32.23 -3.17 22.45
C LYS A 298 -33.20 -3.89 21.53
N PRO A 299 -33.71 -3.23 20.49
CA PRO A 299 -34.72 -3.86 19.63
C PRO A 299 -34.25 -5.20 19.10
N LEU A 300 -35.16 -6.19 19.14
CA LEU A 300 -34.85 -7.54 18.69
C LEU A 300 -34.95 -7.70 17.18
N GLY A 301 -35.65 -6.79 16.52
CA GLY A 301 -36.09 -7.03 15.16
C GLY A 301 -37.48 -7.62 15.14
N ALA A 302 -37.76 -8.51 14.18
CA ALA A 302 -39.07 -9.11 14.01
C ALA A 302 -39.12 -10.40 14.83
N VAL A 303 -39.80 -10.37 15.97
CA VAL A 303 -39.74 -11.50 16.89
C VAL A 303 -40.48 -12.70 16.31
N ALA A 304 -40.05 -13.90 16.73
CA ALA A 304 -40.65 -15.13 16.26
C ALA A 304 -42.05 -15.36 16.82
N LEU A 305 -42.38 -14.69 17.93
CA LEU A 305 -43.66 -14.88 18.60
C LEU A 305 -44.73 -14.08 17.87
N LYS A 306 -45.74 -14.79 17.33
CA LYS A 306 -46.74 -14.14 16.49
C LYS A 306 -47.49 -13.04 17.24
N SER A 307 -47.87 -13.30 18.50
CA SER A 307 -48.71 -12.33 19.20
C SER A 307 -47.99 -10.99 19.39
N TYR A 308 -46.69 -11.02 19.70
CA TYR A 308 -45.97 -9.76 19.86
C TYR A 308 -45.52 -9.18 18.53
N GLU A 309 -45.18 -10.01 17.55
CA GLU A 309 -44.79 -9.46 16.25
C GLU A 309 -45.95 -8.69 15.61
N GLU A 310 -47.18 -9.02 15.96
CA GLU A 310 -48.31 -8.25 15.46
C GLU A 310 -48.25 -6.81 15.96
N GLU A 311 -47.64 -6.59 17.13
CA GLU A 311 -47.42 -5.23 17.63
C GLU A 311 -46.19 -4.60 16.98
N LEU A 312 -45.06 -5.32 16.96
CA LEU A 312 -43.82 -4.74 16.44
C LEU A 312 -43.89 -4.47 14.95
N ALA A 313 -44.61 -5.30 14.20
CA ALA A 313 -44.75 -5.07 12.76
C ALA A 313 -45.36 -3.71 12.46
N LYS A 314 -46.10 -3.11 13.39
CA LYS A 314 -46.65 -1.78 13.17
C LYS A 314 -45.56 -0.72 12.98
N ASP A 315 -44.32 -1.03 13.33
CA ASP A 315 -43.24 -0.04 13.38
C ASP A 315 -42.61 0.11 12.00
N PRO A 316 -42.53 1.33 11.45
CA PRO A 316 -41.94 1.47 10.11
C PRO A 316 -40.51 0.94 10.03
N ARG A 317 -39.77 0.94 11.14
CA ARG A 317 -38.41 0.41 11.09
C ARG A 317 -38.43 -1.11 10.95
N ILE A 318 -39.39 -1.79 11.58
CA ILE A 318 -39.50 -3.23 11.38
C ILE A 318 -39.94 -3.55 9.95
N ALA A 319 -40.87 -2.77 9.40
CA ALA A 319 -41.28 -2.96 8.02
C ALA A 319 -40.10 -2.87 7.06
N ALA A 320 -39.21 -1.90 7.29
CA ALA A 320 -37.99 -1.80 6.48
C ALA A 320 -37.05 -2.98 6.71
N THR A 321 -36.90 -3.41 7.97
CA THR A 321 -36.09 -4.58 8.27
C THR A 321 -36.56 -5.77 7.44
N MET A 322 -37.86 -6.01 7.41
CA MET A 322 -38.37 -7.18 6.72
C MET A 322 -38.45 -6.98 5.21
N GLU A 323 -38.49 -5.74 4.73
CA GLU A 323 -38.29 -5.53 3.30
C GLU A 323 -36.90 -5.98 2.88
N ASN A 324 -35.87 -5.64 3.67
CA ASN A 324 -34.52 -6.11 3.39
C ASN A 324 -34.41 -7.62 3.57
N ALA A 325 -35.06 -8.16 4.60
CA ALA A 325 -35.01 -9.60 4.83
C ALA A 325 -35.63 -10.37 3.66
N GLN A 326 -36.76 -9.90 3.13
CA GLN A 326 -37.35 -10.57 1.96
C GLN A 326 -36.40 -10.57 0.78
N LYS A 327 -35.57 -9.54 0.64
CA LYS A 327 -34.64 -9.49 -0.49
C LYS A 327 -33.43 -10.39 -0.25
N GLY A 328 -33.09 -10.65 0.99
CA GLY A 328 -32.00 -11.54 1.33
C GLY A 328 -32.42 -12.99 1.42
N GLU A 329 -31.68 -13.76 2.20
CA GLU A 329 -31.91 -15.19 2.36
C GLU A 329 -31.61 -15.58 3.80
N ILE A 330 -32.37 -16.55 4.32
CA ILE A 330 -32.05 -17.09 5.64
C ILE A 330 -30.72 -17.83 5.55
N MET A 331 -29.86 -17.62 6.54
CA MET A 331 -28.57 -18.30 6.52
C MET A 331 -28.76 -19.80 6.66
N PRO A 332 -27.92 -20.61 6.02
CA PRO A 332 -27.85 -22.02 6.39
C PRO A 332 -27.42 -22.13 7.85
N ASN A 333 -27.77 -23.26 8.47
CA ASN A 333 -27.29 -23.56 9.81
C ASN A 333 -26.27 -24.69 9.80
N ILE A 334 -25.77 -25.07 8.64
CA ILE A 334 -24.93 -26.25 8.50
C ILE A 334 -23.56 -26.02 9.16
N PRO A 335 -22.87 -27.09 9.59
CA PRO A 335 -21.60 -26.89 10.31
C PRO A 335 -20.57 -26.10 9.51
N GLN A 336 -20.62 -26.17 8.19
CA GLN A 336 -19.65 -25.50 7.35
C GLN A 336 -19.74 -23.97 7.43
N MET A 337 -20.78 -23.45 8.09
CA MET A 337 -21.01 -22.01 8.06
C MET A 337 -19.87 -21.25 8.73
N SER A 338 -19.30 -21.79 9.81
CA SER A 338 -18.22 -21.06 10.47
C SER A 338 -16.99 -20.97 9.57
N ALA A 339 -16.68 -22.03 8.83
CA ALA A 339 -15.57 -21.98 7.89
C ALA A 339 -15.84 -20.99 6.77
N PHE A 340 -17.08 -20.90 6.30
CA PHE A 340 -17.43 -19.91 5.30
C PHE A 340 -17.22 -18.49 5.83
N TRP A 341 -17.66 -18.23 7.07
CA TRP A 341 -17.54 -16.88 7.61
C TRP A 341 -16.08 -16.49 7.84
N TYR A 342 -15.26 -17.40 8.36
CA TYR A 342 -13.84 -17.09 8.53
C TYR A 342 -13.18 -16.77 7.19
N ALA A 343 -13.47 -17.58 6.17
CA ALA A 343 -12.90 -17.36 4.85
C ALA A 343 -13.26 -15.98 4.31
N VAL A 344 -14.54 -15.63 4.35
CA VAL A 344 -14.96 -14.34 3.80
C VAL A 344 -14.44 -13.18 4.65
N ARG A 345 -14.37 -13.36 5.98
CA ARG A 345 -13.80 -12.30 6.81
C ARG A 345 -12.38 -11.99 6.36
N THR A 346 -11.55 -13.03 6.24
CA THR A 346 -10.19 -12.86 5.78
C THR A 346 -10.15 -12.18 4.42
N ALA A 347 -11.02 -12.59 3.49
CA ALA A 347 -10.99 -12.01 2.15
C ALA A 347 -11.33 -10.52 2.18
N VAL A 348 -12.38 -10.14 2.92
CA VAL A 348 -12.77 -8.73 2.94
C VAL A 348 -11.67 -7.89 3.58
N ILE A 349 -11.13 -8.34 4.70
CA ILE A 349 -10.11 -7.56 5.38
C ILE A 349 -8.84 -7.45 4.54
N ASN A 350 -8.48 -8.52 3.81
CA ASN A 350 -7.22 -8.49 3.06
C ASN A 350 -7.35 -7.65 1.79
N ALA A 351 -8.53 -7.64 1.17
CA ALA A 351 -8.73 -6.79 0.01
C ALA A 351 -8.91 -5.33 0.40
N ALA A 352 -9.62 -5.05 1.48
CA ALA A 352 -9.79 -3.67 1.92
C ALA A 352 -8.45 -3.04 2.26
N SER A 353 -7.55 -3.81 2.88
CA SER A 353 -6.24 -3.31 3.28
C SER A 353 -5.25 -3.25 2.12
N GLY A 354 -5.55 -3.89 0.99
CA GLY A 354 -4.59 -3.97 -0.10
C GLY A 354 -3.57 -5.08 0.04
N ARG A 355 -3.65 -5.90 1.09
CA ARG A 355 -2.71 -7.00 1.23
C ARG A 355 -2.90 -8.04 0.14
N GLN A 356 -4.12 -8.21 -0.36
CA GLN A 356 -4.41 -9.11 -1.47
C GLN A 356 -5.29 -8.38 -2.47
N THR A 357 -5.15 -8.73 -3.74
CA THR A 357 -6.12 -8.28 -4.73
C THR A 357 -7.49 -8.92 -4.45
N VAL A 358 -8.53 -8.33 -5.04
CA VAL A 358 -9.88 -8.87 -4.85
C VAL A 358 -9.95 -10.30 -5.37
N ASP A 359 -9.42 -10.53 -6.58
CA ASP A 359 -9.41 -11.88 -7.13
C ASP A 359 -8.62 -12.85 -6.26
N ALA A 360 -7.45 -12.42 -5.78
CA ALA A 360 -6.63 -13.29 -4.94
C ALA A 360 -7.34 -13.62 -3.64
N ALA A 361 -7.90 -12.59 -2.99
CA ALA A 361 -8.58 -12.79 -1.71
C ALA A 361 -9.78 -13.73 -1.87
N LEU A 362 -10.59 -13.52 -2.91
CA LEU A 362 -11.77 -14.35 -3.10
C LEU A 362 -11.43 -15.74 -3.59
N ALA A 363 -10.37 -15.88 -4.39
CA ALA A 363 -9.92 -17.20 -4.80
C ALA A 363 -9.55 -18.05 -3.59
N ALA A 364 -8.80 -17.47 -2.65
CA ALA A 364 -8.45 -18.21 -1.44
C ALA A 364 -9.69 -18.48 -0.59
N ALA A 365 -10.60 -17.50 -0.50
CA ALA A 365 -11.82 -17.67 0.28
C ALA A 365 -12.64 -18.83 -0.24
N GLN A 366 -12.75 -18.98 -1.57
CA GLN A 366 -13.52 -20.09 -2.11
C GLN A 366 -12.93 -21.42 -1.67
N THR A 367 -11.61 -21.54 -1.74
CA THR A 367 -10.93 -22.77 -1.34
C THR A 367 -11.05 -23.01 0.17
N ASN A 368 -10.90 -21.96 0.97
CA ASN A 368 -10.99 -22.12 2.42
C ASN A 368 -12.42 -22.46 2.85
N ALA A 369 -13.41 -21.83 2.24
CA ALA A 369 -14.79 -22.09 2.63
C ALA A 369 -15.22 -23.51 2.30
N ALA A 370 -14.68 -24.08 1.23
CA ALA A 370 -15.03 -25.45 0.84
C ALA A 370 -14.18 -26.51 1.53
N ARG A 371 -13.12 -26.11 2.24
CA ARG A 371 -12.16 -27.07 2.76
C ARG A 371 -12.79 -27.92 3.87
N ARG A 372 -12.69 -29.22 3.74
CA ARG A 372 -13.22 -30.14 4.72
C ARG A 372 -12.30 -30.19 5.94
N LYS A 373 -12.85 -29.93 7.12
CA LYS A 373 -12.06 -30.01 8.33
C LYS A 373 -11.67 -31.46 8.59
N PRO A 374 -10.38 -31.76 8.73
CA PRO A 374 -9.98 -33.13 9.05
C PRO A 374 -10.56 -33.55 10.39
N SER A 375 -11.01 -34.79 10.47
CA SER A 375 -11.57 -35.33 11.70
C SER A 375 -10.50 -35.47 12.77
N TRP A 376 -10.95 -35.62 14.02
CA TRP A 376 -10.02 -35.91 15.10
C TRP A 376 -9.16 -37.12 14.76
N ARG A 377 -9.79 -38.18 14.22
CA ARG A 377 -9.05 -39.42 13.96
C ARG A 377 -8.05 -39.23 12.83
N GLU A 378 -8.38 -38.43 11.83
CA GLU A 378 -7.44 -38.17 10.75
C GLU A 378 -6.20 -37.46 11.29
N ARG A 379 -6.40 -36.44 12.13
CA ARG A 379 -5.26 -35.77 12.77
C ARG A 379 -4.46 -36.76 13.62
N GLU A 380 -5.15 -37.62 14.37
CA GLU A 380 -4.45 -38.54 15.26
C GLU A 380 -3.65 -39.58 14.47
N ASN A 381 -4.24 -40.14 13.40
CA ASN A 381 -3.49 -41.00 12.49
C ASN A 381 -2.20 -40.34 12.01
N ASN A 382 -2.29 -39.08 11.59
CA ASN A 382 -1.13 -38.38 11.05
C ASN A 382 -0.11 -38.16 12.15
N ARG A 383 -0.57 -37.78 13.35
CA ARG A 383 0.33 -37.59 14.48
C ARG A 383 1.10 -38.88 14.77
N ARG A 384 0.39 -40.01 14.81
CA ARG A 384 1.03 -41.27 15.17
C ARG A 384 2.00 -41.74 14.10
N ARG A 385 1.68 -41.51 12.82
CA ARG A 385 2.58 -41.92 11.75
C ARG A 385 3.94 -41.24 11.87
N GLU A 386 3.96 -39.94 12.16
CA GLU A 386 5.25 -39.26 12.32
C GLU A 386 5.94 -39.66 13.61
N ARG A 387 5.18 -39.86 14.68
CA ARG A 387 5.77 -40.39 15.92
C ARG A 387 6.50 -41.69 15.62
N ARG A 388 5.85 -42.59 14.87
CA ARG A 388 6.46 -43.87 14.55
C ARG A 388 7.64 -43.70 13.60
N ARG A 389 7.54 -42.78 12.64
CA ARG A 389 8.67 -42.57 11.74
C ARG A 389 9.90 -42.12 12.51
N ARG A 390 9.71 -41.21 13.48
CA ARG A 390 10.83 -40.74 14.28
C ARG A 390 11.37 -41.84 15.18
N ALA A 391 10.48 -42.68 15.72
CA ALA A 391 10.87 -43.71 16.67
C ALA A 391 11.69 -44.81 16.00
N VAL A 392 11.39 -45.11 14.73
CA VAL A 392 12.17 -46.09 13.99
C VAL A 392 13.57 -45.54 13.70
N ALA A 393 13.64 -44.28 13.25
CA ALA A 393 14.96 -43.69 12.99
C ALA A 393 15.76 -43.59 14.28
N ALA A 394 15.11 -43.22 15.39
CA ALA A 394 15.83 -43.05 16.64
C ALA A 394 16.41 -44.37 17.11
N LYS A 395 15.66 -45.46 16.95
CA LYS A 395 16.16 -46.78 17.32
C LYS A 395 17.35 -47.18 16.47
N ILE A 396 17.32 -46.86 15.18
CA ILE A 396 18.44 -47.20 14.29
C ILE A 396 19.70 -46.47 14.75
N TYR A 397 19.58 -45.17 15.01
CA TYR A 397 20.75 -44.39 15.41
C TYR A 397 21.23 -44.78 16.80
N THR A 398 20.32 -45.09 17.71
CA THR A 398 20.73 -45.63 19.01
C THR A 398 21.64 -46.83 18.82
N GLY A 399 21.22 -47.79 18.00
CA GLY A 399 22.02 -48.99 17.80
C GLY A 399 23.31 -48.73 17.05
N LEU A 400 23.31 -47.75 16.14
CA LEU A 400 24.55 -47.39 15.46
C LEU A 400 25.54 -46.73 16.42
N ARG A 401 25.05 -45.89 17.33
CA ARG A 401 25.95 -45.26 18.30
C ARG A 401 26.48 -46.28 19.30
N ALA A 402 25.65 -47.25 19.70
CA ALA A 402 26.04 -48.16 20.77
C ALA A 402 26.93 -49.30 20.26
N GLN A 403 26.79 -49.70 19.01
CA GLN A 403 27.56 -50.82 18.50
C GLN A 403 28.46 -50.48 17.32
N GLY A 404 28.40 -49.24 16.82
CA GLY A 404 29.13 -48.92 15.60
C GLY A 404 30.63 -48.83 15.81
N ASP A 405 31.07 -48.29 16.94
CA ASP A 405 32.48 -47.99 17.18
C ASP A 405 33.01 -47.13 16.04
N TYR A 406 32.34 -46.01 15.80
CA TYR A 406 32.53 -45.21 14.61
C TYR A 406 33.60 -44.13 14.76
N ASN A 407 34.30 -44.06 15.88
CA ASN A 407 35.24 -42.97 16.13
C ASN A 407 34.53 -41.63 15.91
N LEU A 408 33.51 -41.42 16.69
CA LEU A 408 32.74 -40.20 16.70
C LEU A 408 33.20 -39.31 17.85
N PRO A 409 32.89 -38.01 17.79
CA PRO A 409 33.19 -37.12 18.92
C PRO A 409 32.24 -37.39 20.09
N LYS A 410 32.60 -36.83 21.24
CA LYS A 410 31.78 -37.01 22.45
C LYS A 410 30.34 -36.57 22.22
N HIS A 411 30.14 -35.43 21.57
CA HIS A 411 28.81 -34.93 21.23
C HIS A 411 28.75 -34.72 19.72
N CYS A 412 27.72 -35.30 19.09
CA CYS A 412 27.49 -35.11 17.66
C CYS A 412 26.03 -35.39 17.37
N ASP A 413 25.58 -34.96 16.20
CA ASP A 413 24.19 -35.19 15.82
C ASP A 413 24.08 -36.46 14.99
N ASN A 414 22.84 -36.84 14.67
CA ASN A 414 22.61 -38.08 13.95
C ASN A 414 23.10 -38.01 12.51
N ASN A 415 23.16 -36.81 11.91
CA ASN A 415 23.77 -36.67 10.59
C ASN A 415 25.20 -37.20 10.59
N GLU A 416 25.92 -36.99 11.68
CA GLU A 416 27.30 -37.46 11.75
C GLU A 416 27.36 -38.97 11.89
N VAL A 417 26.41 -39.56 12.62
CA VAL A 417 26.33 -41.01 12.65
C VAL A 417 25.99 -41.55 11.26
N LEU A 418 25.04 -40.91 10.58
CA LEU A 418 24.70 -41.31 9.21
C LEU A 418 25.91 -41.24 8.29
N LYS A 419 26.72 -40.19 8.42
CA LYS A 419 27.92 -40.07 7.60
C LYS A 419 28.88 -41.22 7.86
N ALA A 420 29.16 -41.51 9.13
CA ALA A 420 30.05 -42.63 9.46
C ALA A 420 29.50 -43.94 8.89
N LEU A 421 28.18 -44.11 8.93
CA LEU A 421 27.58 -45.30 8.34
C LEU A 421 27.85 -45.35 6.84
N CYS A 422 27.65 -44.23 6.15
CA CYS A 422 27.87 -44.20 4.70
C CYS A 422 29.28 -44.64 4.36
N VAL A 423 30.28 -44.03 5.00
CA VAL A 423 31.67 -44.40 4.68
C VAL A 423 31.92 -45.86 4.99
N GLU A 424 31.34 -46.37 6.09
CA GLU A 424 31.48 -47.79 6.38
C GLU A 424 30.96 -48.64 5.23
N ALA A 425 29.86 -48.22 4.61
CA ALA A 425 29.28 -48.90 3.47
C ALA A 425 29.97 -48.56 2.15
N GLY A 426 31.05 -47.79 2.20
CA GLY A 426 31.81 -47.48 1.01
C GLY A 426 31.41 -46.21 0.30
N TRP A 427 30.74 -45.28 0.97
CA TRP A 427 30.35 -44.01 0.37
C TRP A 427 31.27 -42.90 0.85
N VAL A 428 31.26 -41.80 0.11
CA VAL A 428 31.88 -40.55 0.55
C VAL A 428 30.78 -39.50 0.64
N VAL A 429 30.83 -38.69 1.70
CA VAL A 429 29.81 -37.68 1.97
C VAL A 429 30.53 -36.36 2.22
N GLU A 430 30.24 -35.37 1.38
CA GLU A 430 30.83 -34.05 1.54
C GLU A 430 30.18 -33.33 2.72
N GLU A 431 30.71 -32.14 3.03
CA GLU A 431 30.21 -31.39 4.17
C GLU A 431 28.71 -31.10 4.04
N ASP A 432 28.25 -30.73 2.85
CA ASP A 432 26.85 -30.36 2.68
C ASP A 432 25.95 -31.58 2.45
N GLY A 433 26.49 -32.79 2.52
CA GLY A 433 25.71 -34.00 2.38
C GLY A 433 25.74 -34.62 0.99
N THR A 434 26.38 -33.96 0.03
CA THR A 434 26.57 -34.56 -1.29
C THR A 434 27.23 -35.93 -1.14
N THR A 435 26.55 -36.97 -1.63
CA THR A 435 26.94 -38.35 -1.37
C THR A 435 27.11 -39.11 -2.67
N TYR A 436 28.22 -39.85 -2.79
CA TYR A 436 28.49 -40.67 -3.96
C TYR A 436 29.39 -41.83 -3.55
N ARG A 437 29.54 -42.79 -4.46
CA ARG A 437 30.39 -43.95 -4.22
C ARG A 437 31.81 -43.71 -4.70
N MET B 1 -3.84 0.27 10.03
CA MET B 1 -4.04 1.70 9.80
C MET B 1 -2.68 2.42 9.76
N LYS B 2 -2.60 3.52 9.02
CA LYS B 2 -1.38 4.29 8.93
C LYS B 2 -1.65 5.75 9.25
N ILE B 3 -0.71 6.37 9.96
CA ILE B 3 -0.78 7.81 10.21
C ILE B 3 -0.56 8.56 8.91
N GLU B 4 -1.18 9.73 8.80
CA GLU B 4 -1.03 10.55 7.60
C GLU B 4 -1.10 12.03 7.97
N GLU B 5 -0.35 12.84 7.24
CA GLU B 5 -0.18 14.24 7.57
C GLU B 5 -1.52 14.96 7.67
N GLY B 6 -1.65 15.82 8.69
CA GLY B 6 -2.80 16.69 8.82
C GLY B 6 -3.97 16.11 9.57
N LYS B 7 -3.88 14.85 9.99
CA LYS B 7 -4.93 14.16 10.74
C LYS B 7 -4.31 13.58 11.99
N LEU B 8 -5.07 13.54 13.08
CA LEU B 8 -4.64 12.93 14.33
C LEU B 8 -5.57 11.77 14.67
N VAL B 9 -4.99 10.60 14.94
CA VAL B 9 -5.72 9.43 15.38
C VAL B 9 -5.16 9.01 16.74
N ILE B 10 -6.06 8.80 17.71
CA ILE B 10 -5.68 8.49 19.07
C ILE B 10 -6.30 7.16 19.48
N TRP B 11 -5.54 6.36 20.22
CA TRP B 11 -6.01 5.11 20.79
C TRP B 11 -6.05 5.26 22.31
N ILE B 12 -7.18 4.92 22.92
CA ILE B 12 -7.31 4.96 24.37
C ILE B 12 -8.18 3.78 24.81
N ASN B 13 -7.95 3.31 26.03
CA ASN B 13 -8.68 2.11 26.45
C ASN B 13 -10.16 2.43 26.64
N GLY B 14 -11.00 1.41 26.44
CA GLY B 14 -12.44 1.57 26.45
C GLY B 14 -13.04 1.85 27.81
N ASP B 15 -12.28 1.79 28.89
CA ASP B 15 -12.83 2.16 30.19
C ASP B 15 -12.54 3.61 30.55
N LYS B 16 -11.87 4.37 29.68
CA LYS B 16 -11.54 5.77 29.92
C LYS B 16 -12.55 6.69 29.23
N GLY B 17 -12.44 7.98 29.51
CA GLY B 17 -13.37 8.95 28.97
C GLY B 17 -13.11 9.34 27.52
N TYR B 18 -13.27 8.38 26.61
CA TYR B 18 -12.93 8.64 25.21
C TYR B 18 -13.91 9.59 24.53
N ASN B 19 -15.16 9.67 25.01
CA ASN B 19 -16.06 10.68 24.45
C ASN B 19 -15.65 12.08 24.88
N GLY B 20 -15.28 12.25 26.15
CA GLY B 20 -14.74 13.54 26.58
C GLY B 20 -13.46 13.90 25.84
N LEU B 21 -12.57 12.93 25.63
CA LEU B 21 -11.36 13.20 24.86
C LEU B 21 -11.69 13.58 23.43
N ALA B 22 -12.68 12.94 22.81
CA ALA B 22 -13.09 13.37 21.47
C ALA B 22 -13.61 14.80 21.50
N GLU B 23 -14.21 15.23 22.62
CA GLU B 23 -14.62 16.63 22.72
C GLU B 23 -13.40 17.55 22.62
N VAL B 24 -12.30 17.20 23.28
CA VAL B 24 -11.09 18.01 23.15
C VAL B 24 -10.57 17.98 21.73
N GLY B 25 -10.64 16.82 21.07
CA GLY B 25 -10.22 16.74 19.68
C GLY B 25 -11.05 17.60 18.76
N LYS B 26 -12.34 17.77 19.07
CA LYS B 26 -13.21 18.59 18.23
C LYS B 26 -12.90 20.07 18.41
N LYS B 27 -12.52 20.50 19.62
CA LYS B 27 -12.03 21.86 19.79
C LYS B 27 -10.71 22.06 19.05
N PHE B 28 -9.80 21.10 19.13
CA PHE B 28 -8.57 21.18 18.37
C PHE B 28 -8.85 21.41 16.90
N GLU B 29 -9.79 20.63 16.35
CA GLU B 29 -10.15 20.78 14.94
C GLU B 29 -10.65 22.19 14.64
N LYS B 30 -11.55 22.70 15.47
CA LYS B 30 -12.09 24.04 15.26
C LYS B 30 -10.98 25.10 15.23
N ASP B 31 -10.00 24.98 16.12
CA ASP B 31 -8.99 26.02 16.23
C ASP B 31 -7.90 25.91 15.17
N THR B 32 -7.55 24.69 14.76
CA THR B 32 -6.41 24.47 13.86
C THR B 32 -6.79 23.85 12.52
N GLY B 33 -8.01 23.35 12.37
CA GLY B 33 -8.40 22.64 11.17
C GLY B 33 -7.98 21.18 11.11
N ILE B 34 -7.28 20.68 12.11
CA ILE B 34 -6.77 19.32 12.12
C ILE B 34 -7.83 18.39 12.69
N LYS B 35 -8.27 17.42 11.90
CA LYS B 35 -9.24 16.45 12.36
C LYS B 35 -8.61 15.50 13.37
N VAL B 36 -9.37 15.16 14.41
CA VAL B 36 -8.90 14.26 15.46
C VAL B 36 -9.93 13.16 15.65
N THR B 37 -9.49 11.91 15.53
CA THR B 37 -10.35 10.74 15.71
C THR B 37 -9.85 9.97 16.92
N VAL B 38 -10.73 9.75 17.90
CA VAL B 38 -10.43 8.94 19.08
C VAL B 38 -11.06 7.56 18.90
N GLU B 39 -10.26 6.52 19.12
CA GLU B 39 -10.69 5.13 18.97
C GLU B 39 -10.30 4.38 20.24
N HIS B 40 -11.09 3.36 20.59
CA HIS B 40 -10.85 2.55 21.79
C HIS B 40 -10.85 1.08 21.42
N PRO B 41 -9.90 0.64 20.59
CA PRO B 41 -9.89 -0.75 20.15
C PRO B 41 -9.51 -1.68 21.30
N ASP B 42 -9.92 -2.94 21.16
CA ASP B 42 -9.63 -3.94 22.17
C ASP B 42 -8.16 -4.34 22.14
N LYS B 43 -7.61 -4.65 23.31
CA LYS B 43 -6.23 -5.10 23.45
C LYS B 43 -5.27 -4.13 22.77
N LEU B 44 -5.53 -2.83 22.91
CA LEU B 44 -4.70 -1.87 22.19
C LEU B 44 -3.25 -1.93 22.65
N GLU B 45 -3.02 -2.27 23.92
CA GLU B 45 -1.65 -2.31 24.45
C GLU B 45 -0.84 -3.46 23.86
N GLU B 46 -1.51 -4.49 23.31
CA GLU B 46 -0.84 -5.54 22.56
C GLU B 46 -0.80 -5.26 21.07
N LYS B 47 -1.83 -4.62 20.52
CA LYS B 47 -1.85 -4.33 19.09
C LYS B 47 -0.80 -3.28 18.73
N PHE B 48 -0.62 -2.28 19.60
CA PHE B 48 0.27 -1.18 19.26
C PHE B 48 1.68 -1.64 18.92
N PRO B 49 2.36 -2.43 19.76
CA PRO B 49 3.71 -2.89 19.38
C PRO B 49 3.72 -3.78 18.17
N GLN B 50 2.60 -4.40 17.81
CA GLN B 50 2.59 -5.22 16.61
C GLN B 50 2.57 -4.36 15.35
N VAL B 51 1.79 -3.30 15.35
CA VAL B 51 1.66 -2.49 14.13
C VAL B 51 2.70 -1.38 14.07
N ALA B 52 3.16 -0.88 15.22
CA ALA B 52 4.08 0.27 15.17
C ALA B 52 5.46 -0.13 14.69
N ALA B 53 5.86 -1.40 14.89
CA ALA B 53 7.17 -1.85 14.44
C ALA B 53 7.35 -1.70 12.93
N THR B 54 6.26 -1.55 12.19
CA THR B 54 6.29 -1.43 10.74
C THR B 54 5.84 -0.06 10.27
N GLY B 55 5.59 0.88 11.19
CA GLY B 55 5.15 2.20 10.83
C GLY B 55 3.66 2.46 10.96
N ASP B 56 2.87 1.42 11.22
CA ASP B 56 1.42 1.57 11.36
C ASP B 56 1.08 2.02 12.77
N GLY B 57 -0.21 1.97 13.13
CA GLY B 57 -0.67 2.36 14.45
C GLY B 57 -1.12 3.81 14.48
N PRO B 58 -1.62 4.26 15.63
CA PRO B 58 -2.14 5.62 15.74
C PRO B 58 -1.02 6.65 15.90
N ASP B 59 -1.42 7.92 15.84
CA ASP B 59 -0.48 9.00 16.16
C ASP B 59 -0.15 9.01 17.65
N ILE B 60 -1.16 8.82 18.49
CA ILE B 60 -1.02 8.93 19.93
C ILE B 60 -1.64 7.69 20.56
N ILE B 61 -0.97 7.12 21.56
CA ILE B 61 -1.46 5.95 22.27
C ILE B 61 -1.48 6.27 23.76
N PHE B 62 -2.64 6.07 24.40
CA PHE B 62 -2.83 6.25 25.83
C PHE B 62 -2.80 4.89 26.51
N TRP B 63 -1.96 4.75 27.53
CA TRP B 63 -1.98 3.57 28.40
C TRP B 63 -1.30 3.96 29.71
N ALA B 64 -1.48 3.13 30.73
CA ALA B 64 -0.68 3.28 31.93
C ALA B 64 0.80 3.20 31.58
N HIS B 65 1.62 3.89 32.36
CA HIS B 65 3.04 4.05 32.03
C HIS B 65 3.81 2.73 32.01
N ASP B 66 3.29 1.68 32.65
CA ASP B 66 4.09 0.46 32.78
C ASP B 66 4.39 -0.19 31.44
N ARG B 67 3.58 0.06 30.42
CA ARG B 67 3.80 -0.53 29.11
C ARG B 67 4.86 0.20 28.28
N PHE B 68 5.18 1.43 28.63
CA PHE B 68 5.85 2.32 27.68
C PHE B 68 7.34 2.05 27.53
N GLY B 69 8.02 1.58 28.58
CA GLY B 69 9.42 1.24 28.44
C GLY B 69 9.65 0.17 27.38
N GLY B 70 8.74 -0.80 27.30
CA GLY B 70 8.86 -1.81 26.27
C GLY B 70 8.70 -1.23 24.88
N TYR B 71 7.76 -0.30 24.73
CA TYR B 71 7.61 0.39 23.45
C TYR B 71 8.86 1.19 23.12
N ALA B 72 9.37 1.92 24.11
CA ALA B 72 10.59 2.70 23.87
C ALA B 72 11.75 1.79 23.47
N GLN B 73 11.94 0.69 24.21
CA GLN B 73 13.07 -0.20 23.91
C GLN B 73 13.01 -0.72 22.48
N SER B 74 11.81 -0.89 21.95
CA SER B 74 11.62 -1.33 20.58
C SER B 74 11.61 -0.17 19.59
N GLY B 75 11.87 1.05 20.06
CA GLY B 75 11.93 2.19 19.16
C GLY B 75 10.60 2.62 18.60
N LEU B 76 9.52 2.44 19.35
CA LEU B 76 8.19 2.75 18.86
C LEU B 76 7.70 4.14 19.21
N LEU B 77 8.41 4.86 20.07
CA LEU B 77 7.93 6.11 20.64
C LEU B 77 8.88 7.25 20.31
N ALA B 78 8.32 8.42 20.02
CA ALA B 78 9.15 9.60 19.84
C ALA B 78 9.53 10.16 21.21
N GLU B 79 10.75 10.67 21.31
CA GLU B 79 11.16 11.32 22.55
C GLU B 79 10.32 12.58 22.78
N ILE B 80 9.83 12.74 24.01
CA ILE B 80 9.06 13.92 24.41
C ILE B 80 10.02 14.97 24.94
N THR B 81 9.97 16.18 24.37
CA THR B 81 10.87 17.27 24.74
C THR B 81 10.09 18.53 25.05
N PRO B 82 9.28 18.52 26.11
CA PRO B 82 8.54 19.74 26.47
C PRO B 82 9.46 20.79 27.06
N ALA B 83 9.11 22.04 26.85
CA ALA B 83 9.88 23.12 27.46
C ALA B 83 9.83 23.02 28.97
N ALA B 84 10.83 23.60 29.63
CA ALA B 84 10.82 23.63 31.10
C ALA B 84 9.51 24.22 31.62
N ALA B 85 9.04 25.30 31.00
CA ALA B 85 7.77 25.89 31.41
C ALA B 85 6.66 24.85 31.47
N PHE B 86 6.62 23.93 30.51
CA PHE B 86 5.52 22.97 30.54
C PHE B 86 5.76 21.85 31.55
N GLN B 87 6.99 21.32 31.61
CA GLN B 87 7.30 20.33 32.62
C GLN B 87 6.94 20.83 34.02
N ASP B 88 7.16 22.12 34.27
CA ASP B 88 6.85 22.70 35.57
C ASP B 88 5.38 22.57 35.92
N LYS B 89 4.52 22.34 34.93
CA LYS B 89 3.09 22.30 35.17
C LYS B 89 2.60 20.97 35.70
N LEU B 90 3.41 19.90 35.61
CA LEU B 90 3.03 18.58 36.10
C LEU B 90 3.90 18.20 37.30
N TYR B 91 3.36 17.33 38.16
CA TYR B 91 4.08 16.91 39.36
C TYR B 91 5.34 16.15 38.96
N PRO B 92 6.49 16.46 39.56
CA PRO B 92 7.73 15.76 39.15
C PRO B 92 7.61 14.24 39.15
N PHE B 93 6.92 13.63 40.12
CA PHE B 93 6.88 12.17 40.14
C PHE B 93 6.11 11.60 38.96
N THR B 94 5.17 12.36 38.38
CA THR B 94 4.52 11.84 37.19
C THR B 94 5.47 11.82 36.00
N TRP B 95 6.39 12.79 35.91
CA TRP B 95 7.40 12.72 34.85
C TRP B 95 8.35 11.55 35.07
N ASP B 96 8.72 11.26 36.33
CA ASP B 96 9.57 10.11 36.59
C ASP B 96 8.94 8.82 36.05
N ALA B 97 7.61 8.72 36.11
CA ALA B 97 6.96 7.51 35.63
C ALA B 97 7.12 7.31 34.14
N VAL B 98 7.36 8.37 33.36
CA VAL B 98 7.47 8.26 31.92
C VAL B 98 8.90 8.55 31.45
N ARG B 99 9.89 8.46 32.34
CA ARG B 99 11.28 8.57 31.94
C ARG B 99 11.87 7.18 31.82
N TYR B 100 12.50 6.92 30.68
CA TYR B 100 13.11 5.63 30.41
C TYR B 100 14.48 5.84 29.79
N ASN B 101 15.49 5.23 30.40
CA ASN B 101 16.89 5.43 30.00
C ASN B 101 17.18 6.92 29.83
N GLY B 102 16.71 7.72 30.79
CA GLY B 102 17.04 9.12 30.87
C GLY B 102 16.20 10.04 30.01
N LYS B 103 15.29 9.51 29.20
CA LYS B 103 14.51 10.31 28.26
C LYS B 103 13.03 10.20 28.59
N LEU B 104 12.32 11.30 28.43
CA LEU B 104 10.87 11.28 28.58
C LEU B 104 10.25 10.66 27.33
N ILE B 105 9.40 9.65 27.53
CA ILE B 105 8.84 8.89 26.42
C ILE B 105 7.33 9.01 26.33
N ALA B 106 6.72 9.85 27.15
CA ALA B 106 5.28 10.07 27.07
C ALA B 106 4.96 11.27 27.93
N TYR B 107 3.75 11.79 27.75
CA TYR B 107 3.16 12.78 28.64
C TYR B 107 2.35 12.10 29.72
N PRO B 108 2.62 12.33 31.00
CA PRO B 108 1.73 11.82 32.05
C PRO B 108 0.43 12.61 32.08
N ILE B 109 -0.67 11.89 32.32
CA ILE B 109 -2.00 12.47 32.37
C ILE B 109 -2.60 12.41 33.77
N ALA B 110 -2.61 11.24 34.38
CA ALA B 110 -3.31 11.08 35.66
C ALA B 110 -2.79 9.86 36.38
N VAL B 111 -2.96 9.87 37.71
CA VAL B 111 -2.47 8.81 38.58
C VAL B 111 -3.66 7.94 38.98
N GLU B 112 -3.55 6.63 38.72
CA GLU B 112 -4.61 5.66 38.99
C GLU B 112 -4.18 4.73 40.13
N ALA B 113 -5.07 4.57 41.11
CA ALA B 113 -4.93 3.50 42.09
C ALA B 113 -6.31 2.89 42.35
N LEU B 114 -6.33 1.59 42.54
CA LEU B 114 -7.54 0.90 42.96
C LEU B 114 -7.92 1.31 44.38
N SER B 115 -9.22 1.33 44.65
CA SER B 115 -9.77 1.51 45.99
C SER B 115 -10.86 0.48 46.24
N LEU B 116 -11.26 0.38 47.50
CA LEU B 116 -12.44 -0.39 47.84
C LEU B 116 -13.68 0.47 47.64
N ILE B 117 -14.63 -0.04 46.86
CA ILE B 117 -15.90 0.62 46.60
C ILE B 117 -17.00 -0.19 47.25
N TYR B 118 -17.88 0.48 47.99
CA TYR B 118 -18.86 -0.23 48.80
C TYR B 118 -20.20 0.45 48.72
N ASN B 119 -21.25 -0.38 48.81
CA ASN B 119 -22.64 0.08 48.80
C ASN B 119 -23.02 0.53 50.20
N LYS B 120 -23.26 1.83 50.37
CA LYS B 120 -23.50 2.36 51.71
C LYS B 120 -24.75 1.79 52.34
N ASP B 121 -25.81 1.57 51.54
CA ASP B 121 -27.07 1.10 52.11
C ASP B 121 -27.00 -0.37 52.49
N LEU B 122 -26.31 -1.18 51.69
CA LEU B 122 -26.13 -2.58 52.02
C LEU B 122 -25.12 -2.78 53.16
N LEU B 123 -24.14 -1.89 53.25
CA LEU B 123 -22.97 -2.10 54.10
C LEU B 123 -22.48 -0.74 54.59
N PRO B 124 -23.15 -0.17 55.59
CA PRO B 124 -22.77 1.18 56.04
C PRO B 124 -21.35 1.25 56.58
N ASN B 125 -20.88 0.19 57.24
CA ASN B 125 -19.53 0.15 57.78
C ASN B 125 -18.73 -0.93 57.06
N PRO B 126 -17.94 -0.57 56.06
CA PRO B 126 -17.24 -1.58 55.27
C PRO B 126 -16.16 -2.26 56.10
N PRO B 127 -15.78 -3.49 55.76
CA PRO B 127 -14.77 -4.19 56.54
C PRO B 127 -13.41 -3.51 56.42
N LYS B 128 -12.65 -3.58 57.51
CA LYS B 128 -11.28 -3.06 57.51
C LYS B 128 -10.26 -4.11 57.10
N THR B 129 -10.63 -5.39 57.13
CA THR B 129 -9.70 -6.49 56.90
C THR B 129 -10.26 -7.44 55.86
N TRP B 130 -9.35 -8.04 55.09
CA TRP B 130 -9.75 -9.09 54.17
C TRP B 130 -10.33 -10.28 54.93
N GLU B 131 -9.83 -10.52 56.14
CA GLU B 131 -10.16 -11.75 56.86
C GLU B 131 -11.64 -11.82 57.25
N GLU B 132 -12.31 -10.68 57.40
CA GLU B 132 -13.70 -10.71 57.86
C GLU B 132 -14.69 -10.78 56.71
N ILE B 133 -14.22 -10.84 55.48
CA ILE B 133 -15.11 -10.83 54.31
C ILE B 133 -15.87 -12.14 54.21
N PRO B 134 -15.25 -13.29 54.48
CA PRO B 134 -16.04 -14.55 54.51
C PRO B 134 -17.28 -14.47 55.37
N ALA B 135 -17.16 -14.06 56.63
CA ALA B 135 -18.33 -13.99 57.49
C ALA B 135 -19.30 -12.91 57.05
N LEU B 136 -18.79 -11.80 56.51
CA LEU B 136 -19.66 -10.77 55.96
C LEU B 136 -20.48 -11.33 54.82
N ASP B 137 -19.86 -12.16 53.97
CA ASP B 137 -20.59 -12.75 52.84
C ASP B 137 -21.68 -13.69 53.32
N LYS B 138 -21.34 -14.60 54.24
CA LYS B 138 -22.35 -15.50 54.80
C LYS B 138 -23.59 -14.75 55.25
N GLU B 139 -23.40 -13.66 56.01
CA GLU B 139 -24.53 -12.86 56.45
C GLU B 139 -25.26 -12.23 55.27
N LEU B 140 -24.51 -11.77 54.27
CA LEU B 140 -25.16 -11.11 53.13
C LEU B 140 -25.90 -12.13 52.26
N LYS B 141 -25.35 -13.33 52.11
CA LYS B 141 -26.00 -14.34 51.26
C LYS B 141 -27.37 -14.71 51.80
N ALA B 142 -27.58 -14.64 53.12
CA ALA B 142 -28.89 -14.94 53.68
C ALA B 142 -29.94 -13.95 53.19
N LYS B 143 -29.53 -12.74 52.84
CA LYS B 143 -30.42 -11.72 52.27
C LYS B 143 -30.45 -11.75 50.75
N GLY B 144 -29.73 -12.68 50.12
CA GLY B 144 -29.71 -12.77 48.68
C GLY B 144 -28.66 -11.92 48.00
N LYS B 145 -27.77 -11.28 48.74
CA LYS B 145 -26.70 -10.48 48.20
C LYS B 145 -25.36 -11.19 48.46
N SER B 146 -24.28 -10.59 47.99
CA SER B 146 -22.95 -11.14 48.19
C SER B 146 -22.05 -10.06 48.75
N ALA B 147 -20.93 -10.47 49.33
CA ALA B 147 -20.02 -9.50 49.95
C ALA B 147 -19.21 -8.71 48.93
N LEU B 148 -18.53 -9.41 48.02
CA LEU B 148 -17.50 -8.78 47.21
C LEU B 148 -17.38 -9.44 45.85
N MET B 149 -17.29 -8.61 44.81
CA MET B 149 -17.09 -9.09 43.45
C MET B 149 -16.16 -8.12 42.73
N PHE B 150 -15.09 -8.65 42.16
CA PHE B 150 -14.19 -7.83 41.36
C PHE B 150 -13.56 -8.70 40.29
N ASN B 151 -12.96 -8.04 39.30
CA ASN B 151 -12.40 -8.71 38.13
C ASN B 151 -11.27 -9.65 38.54
N LEU B 152 -11.50 -10.96 38.40
CA LEU B 152 -10.48 -11.97 38.67
C LEU B 152 -9.71 -12.38 37.42
N GLN B 153 -10.03 -11.83 36.25
CA GLN B 153 -9.32 -12.17 35.03
C GLN B 153 -8.09 -11.33 34.77
N GLU B 154 -7.96 -10.17 35.42
CA GLU B 154 -6.81 -9.31 35.19
C GLU B 154 -6.02 -9.17 36.48
N PRO B 155 -4.74 -9.53 36.49
CA PRO B 155 -4.00 -9.58 37.76
C PRO B 155 -3.82 -8.21 38.42
N TYR B 156 -4.03 -7.12 37.69
CA TYR B 156 -4.06 -5.79 38.31
C TYR B 156 -4.95 -5.75 39.54
N PHE B 157 -6.11 -6.42 39.48
CA PHE B 157 -7.10 -6.29 40.53
C PHE B 157 -6.79 -7.18 41.72
N THR B 158 -6.07 -8.27 41.50
CA THR B 158 -5.69 -9.15 42.59
C THR B 158 -4.35 -8.79 43.18
N TRP B 159 -3.53 -8.05 42.45
CA TRP B 159 -2.20 -7.72 42.92
C TRP B 159 -2.18 -7.01 44.29
N PRO B 160 -3.08 -6.08 44.61
CA PRO B 160 -3.05 -5.45 45.94
C PRO B 160 -2.98 -6.45 47.08
N LEU B 161 -3.67 -7.58 46.94
CA LEU B 161 -3.72 -8.56 48.03
C LEU B 161 -2.49 -9.46 48.01
N ILE B 162 -2.02 -9.81 46.81
CA ILE B 162 -0.79 -10.60 46.67
C ILE B 162 0.40 -9.85 47.26
N ALA B 163 0.47 -8.54 47.05
CA ALA B 163 1.60 -7.77 47.54
C ALA B 163 1.48 -7.44 49.02
N ALA B 164 0.28 -7.53 49.60
CA ALA B 164 0.07 -7.04 50.96
C ALA B 164 1.05 -7.66 51.95
N ASP B 165 1.16 -8.99 51.97
CA ASP B 165 2.02 -9.67 52.93
C ASP B 165 3.45 -9.85 52.43
N GLY B 166 3.80 -9.25 51.29
CA GLY B 166 5.20 -9.26 50.89
C GLY B 166 5.50 -9.69 49.47
N GLY B 167 4.48 -9.99 48.68
CA GLY B 167 4.72 -10.25 47.27
C GLY B 167 5.19 -9.02 46.55
N TYR B 168 6.08 -9.21 45.57
CA TYR B 168 6.55 -8.08 44.77
C TYR B 168 6.86 -8.55 43.36
N ALA B 169 6.94 -7.57 42.45
CA ALA B 169 7.22 -7.89 41.05
C ALA B 169 8.73 -8.02 40.82
N PHE B 170 9.43 -6.89 40.71
CA PHE B 170 10.88 -6.85 40.55
C PHE B 170 11.49 -6.08 41.72
N LYS B 171 12.48 -6.69 42.37
CA LYS B 171 13.09 -6.03 43.52
C LYS B 171 13.86 -4.79 43.09
N TYR B 172 13.69 -3.71 43.85
CA TYR B 172 14.41 -2.46 43.62
C TYR B 172 15.56 -2.35 44.61
N ALA B 173 16.78 -2.22 44.09
CA ALA B 173 17.94 -2.07 44.94
C ALA B 173 18.99 -1.20 44.23
N ALA B 174 19.67 -0.37 45.00
CA ALA B 174 20.78 0.44 44.49
C ALA B 174 20.39 1.19 43.21
N GLY B 175 19.17 1.73 43.20
CA GLY B 175 18.74 2.62 42.13
C GLY B 175 18.22 1.97 40.86
N LYS B 176 17.84 0.70 40.92
CA LYS B 176 17.51 -0.03 39.69
C LYS B 176 16.65 -1.24 40.04
N TYR B 177 15.82 -1.65 39.09
CA TYR B 177 15.03 -2.87 39.20
C TYR B 177 15.86 -4.06 38.72
N ASP B 178 15.86 -5.14 39.51
CA ASP B 178 16.56 -6.36 39.17
C ASP B 178 15.58 -7.27 38.43
N ILE B 179 15.74 -7.37 37.10
CA ILE B 179 14.78 -8.12 36.27
C ILE B 179 14.81 -9.60 36.56
N LYS B 180 15.82 -10.06 37.25
CA LYS B 180 15.90 -11.46 37.58
C LYS B 180 15.41 -11.75 39.01
N ASP B 181 15.21 -10.72 39.84
CA ASP B 181 14.74 -10.95 41.21
C ASP B 181 13.24 -10.68 41.28
N VAL B 182 12.46 -11.73 41.09
CA VAL B 182 11.00 -11.64 41.01
C VAL B 182 10.42 -12.19 42.31
N GLY B 183 9.43 -11.49 42.87
CA GLY B 183 8.91 -11.82 44.17
C GLY B 183 7.48 -12.34 44.17
N VAL B 184 7.10 -13.03 43.09
CA VAL B 184 5.74 -13.56 42.98
C VAL B 184 5.59 -14.93 43.63
N ASP B 185 6.67 -15.50 44.16
CA ASP B 185 6.66 -16.86 44.70
C ASP B 185 7.19 -16.92 46.13
N ASN B 186 7.19 -15.81 46.86
CA ASN B 186 7.61 -15.84 48.25
C ASN B 186 6.39 -16.10 49.15
N ALA B 187 6.64 -16.18 50.46
CA ALA B 187 5.56 -16.52 51.39
C ALA B 187 4.45 -15.49 51.35
N GLY B 188 4.80 -14.20 51.21
CA GLY B 188 3.77 -13.18 51.16
C GLY B 188 2.85 -13.32 49.96
N ALA B 189 3.41 -13.59 48.79
CA ALA B 189 2.57 -13.80 47.62
C ALA B 189 1.73 -15.05 47.77
N LYS B 190 2.32 -16.15 48.25
CA LYS B 190 1.56 -17.37 48.45
C LYS B 190 0.39 -17.14 49.39
N ALA B 191 0.63 -16.44 50.50
CA ALA B 191 -0.43 -16.22 51.48
C ALA B 191 -1.60 -15.46 50.88
N GLY B 192 -1.30 -14.41 50.11
CA GLY B 192 -2.37 -13.61 49.53
C GLY B 192 -3.18 -14.35 48.49
N LEU B 193 -2.50 -15.09 47.60
CA LEU B 193 -3.24 -15.85 46.59
C LEU B 193 -4.01 -16.99 47.23
N THR B 194 -3.48 -17.59 48.29
CA THR B 194 -4.21 -18.66 48.97
C THR B 194 -5.51 -18.13 49.55
N PHE B 195 -5.46 -16.98 50.22
CA PHE B 195 -6.69 -16.39 50.74
C PHE B 195 -7.70 -16.20 49.62
N LEU B 196 -7.26 -15.73 48.46
CA LEU B 196 -8.17 -15.51 47.35
C LEU B 196 -8.76 -16.82 46.85
N VAL B 197 -7.92 -17.84 46.68
CA VAL B 197 -8.44 -19.14 46.25
C VAL B 197 -9.38 -19.70 47.29
N ASP B 198 -9.03 -19.53 48.57
CA ASP B 198 -9.92 -20.00 49.63
C ASP B 198 -11.28 -19.30 49.55
N LEU B 199 -11.28 -18.02 49.16
CA LEU B 199 -12.55 -17.32 48.96
C LEU B 199 -13.40 -18.03 47.92
N ILE B 200 -12.77 -18.48 46.82
CA ILE B 200 -13.50 -19.17 45.77
C ILE B 200 -13.93 -20.56 46.23
N LYS B 201 -13.02 -21.30 46.88
CA LYS B 201 -13.34 -22.63 47.35
C LYS B 201 -14.51 -22.62 48.33
N ASN B 202 -14.63 -21.58 49.14
CA ASN B 202 -15.73 -21.46 50.08
C ASN B 202 -16.93 -20.75 49.49
N LYS B 203 -16.91 -20.48 48.17
CA LYS B 203 -18.05 -19.99 47.42
C LYS B 203 -18.40 -18.54 47.74
N HIS B 204 -17.44 -17.78 48.24
CA HIS B 204 -17.62 -16.36 48.45
C HIS B 204 -17.31 -15.54 47.20
N MET B 205 -16.64 -16.14 46.22
CA MET B 205 -16.39 -15.52 44.92
C MET B 205 -16.40 -16.61 43.87
N ASN B 206 -16.55 -16.19 42.61
CA ASN B 206 -16.60 -17.10 41.46
C ASN B 206 -15.35 -16.90 40.62
N ALA B 207 -14.69 -18.01 40.28
CA ALA B 207 -13.43 -17.92 39.55
C ALA B 207 -13.60 -17.21 38.20
N ASP B 208 -14.79 -17.26 37.62
CA ASP B 208 -15.00 -16.71 36.28
C ASP B 208 -15.41 -15.25 36.26
N THR B 209 -15.53 -14.61 37.43
CA THR B 209 -15.94 -13.22 37.49
C THR B 209 -14.96 -12.32 36.75
N ASP B 210 -15.47 -11.48 35.85
CA ASP B 210 -14.63 -10.57 35.10
C ASP B 210 -15.05 -9.13 35.36
N TYR B 211 -14.51 -8.22 34.56
CA TYR B 211 -14.79 -6.81 34.75
C TYR B 211 -16.28 -6.52 34.64
N SER B 212 -16.90 -6.94 33.53
CA SER B 212 -18.28 -6.55 33.33
C SER B 212 -19.22 -7.25 34.32
N ILE B 213 -18.92 -8.51 34.68
CA ILE B 213 -19.78 -9.21 35.62
C ILE B 213 -19.76 -8.51 36.98
N ALA B 214 -18.56 -8.16 37.46
CA ALA B 214 -18.47 -7.48 38.75
C ALA B 214 -19.09 -6.09 38.71
N GLU B 215 -18.86 -5.34 37.62
CA GLU B 215 -19.44 -4.00 37.51
C GLU B 215 -20.96 -4.06 37.55
N ALA B 216 -21.55 -4.99 36.79
CA ALA B 216 -23.00 -5.11 36.76
C ALA B 216 -23.55 -5.47 38.12
N ALA B 217 -22.91 -6.39 38.83
CA ALA B 217 -23.44 -6.83 40.12
C ALA B 217 -23.40 -5.70 41.14
N PHE B 218 -22.30 -4.94 41.19
CA PHE B 218 -22.26 -3.83 42.14
C PHE B 218 -23.25 -2.75 41.75
N ASN B 219 -23.28 -2.38 40.47
CA ASN B 219 -24.12 -1.27 40.02
C ASN B 219 -25.59 -1.62 40.05
N LYS B 220 -25.95 -2.90 40.04
CA LYS B 220 -27.33 -3.33 40.20
C LYS B 220 -27.69 -3.62 41.66
N GLY B 221 -26.74 -3.45 42.58
CA GLY B 221 -27.03 -3.66 43.98
C GLY B 221 -27.03 -5.10 44.42
N GLU B 222 -26.36 -6.00 43.71
CA GLU B 222 -26.34 -7.40 44.08
C GLU B 222 -25.14 -7.77 44.93
N THR B 223 -24.10 -6.94 44.96
CA THR B 223 -22.92 -7.19 45.77
C THR B 223 -22.55 -5.93 46.53
N ALA B 224 -22.14 -6.10 47.79
CA ALA B 224 -21.92 -4.96 48.66
C ALA B 224 -20.62 -4.21 48.38
N MET B 225 -19.67 -4.85 47.70
CA MET B 225 -18.37 -4.23 47.49
C MET B 225 -17.79 -4.65 46.15
N THR B 226 -16.96 -3.77 45.60
CA THR B 226 -16.15 -4.11 44.44
C THR B 226 -14.81 -3.40 44.60
N ILE B 227 -13.85 -3.79 43.77
CA ILE B 227 -12.54 -3.16 43.74
C ILE B 227 -12.37 -2.60 42.33
N ASN B 228 -12.12 -1.30 42.23
CA ASN B 228 -12.02 -0.69 40.91
C ASN B 228 -11.35 0.68 41.03
N GLY B 229 -11.11 1.30 39.88
CA GLY B 229 -10.44 2.57 39.81
C GLY B 229 -11.40 3.69 39.51
N PRO B 230 -10.87 4.92 39.49
CA PRO B 230 -11.75 6.10 39.34
C PRO B 230 -12.60 6.09 38.08
N TRP B 231 -12.12 5.46 36.99
CA TRP B 231 -12.90 5.44 35.76
C TRP B 231 -14.28 4.81 35.96
N ALA B 232 -14.42 3.97 36.98
CA ALA B 232 -15.68 3.26 37.21
C ALA B 232 -16.73 4.11 37.92
N TRP B 233 -16.35 5.23 38.53
CA TRP B 233 -17.31 5.96 39.37
C TRP B 233 -18.48 6.50 38.55
N SER B 234 -18.27 6.81 37.27
CA SER B 234 -19.32 7.45 36.48
C SER B 234 -20.50 6.52 36.25
N ASN B 235 -20.25 5.23 35.99
CA ASN B 235 -21.36 4.29 35.87
C ASN B 235 -22.06 4.06 37.20
N ILE B 236 -21.33 4.17 38.31
CA ILE B 236 -22.00 4.02 39.61
C ILE B 236 -22.87 5.24 39.90
N ASP B 237 -22.40 6.43 39.55
CA ASP B 237 -23.21 7.63 39.68
C ASP B 237 -24.55 7.45 38.98
N THR B 238 -24.54 6.92 37.76
CA THR B 238 -25.78 6.77 37.00
C THR B 238 -26.70 5.72 37.59
N SER B 239 -26.15 4.76 38.36
CA SER B 239 -26.96 3.73 38.98
C SER B 239 -27.70 4.30 40.20
N ALA B 240 -28.56 3.47 40.79
CA ALA B 240 -29.28 3.82 42.02
C ALA B 240 -28.47 3.56 43.28
N VAL B 241 -27.18 3.21 43.14
CA VAL B 241 -26.38 2.77 44.27
C VAL B 241 -25.75 3.98 44.97
N ASN B 242 -25.86 4.00 46.29
CA ASN B 242 -25.19 4.97 47.14
C ASN B 242 -23.86 4.36 47.57
N TYR B 243 -22.76 4.90 47.07
CA TYR B 243 -21.48 4.24 47.23
C TYR B 243 -20.47 5.14 47.92
N GLY B 244 -19.56 4.52 48.65
CA GLY B 244 -18.38 5.17 49.17
C GLY B 244 -17.12 4.59 48.55
N VAL B 245 -16.04 5.38 48.55
CA VAL B 245 -14.73 4.95 48.11
C VAL B 245 -13.79 5.10 49.28
N THR B 246 -13.02 4.06 49.59
CA THR B 246 -12.25 4.05 50.82
C THR B 246 -11.00 3.17 50.65
N VAL B 247 -10.25 3.05 51.73
CA VAL B 247 -9.01 2.29 51.73
C VAL B 247 -9.31 0.81 51.54
N LEU B 248 -8.48 0.13 50.75
CA LEU B 248 -8.62 -1.32 50.61
C LEU B 248 -8.42 -1.98 51.97
N PRO B 249 -8.96 -3.18 52.15
CA PRO B 249 -8.82 -3.86 53.43
C PRO B 249 -7.38 -4.31 53.66
N THR B 250 -7.03 -4.50 54.93
CA THR B 250 -5.73 -5.05 55.28
C THR B 250 -5.76 -6.57 55.16
N PHE B 251 -4.57 -7.16 55.01
CA PHE B 251 -4.41 -8.60 55.00
C PHE B 251 -3.27 -8.95 55.94
N LYS B 252 -3.55 -9.79 56.94
CA LYS B 252 -2.57 -10.14 57.97
C LYS B 252 -2.03 -8.87 58.64
N GLY B 253 -2.90 -7.89 58.79
CA GLY B 253 -2.53 -6.65 59.45
C GLY B 253 -1.83 -5.63 58.59
N GLN B 254 -1.55 -5.94 57.32
CA GLN B 254 -0.79 -5.03 56.49
C GLN B 254 -1.67 -4.44 55.39
N PRO B 255 -1.37 -3.23 54.92
CA PRO B 255 -2.21 -2.62 53.87
C PRO B 255 -2.10 -3.37 52.56
N SER B 256 -3.21 -3.45 51.85
CA SER B 256 -3.17 -3.86 50.46
C SER B 256 -2.35 -2.82 49.69
N LYS B 257 -1.58 -3.28 48.71
CA LYS B 257 -0.57 -2.45 48.06
C LYS B 257 -0.84 -2.46 46.56
N PRO B 258 -1.76 -1.62 46.10
CA PRO B 258 -2.06 -1.60 44.66
C PRO B 258 -0.87 -1.10 43.87
N PHE B 259 -0.71 -1.66 42.68
CA PHE B 259 0.25 -1.11 41.73
C PHE B 259 -0.34 0.17 41.15
N VAL B 260 0.42 1.27 41.26
CA VAL B 260 -0.09 2.58 40.89
C VAL B 260 0.32 2.88 39.45
N GLY B 261 -0.67 3.22 38.62
CA GLY B 261 -0.45 3.50 37.21
C GLY B 261 -0.54 4.99 36.96
N VAL B 262 0.21 5.45 35.96
CA VAL B 262 0.12 6.82 35.45
C VAL B 262 -0.37 6.70 34.01
N LEU B 263 -1.65 6.96 33.79
CA LEU B 263 -2.17 7.10 32.43
C LEU B 263 -1.29 8.08 31.67
N SER B 264 -0.74 7.63 30.55
CA SER B 264 0.26 8.40 29.82
C SER B 264 -0.07 8.37 28.34
N ALA B 265 0.40 9.39 27.62
CA ALA B 265 0.13 9.54 26.19
C ALA B 265 1.47 9.56 25.46
N GLY B 266 1.73 8.53 24.67
CA GLY B 266 2.92 8.44 23.86
C GLY B 266 2.64 8.83 22.43
N ILE B 267 3.68 9.30 21.74
CA ILE B 267 3.59 9.70 20.34
C ILE B 267 4.29 8.64 19.50
N ASN B 268 3.58 8.12 18.50
CA ASN B 268 4.15 7.11 17.62
C ASN B 268 5.38 7.66 16.90
N ALA B 269 6.49 6.93 16.97
CA ALA B 269 7.71 7.37 16.30
C ALA B 269 7.53 7.46 14.79
N ALA B 270 6.58 6.71 14.23
CA ALA B 270 6.32 6.76 12.80
C ALA B 270 5.34 7.86 12.41
N SER B 271 4.81 8.62 13.37
CA SER B 271 3.81 9.63 13.06
C SER B 271 4.44 10.78 12.28
N PRO B 272 3.83 11.24 11.18
CA PRO B 272 4.25 12.49 10.55
C PRO B 272 3.64 13.73 11.17
N ASN B 273 2.98 13.59 12.33
CA ASN B 273 2.25 14.67 12.97
C ASN B 273 2.77 14.93 14.38
N LYS B 274 4.07 14.73 14.60
CA LYS B 274 4.58 14.79 15.97
C LYS B 274 4.39 16.18 16.57
N GLU B 275 4.54 17.23 15.76
CA GLU B 275 4.38 18.59 16.27
C GLU B 275 2.93 18.88 16.61
N LEU B 276 2.00 18.48 15.72
CA LEU B 276 0.58 18.63 16.02
C LEU B 276 0.21 17.82 17.27
N ALA B 277 0.78 16.62 17.41
CA ALA B 277 0.46 15.81 18.59
C ALA B 277 0.96 16.49 19.86
N LYS B 278 2.14 17.08 19.81
CA LYS B 278 2.63 17.84 20.96
C LYS B 278 1.70 18.99 21.30
N GLU B 279 1.27 19.74 20.28
CA GLU B 279 0.36 20.86 20.51
C GLU B 279 -0.97 20.40 21.08
N PHE B 280 -1.55 19.32 20.54
CA PHE B 280 -2.80 18.80 21.09
C PHE B 280 -2.63 18.42 22.56
N LEU B 281 -1.56 17.68 22.88
CA LEU B 281 -1.41 17.17 24.25
C LEU B 281 -1.07 18.30 25.21
N GLU B 282 -0.11 19.15 24.85
CA GLU B 282 0.36 20.18 25.78
C GLU B 282 -0.64 21.31 25.94
N ASN B 283 -1.26 21.76 24.84
CA ASN B 283 -2.03 23.00 24.86
C ASN B 283 -3.53 22.80 24.80
N TYR B 284 -4.00 21.58 24.58
CA TYR B 284 -5.44 21.33 24.59
C TYR B 284 -5.85 20.31 25.64
N LEU B 285 -5.16 19.17 25.72
CA LEU B 285 -5.54 18.14 26.69
C LEU B 285 -5.07 18.51 28.09
N LEU B 286 -3.76 18.73 28.25
CA LEU B 286 -3.19 19.01 29.55
C LEU B 286 -3.41 20.45 29.95
N THR B 287 -4.66 20.88 29.93
CA THR B 287 -5.13 22.15 30.45
C THR B 287 -6.29 21.86 31.39
N ASP B 288 -6.68 22.88 32.16
CA ASP B 288 -7.83 22.71 33.04
C ASP B 288 -9.08 22.31 32.26
N GLU B 289 -9.33 22.97 31.14
CA GLU B 289 -10.54 22.71 30.36
C GLU B 289 -10.48 21.35 29.68
N GLY B 290 -9.31 20.96 29.17
CA GLY B 290 -9.19 19.67 28.51
C GLY B 290 -9.38 18.50 29.45
N LEU B 291 -8.65 18.50 30.58
CA LEU B 291 -8.80 17.41 31.54
C LEU B 291 -10.22 17.37 32.12
N GLU B 292 -10.83 18.54 32.33
CA GLU B 292 -12.20 18.59 32.82
C GLU B 292 -13.14 17.85 31.88
N ALA B 293 -13.04 18.11 30.58
CA ALA B 293 -13.89 17.44 29.60
C ALA B 293 -13.73 15.92 29.68
N VAL B 294 -12.49 15.44 29.74
CA VAL B 294 -12.28 14.00 29.85
C VAL B 294 -12.78 13.51 31.20
N ASN B 295 -12.42 14.22 32.27
CA ASN B 295 -12.80 13.81 33.62
C ASN B 295 -14.32 13.73 33.77
N LYS B 296 -15.05 14.67 33.16
CA LYS B 296 -16.51 14.66 33.29
C LYS B 296 -17.11 13.43 32.61
N ASP B 297 -16.40 12.87 31.64
CA ASP B 297 -16.83 11.65 30.97
C ASP B 297 -16.61 10.44 31.87
N LYS B 298 -15.35 10.14 32.20
CA LYS B 298 -14.99 9.10 33.17
C LYS B 298 -13.87 9.69 34.02
N PRO B 299 -14.01 9.69 35.34
CA PRO B 299 -12.99 10.33 36.19
C PRO B 299 -11.60 9.77 35.89
N LEU B 300 -10.62 10.68 35.84
CA LEU B 300 -9.25 10.32 35.49
C LEU B 300 -8.45 9.82 36.68
N GLY B 301 -8.90 10.10 37.89
CA GLY B 301 -8.07 9.93 39.06
C GLY B 301 -7.39 11.24 39.42
N ALA B 302 -6.16 11.15 39.92
CA ALA B 302 -5.41 12.32 40.39
C ALA B 302 -4.55 12.81 39.23
N VAL B 303 -4.98 13.89 38.58
CA VAL B 303 -4.37 14.28 37.31
C VAL B 303 -2.96 14.83 37.55
N ALA B 304 -2.10 14.67 36.54
CA ALA B 304 -0.72 15.13 36.65
C ALA B 304 -0.59 16.64 36.62
N LEU B 305 -1.61 17.33 36.11
CA LEU B 305 -1.57 18.78 35.96
C LEU B 305 -1.87 19.44 37.30
N LYS B 306 -0.88 20.17 37.84
CA LYS B 306 -1.02 20.71 39.18
C LYS B 306 -2.25 21.60 39.30
N SER B 307 -2.50 22.48 38.33
CA SER B 307 -3.56 23.46 38.49
C SER B 307 -4.93 22.78 38.63
N TYR B 308 -5.19 21.76 37.82
CA TYR B 308 -6.49 21.09 37.91
C TYR B 308 -6.55 20.10 39.07
N GLU B 309 -5.42 19.47 39.43
CA GLU B 309 -5.44 18.56 40.56
C GLU B 309 -5.73 19.29 41.87
N GLU B 310 -5.44 20.59 41.95
CA GLU B 310 -5.85 21.34 43.13
C GLU B 310 -7.37 21.36 43.29
N GLU B 311 -8.09 21.32 42.17
CA GLU B 311 -9.54 21.21 42.22
C GLU B 311 -9.99 19.77 42.49
N LEU B 312 -9.38 18.80 41.80
CA LEU B 312 -9.82 17.42 41.96
C LEU B 312 -9.50 16.86 43.34
N ALA B 313 -8.38 17.26 43.93
CA ALA B 313 -7.94 16.70 45.21
C ALA B 313 -8.94 16.93 46.32
N LYS B 314 -9.98 17.68 46.03
CA LYS B 314 -10.88 18.07 47.08
C LYS B 314 -12.06 17.08 47.15
N ASP B 315 -12.23 16.29 46.10
CA ASP B 315 -13.10 15.13 46.06
C ASP B 315 -12.66 14.07 47.08
N PRO B 316 -13.49 13.72 48.06
CA PRO B 316 -13.09 12.65 49.00
C PRO B 316 -12.81 11.32 48.32
N ARG B 317 -13.37 11.08 47.12
CA ARG B 317 -13.04 9.87 46.40
C ARG B 317 -11.60 9.90 45.88
N ILE B 318 -11.11 11.08 45.50
CA ILE B 318 -9.72 11.19 45.08
C ILE B 318 -8.79 11.09 46.29
N ALA B 319 -9.19 11.68 47.42
CA ALA B 319 -8.41 11.54 48.64
C ALA B 319 -8.23 10.06 49.02
N ALA B 320 -9.30 9.27 48.86
CA ALA B 320 -9.18 7.84 49.13
C ALA B 320 -8.32 7.14 48.08
N THR B 321 -8.44 7.55 46.82
CA THR B 321 -7.58 6.99 45.78
C THR B 321 -6.11 7.22 46.11
N MET B 322 -5.77 8.41 46.60
CA MET B 322 -4.37 8.70 46.88
C MET B 322 -3.93 8.12 48.21
N GLU B 323 -4.84 7.88 49.15
CA GLU B 323 -4.47 7.12 50.34
C GLU B 323 -4.08 5.70 49.96
N ASN B 324 -4.84 5.08 49.06
CA ASN B 324 -4.45 3.76 48.54
C ASN B 324 -3.15 3.85 47.75
N ALA B 325 -3.00 4.88 46.91
CA ALA B 325 -1.79 5.00 46.11
C ALA B 325 -0.55 5.16 46.99
N GLN B 326 -0.66 5.92 48.08
CA GLN B 326 0.48 6.05 48.99
C GLN B 326 0.88 4.71 49.58
N LYS B 327 -0.09 3.82 49.82
CA LYS B 327 0.24 2.52 50.39
C LYS B 327 0.79 1.55 49.34
N GLY B 328 0.52 1.81 48.08
CA GLY B 328 1.03 1.00 46.99
C GLY B 328 2.38 1.49 46.49
N GLU B 329 2.68 1.19 45.23
CA GLU B 329 3.95 1.55 44.62
C GLU B 329 3.72 1.89 43.16
N ILE B 330 4.49 2.84 42.64
CA ILE B 330 4.42 3.11 41.22
C ILE B 330 4.95 1.91 40.45
N MET B 331 4.26 1.54 39.39
CA MET B 331 4.71 0.41 38.58
C MET B 331 6.05 0.74 37.94
N PRO B 332 6.95 -0.23 37.81
CA PRO B 332 8.07 -0.07 36.88
C PRO B 332 7.54 0.15 35.46
N ASN B 333 8.38 0.79 34.63
CA ASN B 333 8.06 0.94 33.21
C ASN B 333 8.97 0.08 32.33
N ILE B 334 9.76 -0.80 32.94
CA ILE B 334 10.78 -1.57 32.22
C ILE B 334 10.15 -2.57 31.25
N PRO B 335 10.84 -2.93 30.17
CA PRO B 335 10.22 -3.82 29.16
C PRO B 335 9.72 -5.14 29.71
N GLN B 336 10.31 -5.62 30.80
CA GLN B 336 9.91 -6.89 31.40
C GLN B 336 8.52 -6.87 32.00
N MET B 337 7.93 -5.68 32.18
CA MET B 337 6.65 -5.60 32.89
C MET B 337 5.58 -6.44 32.21
N SER B 338 5.57 -6.47 30.87
CA SER B 338 4.55 -7.24 30.17
C SER B 338 4.68 -8.74 30.47
N ALA B 339 5.91 -9.25 30.52
CA ALA B 339 6.11 -10.65 30.85
C ALA B 339 5.68 -10.92 32.29
N PHE B 340 5.93 -9.98 33.19
CA PHE B 340 5.45 -10.14 34.56
C PHE B 340 3.93 -10.24 34.59
N TRP B 341 3.24 -9.32 33.90
CA TRP B 341 1.79 -9.31 33.95
C TRP B 341 1.19 -10.59 33.36
N TYR B 342 1.72 -11.06 32.23
CA TYR B 342 1.21 -12.31 31.66
C TYR B 342 1.40 -13.47 32.63
N ALA B 343 2.57 -13.52 33.26
CA ALA B 343 2.87 -14.62 34.18
C ALA B 343 1.90 -14.62 35.37
N VAL B 344 1.66 -13.46 35.96
CA VAL B 344 0.76 -13.40 37.11
C VAL B 344 -0.68 -13.66 36.68
N ARG B 345 -1.09 -13.16 35.51
CA ARG B 345 -2.43 -13.45 35.03
C ARG B 345 -2.66 -14.96 34.94
N THR B 346 -1.69 -15.68 34.36
CA THR B 346 -1.84 -17.12 34.25
C THR B 346 -1.89 -17.78 35.63
N ALA B 347 -1.04 -17.31 36.56
CA ALA B 347 -1.04 -17.88 37.90
C ALA B 347 -2.40 -17.69 38.59
N VAL B 348 -2.95 -16.48 38.52
CA VAL B 348 -4.21 -16.23 39.22
C VAL B 348 -5.33 -17.04 38.61
N ILE B 349 -5.42 -17.08 37.28
CA ILE B 349 -6.50 -17.83 36.64
C ILE B 349 -6.36 -19.32 36.90
N ASN B 350 -5.13 -19.83 36.89
CA ASN B 350 -4.97 -21.28 37.05
C ASN B 350 -5.23 -21.72 38.50
N ALA B 351 -4.84 -20.89 39.47
CA ALA B 351 -5.11 -21.25 40.86
C ALA B 351 -6.58 -21.06 41.19
N ALA B 352 -7.18 -19.94 40.76
CA ALA B 352 -8.59 -19.72 40.99
C ALA B 352 -9.43 -20.84 40.42
N SER B 353 -9.00 -21.40 39.28
CA SER B 353 -9.76 -22.43 38.58
C SER B 353 -9.54 -23.82 39.17
N GLY B 354 -8.48 -24.01 39.95
CA GLY B 354 -8.15 -25.32 40.46
C GLY B 354 -7.29 -26.17 39.54
N ARG B 355 -6.96 -25.68 38.35
CA ARG B 355 -6.08 -26.44 37.46
C ARG B 355 -4.69 -26.61 38.06
N GLN B 356 -4.21 -25.63 38.83
CA GLN B 356 -2.95 -25.73 39.54
C GLN B 356 -3.14 -25.34 41.00
N THR B 357 -2.30 -25.89 41.86
CA THR B 357 -2.19 -25.39 43.23
C THR B 357 -1.63 -23.97 43.23
N VAL B 358 -1.80 -23.28 44.35
CA VAL B 358 -1.24 -21.93 44.45
C VAL B 358 0.29 -22.00 44.35
N ASP B 359 0.89 -22.96 45.04
CA ASP B 359 2.34 -23.15 44.97
C ASP B 359 2.80 -23.43 43.54
N ALA B 360 2.12 -24.35 42.86
CA ALA B 360 2.51 -24.70 41.50
C ALA B 360 2.33 -23.50 40.56
N ALA B 361 1.22 -22.78 40.69
CA ALA B 361 0.96 -21.65 39.81
C ALA B 361 1.98 -20.52 40.00
N LEU B 362 2.31 -20.22 41.26
CA LEU B 362 3.24 -19.12 41.50
C LEU B 362 4.67 -19.51 41.18
N ALA B 363 5.00 -20.80 41.26
CA ALA B 363 6.32 -21.26 40.85
C ALA B 363 6.55 -21.02 39.37
N ALA B 364 5.59 -21.44 38.54
CA ALA B 364 5.70 -21.17 37.11
C ALA B 364 5.73 -19.67 36.83
N ALA B 365 4.93 -18.90 37.56
CA ALA B 365 4.89 -17.47 37.34
C ALA B 365 6.26 -16.84 37.61
N GLN B 366 6.97 -17.34 38.61
CA GLN B 366 8.28 -16.77 38.93
C GLN B 366 9.25 -16.97 37.78
N THR B 367 9.37 -18.22 37.29
CA THR B 367 10.24 -18.47 36.16
C THR B 367 9.76 -17.73 34.92
N ASN B 368 8.44 -17.68 34.71
CA ASN B 368 7.91 -17.03 33.50
C ASN B 368 8.20 -15.54 33.52
N ALA B 369 7.94 -14.88 34.64
CA ALA B 369 8.16 -13.43 34.72
C ALA B 369 9.64 -13.06 34.58
N ALA B 370 10.55 -13.97 34.91
CA ALA B 370 11.98 -13.72 34.79
C ALA B 370 12.56 -14.20 33.46
N ARG B 371 11.79 -14.96 32.67
CA ARG B 371 12.31 -15.52 31.42
C ARG B 371 12.75 -14.42 30.47
N ARG B 372 13.98 -14.56 29.96
CA ARG B 372 14.48 -13.64 28.95
C ARG B 372 13.94 -14.06 27.59
N LYS B 373 13.27 -13.13 26.91
CA LYS B 373 12.77 -13.42 25.58
C LYS B 373 13.95 -13.57 24.62
N PRO B 374 14.05 -14.67 23.88
CA PRO B 374 15.14 -14.81 22.90
C PRO B 374 15.04 -13.71 21.85
N SER B 375 16.21 -13.24 21.41
CA SER B 375 16.27 -12.20 20.40
C SER B 375 15.87 -12.74 19.02
N TRP B 376 15.52 -11.82 18.13
CA TRP B 376 15.25 -12.21 16.74
C TRP B 376 16.39 -13.03 16.17
N ARG B 377 17.62 -12.55 16.36
CA ARG B 377 18.78 -13.25 15.80
C ARG B 377 18.90 -14.65 16.39
N GLU B 378 18.62 -14.81 17.69
CA GLU B 378 18.70 -16.13 18.29
C GLU B 378 17.70 -17.07 17.64
N ARG B 379 16.46 -16.62 17.48
CA ARG B 379 15.45 -17.43 16.81
C ARG B 379 15.86 -17.77 15.38
N GLU B 380 16.43 -16.80 14.67
CA GLU B 380 16.83 -17.03 13.29
C GLU B 380 18.03 -17.99 13.22
N ASN B 381 18.99 -17.85 14.14
CA ASN B 381 20.07 -18.83 14.26
C ASN B 381 19.50 -20.25 14.37
N ASN B 382 18.55 -20.44 15.27
CA ASN B 382 18.00 -21.77 15.49
C ASN B 382 17.23 -22.26 14.27
N ARG B 383 16.46 -21.37 13.65
CA ARG B 383 15.72 -21.73 12.44
C ARG B 383 16.65 -22.20 11.33
N ARG B 384 17.72 -21.44 11.09
CA ARG B 384 18.64 -21.79 10.02
C ARG B 384 19.38 -23.09 10.32
N ARG B 385 19.75 -23.30 11.57
CA ARG B 385 20.45 -24.53 11.92
C ARG B 385 19.62 -25.75 11.55
N GLU B 386 18.32 -25.73 11.83
CA GLU B 386 17.48 -26.87 11.49
C GLU B 386 17.27 -26.97 9.98
N ARG B 387 17.10 -25.83 9.30
CA ARG B 387 17.08 -25.85 7.84
C ARG B 387 18.32 -26.57 7.30
N ARG B 388 19.50 -26.19 7.83
CA ARG B 388 20.75 -26.78 7.38
C ARG B 388 20.81 -28.27 7.69
N ARG B 389 20.42 -28.65 8.91
CA ARG B 389 20.48 -30.06 9.28
C ARG B 389 19.59 -30.90 8.38
N ARG B 390 18.41 -30.40 8.03
CA ARG B 390 17.51 -31.13 7.14
C ARG B 390 18.09 -31.21 5.72
N ALA B 391 18.74 -30.14 5.27
CA ALA B 391 19.27 -30.13 3.90
C ALA B 391 20.43 -31.10 3.75
N VAL B 392 21.26 -31.23 4.79
CA VAL B 392 22.35 -32.20 4.75
C VAL B 392 21.79 -33.61 4.61
N ALA B 393 20.86 -33.96 5.49
CA ALA B 393 20.26 -35.29 5.43
C ALA B 393 19.60 -35.54 4.08
N ALA B 394 18.86 -34.56 3.56
CA ALA B 394 18.14 -34.77 2.32
C ALA B 394 19.10 -34.98 1.15
N LYS B 395 20.26 -34.30 1.17
CA LYS B 395 21.26 -34.54 0.14
C LYS B 395 21.84 -35.95 0.26
N ILE B 396 22.03 -36.42 1.49
CA ILE B 396 22.56 -37.78 1.68
C ILE B 396 21.59 -38.79 1.08
N TYR B 397 20.30 -38.66 1.41
CA TYR B 397 19.32 -39.62 0.92
C TYR B 397 19.11 -39.49 -0.58
N THR B 398 19.17 -38.27 -1.11
CA THR B 398 19.13 -38.12 -2.56
C THR B 398 20.24 -38.92 -3.22
N GLY B 399 21.44 -38.91 -2.63
CA GLY B 399 22.55 -39.64 -3.22
C GLY B 399 22.41 -41.14 -3.08
N LEU B 400 21.88 -41.60 -1.94
CA LEU B 400 21.68 -43.03 -1.74
C LEU B 400 20.61 -43.58 -2.69
N ARG B 401 19.50 -42.86 -2.84
CA ARG B 401 18.47 -43.31 -3.77
C ARG B 401 18.99 -43.35 -5.20
N ALA B 402 19.78 -42.34 -5.60
CA ALA B 402 20.21 -42.22 -6.98
C ALA B 402 21.29 -43.25 -7.34
N GLN B 403 22.21 -43.53 -6.42
CA GLN B 403 23.31 -44.43 -6.74
C GLN B 403 23.31 -45.72 -5.94
N GLY B 404 22.41 -45.89 -4.98
CA GLY B 404 22.48 -47.06 -4.11
C GLY B 404 22.16 -48.35 -4.83
N ASP B 405 21.23 -48.29 -5.79
CA ASP B 405 20.73 -49.50 -6.44
C ASP B 405 20.19 -50.48 -5.41
N TYR B 406 19.77 -49.97 -4.27
CA TYR B 406 19.12 -50.80 -3.27
C TYR B 406 17.80 -51.33 -3.82
N ASN B 407 17.44 -52.54 -3.39
CA ASN B 407 16.18 -53.14 -3.80
C ASN B 407 15.03 -52.47 -3.05
N LEU B 408 14.73 -51.24 -3.48
CA LEU B 408 13.71 -50.44 -2.83
C LEU B 408 12.40 -50.51 -3.58
N PRO B 409 11.28 -50.41 -2.86
CA PRO B 409 9.96 -50.34 -3.53
C PRO B 409 9.86 -49.09 -4.39
N LYS B 410 8.78 -49.03 -5.18
CA LYS B 410 8.52 -47.85 -6.02
C LYS B 410 8.45 -46.59 -5.16
N HIS B 411 7.68 -46.64 -4.08
CA HIS B 411 7.55 -45.52 -3.15
C HIS B 411 7.97 -46.00 -1.77
N CYS B 412 8.87 -45.26 -1.13
CA CYS B 412 9.28 -45.58 0.22
C CYS B 412 9.82 -44.33 0.88
N ASP B 413 9.87 -44.34 2.21
CA ASP B 413 10.39 -43.19 2.93
C ASP B 413 11.89 -43.34 3.12
N ASN B 414 12.51 -42.30 3.70
CA ASN B 414 13.95 -42.33 3.88
C ASN B 414 14.38 -43.34 4.94
N ASN B 415 13.49 -43.67 5.88
CA ASN B 415 13.82 -44.75 6.82
C ASN B 415 14.13 -46.04 6.07
N GLU B 416 13.41 -46.31 4.98
CA GLU B 416 13.66 -47.55 4.26
C GLU B 416 14.99 -47.48 3.52
N VAL B 417 15.40 -46.28 3.09
CA VAL B 417 16.73 -46.14 2.52
C VAL B 417 17.80 -46.34 3.58
N LEU B 418 17.61 -45.74 4.76
CA LEU B 418 18.53 -45.95 5.87
C LEU B 418 18.69 -47.44 6.17
N LYS B 419 17.58 -48.18 6.20
CA LYS B 419 17.66 -49.61 6.46
C LYS B 419 18.54 -50.32 5.43
N ALA B 420 18.27 -50.10 4.14
CA ALA B 420 19.10 -50.71 3.11
C ALA B 420 20.57 -50.36 3.28
N LEU B 421 20.85 -49.11 3.65
CA LEU B 421 22.23 -48.71 3.92
C LEU B 421 22.81 -49.52 5.07
N CYS B 422 22.03 -49.72 6.14
CA CYS B 422 22.52 -50.49 7.28
C CYS B 422 22.88 -51.91 6.87
N VAL B 423 22.00 -52.57 6.12
CA VAL B 423 22.28 -53.94 5.71
C VAL B 423 23.53 -54.01 4.85
N GLU B 424 23.68 -53.04 3.93
CA GLU B 424 24.88 -53.01 3.09
C GLU B 424 26.13 -52.89 3.95
N ALA B 425 26.07 -52.10 5.02
CA ALA B 425 27.20 -51.96 5.93
C ALA B 425 27.34 -53.14 6.88
N GLY B 426 26.48 -54.15 6.77
CA GLY B 426 26.59 -55.35 7.57
C GLY B 426 25.70 -55.40 8.79
N TRP B 427 24.66 -54.58 8.85
CA TRP B 427 23.77 -54.53 9.99
C TRP B 427 22.46 -55.24 9.69
N VAL B 428 21.76 -55.63 10.75
CA VAL B 428 20.40 -56.13 10.68
C VAL B 428 19.50 -55.13 11.40
N VAL B 429 18.41 -54.74 10.75
CA VAL B 429 17.49 -53.73 11.29
C VAL B 429 16.09 -54.34 11.32
N GLU B 430 15.55 -54.54 12.52
CA GLU B 430 14.21 -55.09 12.65
C GLU B 430 13.17 -54.04 12.26
N GLU B 431 11.91 -54.47 12.29
CA GLU B 431 10.84 -53.60 11.81
C GLU B 431 10.76 -52.32 12.62
N ASP B 432 10.86 -52.40 13.94
CA ASP B 432 10.77 -51.19 14.75
C ASP B 432 12.05 -50.38 14.76
N GLY B 433 13.07 -50.78 14.00
CA GLY B 433 14.32 -50.06 13.94
C GLY B 433 15.42 -50.61 14.81
N THR B 434 15.14 -51.64 15.60
CA THR B 434 16.16 -52.26 16.44
C THR B 434 17.30 -52.74 15.56
N THR B 435 18.51 -52.26 15.83
CA THR B 435 19.63 -52.38 14.91
C THR B 435 20.85 -52.98 15.58
N TYR B 436 21.51 -53.92 14.91
CA TYR B 436 22.65 -54.61 15.47
C TYR B 436 23.44 -55.30 14.35
N ARG B 437 24.63 -55.77 14.69
CA ARG B 437 25.51 -56.44 13.73
C ARG B 437 25.31 -57.96 13.75
N LYS E 2 2.87 -3.90 1.08
CA LYS E 2 3.42 -4.63 -0.05
C LYS E 2 4.57 -5.53 0.41
N ILE E 3 5.29 -5.08 1.43
CA ILE E 3 6.44 -5.80 1.97
C ILE E 3 5.95 -6.90 2.92
N GLU E 4 6.51 -8.09 2.78
CA GLU E 4 6.16 -9.23 3.63
C GLU E 4 7.33 -9.65 4.50
N GLU E 5 7.02 -10.11 5.71
CA GLU E 5 8.03 -10.62 6.63
C GLU E 5 8.63 -11.92 6.08
N GLY E 6 9.95 -12.04 6.14
CA GLY E 6 10.63 -13.21 5.61
C GLY E 6 11.06 -13.11 4.16
N LYS E 7 10.94 -11.94 3.55
CA LYS E 7 11.44 -11.73 2.19
C LYS E 7 11.99 -10.32 2.11
N LEU E 8 12.87 -10.10 1.13
CA LEU E 8 13.47 -8.80 0.90
C LEU E 8 13.14 -8.34 -0.51
N VAL E 9 12.63 -7.12 -0.63
CA VAL E 9 12.46 -6.45 -1.93
C VAL E 9 13.43 -5.28 -1.97
N ILE E 10 14.20 -5.20 -3.06
CA ILE E 10 15.21 -4.17 -3.23
C ILE E 10 14.88 -3.37 -4.47
N TRP E 11 15.07 -2.05 -4.40
CA TRP E 11 14.91 -1.15 -5.54
C TRP E 11 16.26 -0.51 -5.87
N ILE E 12 16.63 -0.53 -7.15
CA ILE E 12 17.86 0.09 -7.60
C ILE E 12 17.62 0.64 -9.01
N ASN E 13 18.36 1.67 -9.39
CA ASN E 13 18.09 2.32 -10.66
C ASN E 13 18.42 1.41 -11.85
N GLY E 14 17.72 1.65 -12.96
CA GLY E 14 17.85 0.82 -14.14
C GLY E 14 19.14 1.01 -14.92
N ASP E 15 19.97 1.97 -14.55
CA ASP E 15 21.28 2.06 -15.17
C ASP E 15 22.35 1.34 -14.35
N LYS E 16 22.01 0.80 -13.20
CA LYS E 16 22.98 0.08 -12.37
C LYS E 16 22.87 -1.43 -12.61
N GLY E 17 23.80 -2.17 -11.99
CA GLY E 17 23.87 -3.60 -12.19
C GLY E 17 22.83 -4.43 -11.43
N TYR E 18 21.54 -4.16 -11.66
CA TYR E 18 20.50 -4.87 -10.91
C TYR E 18 20.49 -6.37 -11.16
N ASN E 19 21.05 -6.85 -12.28
CA ASN E 19 21.08 -8.30 -12.45
C ASN E 19 22.18 -8.94 -11.61
N GLY E 20 23.34 -8.30 -11.53
CA GLY E 20 24.37 -8.77 -10.61
C GLY E 20 23.94 -8.69 -9.15
N LEU E 21 23.18 -7.66 -8.79
CA LEU E 21 22.64 -7.58 -7.44
C LEU E 21 21.72 -8.76 -7.16
N ALA E 22 20.87 -9.13 -8.12
CA ALA E 22 20.01 -10.29 -7.91
C ALA E 22 20.82 -11.55 -7.65
N GLU E 23 22.01 -11.66 -8.25
CA GLU E 23 22.85 -12.82 -7.98
C GLU E 23 23.24 -12.87 -6.52
N VAL E 24 23.56 -11.71 -5.94
CA VAL E 24 23.83 -11.65 -4.51
C VAL E 24 22.61 -12.11 -3.73
N GLY E 25 21.41 -11.68 -4.15
CA GLY E 25 20.20 -12.12 -3.47
C GLY E 25 19.96 -13.62 -3.59
N LYS E 26 20.33 -14.20 -4.74
CA LYS E 26 20.23 -15.65 -4.89
C LYS E 26 21.13 -16.37 -3.89
N LYS E 27 22.34 -15.86 -3.66
CA LYS E 27 23.22 -16.48 -2.68
C LYS E 27 22.69 -16.32 -1.26
N PHE E 28 22.12 -15.14 -0.96
CA PHE E 28 21.46 -14.97 0.34
C PHE E 28 20.34 -15.98 0.51
N GLU E 29 19.54 -16.20 -0.55
CA GLU E 29 18.44 -17.16 -0.44
C GLU E 29 18.95 -18.58 -0.27
N LYS E 30 20.06 -18.92 -0.93
CA LYS E 30 20.66 -20.24 -0.77
C LYS E 30 21.06 -20.48 0.67
N ASP E 31 21.70 -19.49 1.29
CA ASP E 31 22.26 -19.64 2.64
C ASP E 31 21.20 -19.56 3.73
N THR E 32 20.18 -18.72 3.56
CA THR E 32 19.22 -18.44 4.63
C THR E 32 17.82 -18.97 4.38
N GLY E 33 17.46 -19.23 3.13
CA GLY E 33 16.08 -19.51 2.79
C GLY E 33 15.25 -18.27 2.50
N ILE E 34 15.81 -17.09 2.66
CA ILE E 34 15.08 -15.83 2.50
C ILE E 34 15.17 -15.39 1.05
N LYS E 35 14.01 -15.23 0.42
CA LYS E 35 13.93 -14.82 -0.98
C LYS E 35 14.20 -13.33 -1.11
N VAL E 36 14.98 -12.97 -2.13
CA VAL E 36 15.36 -11.59 -2.40
C VAL E 36 14.88 -11.24 -3.81
N THR E 37 14.16 -10.13 -3.94
CA THR E 37 13.63 -9.68 -5.23
C THR E 37 14.15 -8.28 -5.53
N VAL E 38 14.84 -8.14 -6.65
CA VAL E 38 15.39 -6.86 -7.08
C VAL E 38 14.50 -6.26 -8.17
N GLU E 39 14.06 -5.02 -7.96
CA GLU E 39 13.25 -4.30 -8.94
C GLU E 39 13.94 -2.98 -9.30
N HIS E 40 13.55 -2.39 -10.42
CA HIS E 40 14.12 -1.11 -10.86
C HIS E 40 13.04 -0.25 -11.51
N PRO E 41 12.06 0.19 -10.72
CA PRO E 41 11.03 1.10 -11.26
C PRO E 41 11.66 2.39 -11.76
N ASP E 42 11.09 2.94 -12.82
CA ASP E 42 11.55 4.23 -13.31
C ASP E 42 11.17 5.34 -12.33
N LYS E 43 12.04 6.34 -12.24
CA LYS E 43 11.84 7.45 -11.30
C LYS E 43 11.71 6.94 -9.87
N LEU E 44 12.43 5.85 -9.57
CA LEU E 44 12.30 5.25 -8.25
C LEU E 44 12.62 6.24 -7.15
N GLU E 45 13.52 7.18 -7.40
CA GLU E 45 13.86 8.19 -6.40
C GLU E 45 12.69 9.10 -6.09
N GLU E 46 11.74 9.25 -7.02
CA GLU E 46 10.50 9.94 -6.70
C GLU E 46 9.41 8.99 -6.23
N LYS E 47 9.45 7.73 -6.66
CA LYS E 47 8.41 6.79 -6.25
C LYS E 47 8.58 6.39 -4.79
N PHE E 48 9.82 6.25 -4.33
CA PHE E 48 10.04 5.77 -2.97
C PHE E 48 9.36 6.64 -1.93
N PRO E 49 9.59 7.95 -1.88
CA PRO E 49 8.88 8.77 -0.89
C PRO E 49 7.38 8.67 -0.98
N GLN E 50 6.84 8.51 -2.19
CA GLN E 50 5.38 8.40 -2.34
C GLN E 50 4.86 7.10 -1.75
N VAL E 51 5.42 5.96 -2.18
CA VAL E 51 4.88 4.69 -1.72
C VAL E 51 5.28 4.43 -0.28
N ALA E 52 6.41 4.97 0.16
CA ALA E 52 6.85 4.79 1.54
C ALA E 52 5.91 5.49 2.51
N ALA E 53 5.41 6.67 2.14
CA ALA E 53 4.46 7.37 3.01
C ALA E 53 3.21 6.53 3.25
N THR E 54 2.83 5.69 2.30
CA THR E 54 1.68 4.80 2.46
C THR E 54 2.06 3.47 3.09
N GLY E 55 3.31 3.32 3.56
CA GLY E 55 3.78 2.08 4.15
C GLY E 55 4.20 1.02 3.15
N ASP E 56 4.04 1.26 1.87
CA ASP E 56 4.44 0.34 0.82
C ASP E 56 5.90 0.59 0.45
N GLY E 57 6.35 0.02 -0.65
CA GLY E 57 7.71 0.22 -1.08
C GLY E 57 8.63 -0.89 -0.63
N PRO E 58 9.88 -0.83 -1.07
CA PRO E 58 10.81 -1.94 -0.85
C PRO E 58 11.40 -1.91 0.55
N ASP E 59 12.03 -3.04 0.90
CA ASP E 59 12.79 -3.12 2.14
C ASP E 59 14.07 -2.30 2.04
N ILE E 60 14.69 -2.26 0.87
CA ILE E 60 15.98 -1.61 0.65
C ILE E 60 15.88 -0.75 -0.61
N ILE E 61 16.40 0.47 -0.55
CA ILE E 61 16.37 1.37 -1.69
C ILE E 61 17.78 1.89 -1.96
N PHE E 62 18.20 1.80 -3.22
CA PHE E 62 19.52 2.22 -3.68
C PHE E 62 19.36 3.52 -4.44
N TRP E 63 20.15 4.52 -4.08
CA TRP E 63 20.28 5.73 -4.88
C TRP E 63 21.57 6.41 -4.46
N ALA E 64 21.94 7.44 -5.22
CA ALA E 64 23.02 8.31 -4.78
C ALA E 64 22.65 8.96 -3.45
N HIS E 65 23.67 9.25 -2.64
CA HIS E 65 23.43 9.72 -1.28
C HIS E 65 22.68 11.04 -1.23
N ASP E 66 22.64 11.80 -2.34
CA ASP E 66 22.08 13.14 -2.25
C ASP E 66 20.58 13.12 -1.94
N ARG E 67 19.88 12.05 -2.30
CA ARG E 67 18.44 12.00 -2.03
C ARG E 67 18.10 11.59 -0.60
N PHE E 68 19.06 11.05 0.16
CA PHE E 68 18.70 10.34 1.39
C PHE E 68 18.41 11.27 2.56
N GLY E 69 18.95 12.49 2.56
CA GLY E 69 18.59 13.43 3.60
C GLY E 69 17.11 13.74 3.61
N GLY E 70 16.52 13.93 2.43
CA GLY E 70 15.09 14.18 2.36
C GLY E 70 14.27 12.98 2.80
N TYR E 71 14.72 11.78 2.45
CA TYR E 71 14.04 10.57 2.91
C TYR E 71 14.07 10.48 4.43
N ALA E 72 15.22 10.74 5.04
CA ALA E 72 15.33 10.62 6.49
C ALA E 72 14.51 11.71 7.18
N GLN E 73 14.56 12.94 6.67
CA GLN E 73 13.79 14.02 7.25
C GLN E 73 12.30 13.73 7.20
N SER E 74 11.82 13.06 6.15
CA SER E 74 10.43 12.65 6.09
C SER E 74 10.16 11.39 6.89
N GLY E 75 11.19 10.80 7.50
CA GLY E 75 11.00 9.66 8.39
C GLY E 75 10.93 8.31 7.70
N LEU E 76 11.50 8.18 6.51
CA LEU E 76 11.30 7.00 5.70
C LEU E 76 12.41 5.96 5.83
N LEU E 77 13.48 6.27 6.56
CA LEU E 77 14.63 5.38 6.64
C LEU E 77 14.87 4.96 8.08
N ALA E 78 15.38 3.74 8.24
CA ALA E 78 15.81 3.27 9.55
C ALA E 78 17.26 3.67 9.80
N GLU E 79 17.58 3.96 11.05
CA GLU E 79 18.96 4.31 11.37
C GLU E 79 19.85 3.10 11.13
N ILE E 80 21.05 3.36 10.60
CA ILE E 80 22.06 2.36 10.32
C ILE E 80 23.05 2.35 11.48
N THR E 81 23.26 1.18 12.08
CA THR E 81 24.10 1.04 13.29
C THR E 81 25.08 -0.11 13.12
N PRO E 82 26.09 0.05 12.27
CA PRO E 82 27.09 -1.02 12.12
C PRO E 82 28.04 -1.04 13.30
N ALA E 83 28.50 -2.25 13.63
CA ALA E 83 29.56 -2.38 14.62
C ALA E 83 30.80 -1.63 14.14
N ALA E 84 31.67 -1.29 15.08
CA ALA E 84 32.86 -0.51 14.75
C ALA E 84 33.76 -1.28 13.78
N ALA E 85 33.85 -2.60 13.95
CA ALA E 85 34.69 -3.41 13.06
C ALA E 85 34.21 -3.34 11.62
N PHE E 86 32.88 -3.37 11.42
CA PHE E 86 32.38 -3.25 10.06
C PHE E 86 32.58 -1.85 9.52
N GLN E 87 32.39 -0.84 10.36
CA GLN E 87 32.52 0.54 9.89
C GLN E 87 33.92 0.81 9.36
N ASP E 88 34.95 0.25 10.03
CA ASP E 88 36.32 0.46 9.61
C ASP E 88 36.64 -0.18 8.26
N LYS E 89 35.78 -1.06 7.75
CA LYS E 89 36.04 -1.67 6.44
C LYS E 89 35.69 -0.76 5.28
N LEU E 90 35.04 0.38 5.53
CA LEU E 90 34.68 1.34 4.50
C LEU E 90 35.44 2.64 4.70
N TYR E 91 35.71 3.34 3.61
CA TYR E 91 36.41 4.61 3.71
C TYR E 91 35.59 5.59 4.55
N PRO E 92 36.20 6.31 5.49
CA PRO E 92 35.43 7.24 6.33
C PRO E 92 34.64 8.26 5.53
N PHE E 93 35.17 8.78 4.42
CA PHE E 93 34.43 9.80 3.69
C PHE E 93 33.15 9.25 3.08
N THR E 94 33.07 7.94 2.81
CA THR E 94 31.82 7.39 2.30
C THR E 94 30.77 7.32 3.41
N TRP E 95 31.18 7.04 4.65
CA TRP E 95 30.24 7.16 5.76
C TRP E 95 29.78 8.60 5.92
N ASP E 96 30.68 9.57 5.71
CA ASP E 96 30.28 10.97 5.82
C ASP E 96 29.16 11.29 4.86
N ALA E 97 29.21 10.70 3.67
CA ALA E 97 28.21 10.98 2.66
C ALA E 97 26.81 10.59 3.11
N VAL E 98 26.69 9.58 3.96
CA VAL E 98 25.40 9.06 4.38
C VAL E 98 25.10 9.39 5.85
N ARG E 99 25.80 10.38 6.40
CA ARG E 99 25.49 10.86 7.75
C ARG E 99 24.62 12.10 7.63
N TYR E 100 23.53 12.12 8.40
CA TYR E 100 22.56 13.21 8.33
C TYR E 100 22.09 13.49 9.75
N ASN E 101 22.24 14.74 10.18
CA ASN E 101 21.90 15.15 11.53
C ASN E 101 22.51 14.20 12.56
N GLY E 102 23.75 13.81 12.31
CA GLY E 102 24.51 13.00 13.25
C GLY E 102 24.29 11.51 13.17
N LYS E 103 23.38 11.04 12.33
CA LYS E 103 23.01 9.64 12.27
C LYS E 103 23.34 9.08 10.89
N LEU E 104 23.80 7.83 10.86
CA LEU E 104 24.01 7.14 9.58
C LEU E 104 22.66 6.66 9.07
N ILE E 105 22.33 6.99 7.81
CA ILE E 105 21.01 6.70 7.28
C ILE E 105 21.05 5.77 6.08
N ALA E 106 22.21 5.23 5.76
CA ALA E 106 22.34 4.27 4.67
C ALA E 106 23.73 3.67 4.73
N TYR E 107 23.90 2.59 3.98
CA TYR E 107 25.22 2.00 3.77
C TYR E 107 25.80 2.56 2.49
N PRO E 108 27.02 3.08 2.51
CA PRO E 108 27.66 3.50 1.25
C PRO E 108 28.19 2.30 0.50
N ILE E 109 28.09 2.35 -0.84
CA ILE E 109 28.47 1.24 -1.71
C ILE E 109 29.61 1.65 -2.65
N ALA E 110 29.47 2.77 -3.33
CA ALA E 110 30.41 3.09 -4.40
C ALA E 110 30.41 4.59 -4.67
N VAL E 111 31.58 5.08 -5.08
CA VAL E 111 31.77 6.50 -5.40
C VAL E 111 31.70 6.67 -6.90
N GLU E 112 30.83 7.59 -7.35
CA GLU E 112 30.53 7.79 -8.76
C GLU E 112 30.96 9.19 -9.19
N ALA E 113 31.66 9.28 -10.30
CA ALA E 113 31.96 10.58 -10.89
C ALA E 113 31.94 10.47 -12.41
N LEU E 114 31.39 11.50 -13.04
CA LEU E 114 31.40 11.59 -14.50
C LEU E 114 32.81 11.78 -15.02
N SER E 115 33.08 11.21 -16.19
CA SER E 115 34.33 11.41 -16.89
C SER E 115 34.04 11.70 -18.35
N LEU E 116 35.06 12.15 -19.07
CA LEU E 116 34.98 12.24 -20.52
C LEU E 116 35.28 10.87 -21.11
N ILE E 117 34.38 10.36 -21.93
CA ILE E 117 34.58 9.09 -22.61
C ILE E 117 34.73 9.38 -24.10
N TYR E 118 35.81 8.85 -24.70
CA TYR E 118 36.13 9.22 -26.07
C TYR E 118 36.46 7.99 -26.90
N ASN E 119 36.14 8.07 -28.19
CA ASN E 119 36.38 7.01 -29.16
C ASN E 119 37.80 7.17 -29.68
N LYS E 120 38.69 6.25 -29.26
CA LYS E 120 40.11 6.39 -29.59
C LYS E 120 40.37 6.39 -31.09
N ASP E 121 39.56 5.67 -31.86
CA ASP E 121 39.82 5.57 -33.28
C ASP E 121 39.35 6.82 -34.02
N LEU E 122 38.25 7.44 -33.58
CA LEU E 122 37.86 8.71 -34.16
C LEU E 122 38.74 9.85 -33.68
N LEU E 123 39.29 9.72 -32.48
CA LEU E 123 39.86 10.86 -31.76
C LEU E 123 41.00 10.36 -30.89
N PRO E 124 42.17 10.10 -31.48
CA PRO E 124 43.29 9.60 -30.67
C PRO E 124 43.70 10.58 -29.58
N ASN E 125 43.39 11.87 -29.74
CA ASN E 125 43.85 12.94 -28.85
C ASN E 125 42.64 13.69 -28.33
N PRO E 126 42.09 13.30 -27.18
CA PRO E 126 40.87 13.96 -26.70
C PRO E 126 41.15 15.42 -26.39
N PRO E 127 40.12 16.26 -26.42
CA PRO E 127 40.31 17.70 -26.19
C PRO E 127 40.53 18.00 -24.70
N LYS E 128 41.52 18.83 -24.42
CA LYS E 128 41.76 19.24 -23.04
C LYS E 128 40.83 20.37 -22.59
N THR E 129 40.22 21.09 -23.54
CA THR E 129 39.38 22.25 -23.20
C THR E 129 38.02 22.11 -23.85
N TRP E 130 37.01 22.69 -23.20
CA TRP E 130 35.70 22.85 -23.83
C TRP E 130 35.79 23.78 -25.03
N GLU E 131 36.68 24.76 -24.98
CA GLU E 131 36.76 25.77 -26.02
C GLU E 131 37.13 25.19 -27.37
N GLU E 132 37.77 24.03 -27.41
CA GLU E 132 38.22 23.49 -28.68
C GLU E 132 37.21 22.54 -29.33
N ILE E 133 36.09 22.26 -28.68
CA ILE E 133 35.15 21.27 -29.18
C ILE E 133 34.46 21.77 -30.45
N PRO E 134 34.04 23.04 -30.53
CA PRO E 134 33.43 23.51 -31.79
C PRO E 134 34.28 23.21 -33.01
N ALA E 135 35.58 23.50 -32.97
CA ALA E 135 36.44 23.18 -34.11
C ALA E 135 36.55 21.68 -34.32
N LEU E 136 36.59 20.90 -33.22
CA LEU E 136 36.56 19.45 -33.34
C LEU E 136 35.30 19.01 -34.05
N ASP E 137 34.15 19.59 -33.68
CA ASP E 137 32.89 19.21 -34.29
C ASP E 137 32.87 19.54 -35.78
N LYS E 138 33.38 20.72 -36.15
CA LYS E 138 33.46 21.08 -37.56
C LYS E 138 34.23 20.01 -38.34
N GLU E 139 35.40 19.61 -37.83
CA GLU E 139 36.23 18.63 -38.51
C GLU E 139 35.53 17.28 -38.56
N LEU E 140 34.81 16.91 -37.50
CA LEU E 140 34.13 15.62 -37.48
C LEU E 140 32.88 15.62 -38.35
N LYS E 141 32.14 16.74 -38.36
CA LYS E 141 30.96 16.85 -39.22
C LYS E 141 31.32 16.65 -40.69
N ALA E 142 32.53 17.02 -41.10
CA ALA E 142 32.96 16.80 -42.46
C ALA E 142 33.10 15.32 -42.79
N LYS E 143 33.29 14.47 -41.78
CA LYS E 143 33.34 13.02 -41.94
C LYS E 143 32.04 12.34 -41.57
N GLY E 144 30.95 13.11 -41.43
CA GLY E 144 29.68 12.52 -41.05
C GLY E 144 29.56 12.12 -39.61
N LYS E 145 30.41 12.65 -38.73
CA LYS E 145 30.36 12.36 -37.30
C LYS E 145 30.09 13.65 -36.53
N SER E 146 29.99 13.52 -35.21
CA SER E 146 29.91 14.69 -34.34
C SER E 146 30.97 14.57 -33.25
N ALA E 147 31.24 15.70 -32.60
CA ALA E 147 32.29 15.70 -31.57
C ALA E 147 31.77 15.12 -30.26
N LEU E 148 30.58 15.53 -29.81
CA LEU E 148 30.18 15.29 -28.43
C LEU E 148 28.67 15.16 -28.28
N MET E 149 28.23 14.12 -27.60
CA MET E 149 26.82 13.98 -27.22
C MET E 149 26.73 13.43 -25.81
N PHE E 150 25.92 14.09 -24.98
CA PHE E 150 25.65 13.60 -23.63
C PHE E 150 24.26 14.07 -23.22
N ASN E 151 23.76 13.49 -22.13
CA ASN E 151 22.40 13.75 -21.65
C ASN E 151 22.21 15.21 -21.24
N LEU E 152 21.43 15.95 -22.02
CA LEU E 152 21.10 17.34 -21.72
C LEU E 152 19.80 17.47 -20.94
N GLN E 153 19.11 16.36 -20.69
CA GLN E 153 17.84 16.41 -19.96
C GLN E 153 18.01 16.25 -18.46
N GLU E 154 19.17 15.80 -17.98
CA GLU E 154 19.40 15.66 -16.55
C GLU E 154 20.53 16.60 -16.15
N PRO E 155 20.29 17.57 -15.25
CA PRO E 155 21.33 18.56 -14.94
C PRO E 155 22.61 17.96 -14.42
N TYR E 156 22.56 16.72 -13.92
CA TYR E 156 23.76 16.03 -13.45
C TYR E 156 24.89 16.10 -14.47
N PHE E 157 24.55 15.98 -15.76
CA PHE E 157 25.56 15.87 -16.81
C PHE E 157 26.11 17.23 -17.23
N THR E 158 25.30 18.28 -17.07
CA THR E 158 25.73 19.63 -17.39
C THR E 158 26.37 20.33 -16.20
N TRP E 159 26.11 19.86 -14.99
CA TRP E 159 26.67 20.54 -13.82
C TRP E 159 28.17 20.68 -13.85
N PRO E 160 28.96 19.72 -14.35
CA PRO E 160 30.42 19.90 -14.30
C PRO E 160 30.88 21.15 -15.03
N LEU E 161 30.24 21.47 -16.16
CA LEU E 161 30.60 22.66 -16.93
C LEU E 161 30.06 23.93 -16.26
N ILE E 162 28.85 23.86 -15.70
CA ILE E 162 28.30 25.02 -15.01
C ILE E 162 29.16 25.39 -13.81
N ALA E 163 29.61 24.38 -13.05
CA ALA E 163 30.39 24.64 -11.86
C ALA E 163 31.84 25.01 -12.16
N ALA E 164 32.31 24.80 -13.39
CA ALA E 164 33.73 24.98 -13.69
C ALA E 164 34.20 26.38 -13.32
N ASP E 165 33.53 27.40 -13.84
CA ASP E 165 33.96 28.78 -13.64
C ASP E 165 33.34 29.42 -12.40
N GLY E 166 32.69 28.65 -11.56
CA GLY E 166 32.15 29.25 -10.35
C GLY E 166 30.77 28.94 -9.86
N GLY E 167 30.00 28.20 -10.60
CA GLY E 167 28.68 27.88 -10.13
C GLY E 167 28.70 26.94 -8.93
N TYR E 168 27.75 27.10 -8.05
CA TYR E 168 27.67 26.24 -6.91
C TYR E 168 26.22 26.06 -6.52
N ALA E 169 25.91 24.98 -5.82
CA ALA E 169 24.57 24.74 -5.43
C ALA E 169 24.25 25.52 -4.17
N PHE E 170 24.78 25.11 -3.03
CA PHE E 170 24.55 25.82 -1.79
C PHE E 170 25.89 26.13 -1.19
N LYS E 171 26.07 27.37 -0.79
CA LYS E 171 27.32 27.75 -0.20
C LYS E 171 27.51 27.04 1.10
N TYR E 172 28.72 26.59 1.33
CA TYR E 172 29.04 25.89 2.52
C TYR E 172 29.76 26.83 3.44
N ALA E 173 29.18 27.07 4.60
CA ALA E 173 29.79 27.93 5.60
C ALA E 173 29.57 27.44 7.00
N ALA E 174 30.66 27.38 7.75
CA ALA E 174 30.68 26.97 9.15
C ALA E 174 30.10 25.62 9.39
N GLY E 175 30.45 24.66 8.57
CA GLY E 175 29.97 23.33 8.79
C GLY E 175 28.63 22.99 8.27
N LYS E 176 27.98 23.94 7.61
CA LYS E 176 26.68 23.72 7.14
C LYS E 176 26.47 24.32 5.77
N TYR E 177 25.55 23.76 5.02
CA TYR E 177 25.22 24.29 3.75
C TYR E 177 24.13 25.32 4.04
N ASP E 178 24.24 26.52 3.52
CA ASP E 178 23.23 27.55 3.74
C ASP E 178 22.23 27.47 2.63
N ILE E 179 21.03 27.09 2.96
CA ILE E 179 19.97 26.89 1.99
C ILE E 179 19.53 28.10 1.18
N LYS E 180 19.69 29.28 1.77
CA LYS E 180 19.31 30.53 1.17
C LYS E 180 20.40 31.11 0.29
N ASP E 181 21.53 30.45 0.18
CA ASP E 181 22.59 30.99 -0.62
C ASP E 181 22.97 30.07 -1.78
N VAL E 182 22.19 30.16 -2.83
CA VAL E 182 22.32 29.38 -4.03
C VAL E 182 23.20 30.08 -5.01
N GLY E 183 24.01 29.35 -5.74
CA GLY E 183 24.99 29.94 -6.64
C GLY E 183 24.81 29.57 -8.11
N VAL E 184 23.59 29.26 -8.52
CA VAL E 184 23.34 28.88 -9.91
C VAL E 184 23.15 30.07 -10.83
N ASP E 185 23.20 31.31 -10.30
CA ASP E 185 22.97 32.50 -11.10
C ASP E 185 24.17 33.45 -11.07
N ASN E 186 25.34 32.98 -10.64
CA ASN E 186 26.50 33.86 -10.61
C ASN E 186 27.21 33.86 -11.97
N ALA E 187 28.26 34.68 -12.07
CA ALA E 187 28.94 34.88 -13.34
C ALA E 187 29.48 33.57 -13.91
N GLY E 188 30.00 32.70 -13.04
CA GLY E 188 30.57 31.45 -13.52
C GLY E 188 29.52 30.49 -14.05
N ALA E 189 28.38 30.39 -13.35
CA ALA E 189 27.28 29.57 -13.84
C ALA E 189 26.75 30.11 -15.17
N LYS E 190 26.58 31.43 -15.27
CA LYS E 190 26.14 32.01 -16.54
C LYS E 190 27.08 31.64 -17.66
N ALA E 191 28.39 31.76 -17.42
CA ALA E 191 29.36 31.51 -18.48
C ALA E 191 29.32 30.06 -18.93
N GLY E 192 29.17 29.13 -17.99
CA GLY E 192 29.15 27.72 -18.35
C GLY E 192 27.93 27.34 -19.17
N LEU E 193 26.74 27.76 -18.71
CA LEU E 193 25.53 27.43 -19.47
C LEU E 193 25.50 28.16 -20.81
N THR E 194 25.95 29.42 -20.82
CA THR E 194 26.00 30.17 -22.08
C THR E 194 26.86 29.46 -23.10
N PHE E 195 27.96 28.86 -22.67
CA PHE E 195 28.80 28.11 -23.61
C PHE E 195 28.07 26.87 -24.11
N LEU E 196 27.32 26.19 -23.25
CA LEU E 196 26.57 25.02 -23.70
C LEU E 196 25.46 25.43 -24.66
N VAL E 197 24.72 26.51 -24.35
CA VAL E 197 23.70 27.02 -25.25
C VAL E 197 24.32 27.50 -26.56
N ASP E 198 25.52 28.07 -26.48
CA ASP E 198 26.21 28.51 -27.69
C ASP E 198 26.58 27.33 -28.58
N LEU E 199 27.00 26.21 -27.97
CA LEU E 199 27.22 24.99 -28.73
C LEU E 199 25.97 24.60 -29.51
N ILE E 200 24.80 24.69 -28.87
CA ILE E 200 23.56 24.33 -29.56
C ILE E 200 23.26 25.33 -30.68
N LYS E 201 23.36 26.62 -30.37
CA LYS E 201 23.08 27.64 -31.38
C LYS E 201 23.98 27.52 -32.60
N ASN E 202 25.22 27.08 -32.40
CA ASN E 202 26.16 26.87 -33.50
C ASN E 202 26.10 25.45 -34.08
N LYS E 203 25.09 24.67 -33.71
CA LYS E 203 24.80 23.36 -34.31
C LYS E 203 25.90 22.35 -34.04
N HIS E 204 26.53 22.43 -32.87
CA HIS E 204 27.45 21.41 -32.40
C HIS E 204 26.81 20.45 -31.41
N MET E 205 25.62 20.78 -30.91
CA MET E 205 24.83 19.87 -30.09
C MET E 205 23.36 20.18 -30.32
N ASN E 206 22.51 19.21 -29.96
CA ASN E 206 21.07 19.30 -30.09
C ASN E 206 20.44 19.36 -28.71
N ALA E 207 19.50 20.29 -28.53
CA ALA E 207 18.89 20.48 -27.22
C ALA E 207 18.12 19.26 -26.73
N ASP E 208 17.69 18.36 -27.63
CA ASP E 208 16.85 17.24 -27.21
C ASP E 208 17.63 15.96 -26.93
N THR E 209 18.96 15.98 -27.03
CA THR E 209 19.74 14.78 -26.74
C THR E 209 19.55 14.35 -25.29
N ASP E 210 19.15 13.08 -25.09
CA ASP E 210 18.97 12.56 -23.74
C ASP E 210 19.91 11.38 -23.50
N TYR E 211 19.66 10.59 -22.45
CA TYR E 211 20.58 9.51 -22.12
C TYR E 211 20.66 8.47 -23.23
N SER E 212 19.50 7.95 -23.67
CA SER E 212 19.51 6.89 -24.67
C SER E 212 20.10 7.37 -26.00
N ILE E 213 19.80 8.60 -26.40
CA ILE E 213 20.26 9.11 -27.68
C ILE E 213 21.79 9.26 -27.67
N ALA E 214 22.32 9.85 -26.59
CA ALA E 214 23.76 9.98 -26.48
C ALA E 214 24.44 8.63 -26.38
N GLU E 215 23.88 7.70 -25.60
CA GLU E 215 24.52 6.40 -25.42
C GLU E 215 24.56 5.62 -26.71
N ALA E 216 23.49 5.67 -27.51
CA ALA E 216 23.46 4.92 -28.76
C ALA E 216 24.41 5.52 -29.76
N ALA E 217 24.40 6.85 -29.89
CA ALA E 217 25.31 7.53 -30.82
C ALA E 217 26.76 7.18 -30.51
N PHE E 218 27.15 7.20 -29.23
CA PHE E 218 28.56 6.93 -28.91
C PHE E 218 28.92 5.47 -29.17
N ASN E 219 28.07 4.55 -28.70
CA ASN E 219 28.33 3.12 -28.84
C ASN E 219 28.20 2.63 -30.27
N LYS E 220 27.59 3.42 -31.15
CA LYS E 220 27.54 3.12 -32.58
C LYS E 220 28.64 3.82 -33.36
N GLY E 221 29.53 4.57 -32.70
CA GLY E 221 30.60 5.24 -33.42
C GLY E 221 30.21 6.47 -34.19
N GLU E 222 29.09 7.11 -33.83
CA GLU E 222 28.60 8.29 -34.55
C GLU E 222 29.09 9.59 -33.91
N THR E 223 29.38 9.58 -32.62
CA THR E 223 29.92 10.75 -31.95
C THR E 223 31.23 10.39 -31.27
N ALA E 224 32.19 11.31 -31.31
CA ALA E 224 33.55 11.06 -30.82
C ALA E 224 33.63 11.01 -29.31
N MET E 225 32.70 11.64 -28.60
CA MET E 225 32.83 11.74 -27.16
C MET E 225 31.45 11.72 -26.53
N THR E 226 31.42 11.28 -25.27
CA THR E 226 30.25 11.44 -24.44
C THR E 226 30.72 11.73 -23.03
N ILE E 227 29.78 12.03 -22.14
CA ILE E 227 30.05 12.27 -20.75
C ILE E 227 29.15 11.33 -19.95
N ASN E 228 29.75 10.48 -19.11
CA ASN E 228 28.97 9.47 -18.41
C ASN E 228 29.79 8.92 -17.26
N GLY E 229 29.13 8.07 -16.46
CA GLY E 229 29.75 7.47 -15.31
C GLY E 229 30.13 6.02 -15.55
N PRO E 230 30.74 5.38 -14.55
CA PRO E 230 31.24 4.01 -14.76
C PRO E 230 30.17 2.98 -15.12
N TRP E 231 28.91 3.22 -14.75
CA TRP E 231 27.85 2.29 -15.14
C TRP E 231 27.74 2.14 -16.64
N ALA E 232 28.19 3.15 -17.39
CA ALA E 232 28.06 3.12 -18.84
C ALA E 232 29.07 2.21 -19.52
N TRP E 233 30.14 1.81 -18.81
CA TRP E 233 31.28 1.21 -19.51
C TRP E 233 30.95 -0.14 -20.09
N SER E 234 30.13 -0.93 -19.39
CA SER E 234 29.86 -2.29 -19.85
C SER E 234 29.22 -2.31 -21.23
N ASN E 235 28.30 -1.37 -21.51
CA ASN E 235 27.69 -1.32 -22.83
C ASN E 235 28.69 -0.91 -23.89
N ILE E 236 29.69 -0.10 -23.54
CA ILE E 236 30.70 0.26 -24.54
C ILE E 236 31.62 -0.93 -24.82
N ASP E 237 31.97 -1.70 -23.79
CA ASP E 237 32.77 -2.91 -23.99
C ASP E 237 32.13 -3.84 -25.02
N THR E 238 30.82 -4.01 -24.94
CA THR E 238 30.13 -4.92 -25.87
C THR E 238 30.05 -4.32 -27.26
N SER E 239 30.08 -3.00 -27.36
CA SER E 239 30.08 -2.34 -28.66
C SER E 239 31.44 -2.50 -29.35
N ALA E 240 31.50 -2.05 -30.59
CA ALA E 240 32.73 -2.13 -31.37
C ALA E 240 33.68 -0.98 -31.11
N VAL E 241 33.37 -0.12 -30.14
CA VAL E 241 34.08 1.13 -29.94
C VAL E 241 35.29 0.89 -29.03
N ASN E 242 36.46 1.34 -29.47
CA ASN E 242 37.64 1.36 -28.60
C ASN E 242 37.68 2.71 -27.91
N TYR E 243 37.50 2.72 -26.60
CA TYR E 243 37.27 3.97 -25.90
C TYR E 243 38.32 4.18 -24.82
N GLY E 244 38.52 5.45 -24.49
CA GLY E 244 39.25 5.83 -23.30
C GLY E 244 38.34 6.55 -22.34
N VAL E 245 38.77 6.65 -21.08
CA VAL E 245 38.09 7.42 -20.05
C VAL E 245 39.12 8.38 -19.47
N THR E 246 38.79 9.67 -19.44
CA THR E 246 39.81 10.64 -19.07
C THR E 246 39.18 11.84 -18.38
N VAL E 247 40.02 12.81 -18.05
CA VAL E 247 39.60 13.99 -17.32
C VAL E 247 38.65 14.80 -18.18
N LEU E 248 37.60 15.34 -17.55
CA LEU E 248 36.72 16.24 -18.26
C LEU E 248 37.51 17.44 -18.79
N PRO E 249 37.05 18.06 -19.87
CA PRO E 249 37.77 19.22 -20.40
C PRO E 249 37.67 20.42 -19.46
N THR E 250 38.70 21.26 -19.50
CA THR E 250 38.65 22.49 -18.73
C THR E 250 37.75 23.53 -19.42
N PHE E 251 37.29 24.49 -18.63
CA PHE E 251 36.51 25.61 -19.15
C PHE E 251 37.05 26.90 -18.56
N LYS E 252 37.36 27.85 -19.43
CA LYS E 252 38.05 29.07 -19.01
C LYS E 252 39.29 28.72 -18.19
N GLY E 253 39.97 27.65 -18.61
CA GLY E 253 41.17 27.19 -17.95
C GLY E 253 40.95 26.51 -16.62
N GLN E 254 39.72 26.30 -16.23
CA GLN E 254 39.47 25.68 -14.93
C GLN E 254 38.93 24.26 -15.10
N PRO E 255 39.19 23.38 -14.14
CA PRO E 255 38.68 22.01 -14.24
C PRO E 255 37.16 21.99 -14.28
N SER E 256 36.60 21.07 -15.07
CA SER E 256 35.21 20.70 -14.89
C SER E 256 35.06 20.06 -13.52
N LYS E 257 33.95 20.36 -12.84
CA LYS E 257 33.77 20.00 -11.42
C LYS E 257 32.49 19.19 -11.26
N PRO E 258 32.54 17.88 -11.51
CA PRO E 258 31.32 17.08 -11.40
C PRO E 258 30.88 16.95 -9.95
N PHE E 259 29.56 16.89 -9.76
CA PHE E 259 29.01 16.54 -8.46
C PHE E 259 29.22 15.05 -8.22
N VAL E 260 29.85 14.69 -7.12
CA VAL E 260 30.27 13.32 -6.83
C VAL E 260 29.21 12.65 -5.96
N GLY E 261 28.71 11.50 -6.41
CA GLY E 261 27.64 10.79 -5.74
C GLY E 261 28.16 9.49 -5.17
N VAL E 262 27.66 9.12 -4.00
CA VAL E 262 27.98 7.83 -3.38
C VAL E 262 26.72 6.98 -3.48
N LEU E 263 26.76 5.94 -4.32
CA LEU E 263 25.64 5.01 -4.38
C LEU E 263 25.48 4.36 -3.02
N SER E 264 24.26 4.43 -2.49
CA SER E 264 24.02 4.03 -1.11
C SER E 264 22.75 3.19 -1.05
N ALA E 265 22.61 2.46 0.06
CA ALA E 265 21.47 1.57 0.27
C ALA E 265 20.86 1.90 1.63
N GLY E 266 19.63 2.43 1.63
CA GLY E 266 18.89 2.65 2.85
C GLY E 266 17.89 1.53 3.12
N ILE E 267 17.45 1.45 4.37
CA ILE E 267 16.47 0.45 4.80
C ILE E 267 15.17 1.19 5.10
N ASN E 268 14.09 0.76 4.45
CA ASN E 268 12.78 1.35 4.70
C ASN E 268 12.42 1.27 6.19
N ALA E 269 12.03 2.40 6.76
CA ALA E 269 11.58 2.40 8.16
C ALA E 269 10.38 1.48 8.35
N ALA E 270 9.60 1.25 7.29
CA ALA E 270 8.40 0.43 7.37
C ALA E 270 8.68 -1.06 7.16
N SER E 271 9.92 -1.44 6.87
CA SER E 271 10.23 -2.83 6.59
C SER E 271 10.06 -3.69 7.83
N PRO E 272 9.36 -4.82 7.75
CA PRO E 272 9.39 -5.81 8.83
C PRO E 272 10.62 -6.69 8.81
N ASN E 273 11.60 -6.39 7.95
CA ASN E 273 12.75 -7.24 7.71
C ASN E 273 14.07 -6.53 8.00
N LYS E 274 14.07 -5.59 8.94
CA LYS E 274 15.25 -4.73 9.09
C LYS E 274 16.50 -5.52 9.44
N GLU E 275 16.37 -6.56 10.27
CA GLU E 275 17.56 -7.35 10.59
C GLU E 275 18.07 -8.10 9.37
N LEU E 276 17.18 -8.68 8.57
CA LEU E 276 17.61 -9.36 7.35
C LEU E 276 18.24 -8.39 6.37
N ALA E 277 17.69 -7.18 6.27
CA ALA E 277 18.27 -6.19 5.38
C ALA E 277 19.70 -5.82 5.80
N LYS E 278 19.91 -5.60 7.10
CA LYS E 278 21.25 -5.29 7.57
C LYS E 278 22.21 -6.43 7.31
N GLU E 279 21.76 -7.67 7.53
CA GLU E 279 22.61 -8.83 7.28
C GLU E 279 22.94 -8.95 5.79
N PHE E 280 21.94 -8.77 4.91
CA PHE E 280 22.21 -8.82 3.48
C PHE E 280 23.26 -7.78 3.08
N LEU E 281 23.06 -6.52 3.50
CA LEU E 281 23.98 -5.46 3.07
C LEU E 281 25.36 -5.64 3.67
N GLU E 282 25.43 -5.94 4.98
CA GLU E 282 26.73 -5.99 5.64
C GLU E 282 27.49 -7.26 5.29
N ASN E 283 26.82 -8.41 5.28
CA ASN E 283 27.51 -9.69 5.13
C ASN E 283 27.43 -10.30 3.75
N TYR E 284 26.60 -9.75 2.84
CA TYR E 284 26.60 -10.30 1.49
C TYR E 284 26.96 -9.27 0.43
N LEU E 285 26.35 -8.07 0.46
CA LEU E 285 26.64 -7.11 -0.60
C LEU E 285 28.00 -6.45 -0.39
N LEU E 286 28.26 -5.95 0.82
CA LEU E 286 29.50 -5.23 1.10
C LEU E 286 30.62 -6.20 1.45
N THR E 287 30.85 -7.12 0.52
CA THR E 287 31.97 -8.06 0.55
C THR E 287 32.64 -8.01 -0.82
N ASP E 288 33.85 -8.56 -0.88
CA ASP E 288 34.54 -8.61 -2.18
C ASP E 288 33.68 -9.32 -3.21
N GLU E 289 33.13 -10.48 -2.85
CA GLU E 289 32.36 -11.26 -3.81
C GLU E 289 31.04 -10.58 -4.16
N GLY E 290 30.40 -9.94 -3.19
CA GLY E 290 29.14 -9.27 -3.48
C GLY E 290 29.31 -8.09 -4.42
N LEU E 291 30.27 -7.21 -4.12
CA LEU E 291 30.51 -6.07 -5.00
C LEU E 291 30.97 -6.53 -6.38
N GLU E 292 31.81 -7.55 -6.44
CA GLU E 292 32.24 -8.08 -7.74
C GLU E 292 31.03 -8.45 -8.60
N ALA E 293 30.09 -9.20 -8.01
CA ALA E 293 28.95 -9.67 -8.79
C ALA E 293 28.16 -8.49 -9.37
N VAL E 294 27.99 -7.43 -8.59
CA VAL E 294 27.30 -6.25 -9.13
C VAL E 294 28.18 -5.56 -10.16
N ASN E 295 29.46 -5.38 -9.84
CA ASN E 295 30.38 -4.63 -10.69
C ASN E 295 30.49 -5.26 -12.08
N LYS E 296 30.56 -6.59 -12.14
CA LYS E 296 30.63 -7.28 -13.42
C LYS E 296 29.37 -7.10 -14.26
N ASP E 297 28.27 -6.67 -13.65
CA ASP E 297 27.07 -6.36 -14.43
C ASP E 297 27.16 -4.97 -15.03
N LYS E 298 27.20 -3.95 -14.17
CA LYS E 298 27.54 -2.58 -14.56
C LYS E 298 28.57 -2.10 -13.55
N PRO E 299 29.70 -1.54 -14.00
CA PRO E 299 30.73 -1.10 -13.04
C PRO E 299 30.17 -0.12 -12.03
N LEU E 300 30.58 -0.30 -10.76
CA LEU E 300 30.09 0.54 -9.68
C LEU E 300 30.84 1.86 -9.56
N GLY E 301 32.06 1.94 -10.05
CA GLY E 301 32.93 3.06 -9.73
C GLY E 301 33.95 2.68 -8.67
N ALA E 302 34.30 3.61 -7.79
CA ALA E 302 35.26 3.33 -6.74
C ALA E 302 34.49 2.89 -5.50
N VAL E 303 34.61 1.61 -5.14
CA VAL E 303 33.71 1.08 -4.13
C VAL E 303 34.13 1.56 -2.74
N ALA E 304 33.16 1.56 -1.82
CA ALA E 304 33.41 2.03 -0.47
C ALA E 304 34.21 1.01 0.33
N LEU E 305 34.12 -0.27 -0.02
CA LEU E 305 34.83 -1.33 0.68
C LEU E 305 36.31 -1.29 0.33
N LYS E 306 37.15 -1.00 1.32
CA LYS E 306 38.56 -0.76 1.05
C LYS E 306 39.22 -1.97 0.39
N SER E 307 38.90 -3.18 0.88
CA SER E 307 39.58 -4.38 0.39
C SER E 307 39.35 -4.58 -1.10
N TYR E 308 38.13 -4.34 -1.58
CA TYR E 308 37.85 -4.51 -3.00
C TYR E 308 38.28 -3.30 -3.83
N GLU E 309 38.25 -2.10 -3.25
CA GLU E 309 38.71 -0.93 -3.99
C GLU E 309 40.20 -1.00 -4.28
N GLU E 310 40.95 -1.70 -3.43
CA GLU E 310 42.37 -1.93 -3.68
C GLU E 310 42.60 -2.61 -5.02
N GLU E 311 41.66 -3.45 -5.46
CA GLU E 311 41.78 -4.09 -6.77
C GLU E 311 41.26 -3.17 -7.86
N LEU E 312 40.06 -2.61 -7.69
CA LEU E 312 39.51 -1.73 -8.72
C LEU E 312 40.39 -0.51 -8.97
N ALA E 313 41.19 -0.10 -7.98
CA ALA E 313 42.03 1.09 -8.13
C ALA E 313 43.07 0.92 -9.23
N LYS E 314 43.41 -0.31 -9.61
CA LYS E 314 44.39 -0.56 -10.65
C LYS E 314 43.83 -0.33 -12.05
N ASP E 315 42.53 -0.13 -12.19
CA ASP E 315 41.90 0.05 -13.49
C ASP E 315 42.03 1.51 -13.89
N PRO E 316 42.73 1.84 -14.98
CA PRO E 316 42.92 3.27 -15.32
C PRO E 316 41.62 4.01 -15.53
N ARG E 317 40.53 3.32 -15.88
CA ARG E 317 39.24 3.99 -15.93
C ARG E 317 38.80 4.46 -14.55
N ILE E 318 39.14 3.71 -13.50
CA ILE E 318 38.80 4.10 -12.14
C ILE E 318 39.70 5.23 -11.67
N ALA E 319 40.98 5.17 -12.02
CA ALA E 319 41.86 6.30 -11.72
C ALA E 319 41.34 7.57 -12.37
N ALA E 320 40.86 7.49 -13.62
CA ALA E 320 40.27 8.66 -14.26
C ALA E 320 39.01 9.11 -13.54
N THR E 321 38.12 8.16 -13.23
CA THR E 321 36.94 8.47 -12.42
C THR E 321 37.31 9.26 -11.17
N MET E 322 38.32 8.77 -10.43
CA MET E 322 38.73 9.43 -9.20
C MET E 322 39.51 10.72 -9.47
N GLU E 323 40.27 10.78 -10.58
CA GLU E 323 40.87 12.05 -10.96
C GLU E 323 39.80 13.12 -11.12
N ASN E 324 38.69 12.78 -11.81
CA ASN E 324 37.59 13.72 -11.95
C ASN E 324 36.89 13.96 -10.62
N ALA E 325 36.70 12.91 -9.82
CA ALA E 325 36.05 13.08 -8.52
C ALA E 325 36.82 14.05 -7.64
N GLN E 326 38.15 14.00 -7.69
CA GLN E 326 38.94 14.91 -6.85
C GLN E 326 38.73 16.36 -7.26
N LYS E 327 38.56 16.62 -8.56
CA LYS E 327 38.32 17.96 -9.06
C LYS E 327 36.91 18.46 -8.79
N GLY E 328 35.96 17.57 -8.56
CA GLY E 328 34.60 17.95 -8.22
C GLY E 328 34.38 18.00 -6.72
N GLU E 329 33.12 17.80 -6.31
CA GLU E 329 32.75 17.86 -4.91
C GLU E 329 31.70 16.81 -4.60
N ILE E 330 31.76 16.28 -3.38
CA ILE E 330 30.71 15.41 -2.89
C ILE E 330 29.40 16.20 -2.83
N MET E 331 28.32 15.59 -3.31
CA MET E 331 27.03 16.26 -3.21
C MET E 331 26.62 16.40 -1.75
N PRO E 332 25.94 17.50 -1.39
CA PRO E 332 25.20 17.53 -0.14
C PRO E 332 24.16 16.42 -0.12
N ASN E 333 23.74 16.02 1.07
CA ASN E 333 22.64 15.08 1.20
C ASN E 333 21.40 15.72 1.82
N ILE E 334 21.38 17.04 1.93
CA ILE E 334 20.31 17.75 2.64
C ILE E 334 18.99 17.62 1.87
N PRO E 335 17.85 17.79 2.54
CA PRO E 335 16.55 17.64 1.85
C PRO E 335 16.39 18.58 0.68
N GLN E 336 16.87 19.82 0.78
CA GLN E 336 16.66 20.78 -0.30
C GLN E 336 17.37 20.39 -1.59
N MET E 337 18.15 19.30 -1.60
CA MET E 337 18.84 18.90 -2.80
C MET E 337 17.87 18.63 -3.95
N SER E 338 16.74 18.00 -3.66
CA SER E 338 15.80 17.67 -4.73
C SER E 338 15.24 18.93 -5.39
N ALA E 339 14.97 19.97 -4.59
CA ALA E 339 14.51 21.23 -5.17
C ALA E 339 15.60 21.90 -6.00
N PHE E 340 16.85 21.81 -5.55
CA PHE E 340 17.96 22.32 -6.35
C PHE E 340 17.99 21.65 -7.72
N TRP E 341 17.86 20.32 -7.74
CA TRP E 341 17.96 19.60 -8.99
C TRP E 341 16.80 19.95 -9.92
N TYR E 342 15.58 20.02 -9.38
CA TYR E 342 14.45 20.44 -10.21
C TYR E 342 14.72 21.81 -10.83
N ALA E 343 15.24 22.75 -10.04
CA ALA E 343 15.47 24.09 -10.55
C ALA E 343 16.50 24.08 -11.67
N VAL E 344 17.64 23.43 -11.44
CA VAL E 344 18.67 23.39 -12.47
C VAL E 344 18.18 22.61 -13.68
N ARG E 345 17.44 21.53 -13.47
CA ARG E 345 16.91 20.77 -14.61
C ARG E 345 16.09 21.68 -15.51
N THR E 346 15.16 22.44 -14.92
CA THR E 346 14.30 23.32 -15.71
C THR E 346 15.11 24.40 -16.42
N ALA E 347 16.08 25.00 -15.72
CA ALA E 347 16.85 26.09 -16.33
C ALA E 347 17.65 25.60 -17.53
N VAL E 348 18.20 24.37 -17.45
CA VAL E 348 19.02 23.88 -18.56
C VAL E 348 18.15 23.57 -19.77
N ILE E 349 17.00 22.92 -19.56
CA ILE E 349 16.14 22.55 -20.68
C ILE E 349 15.59 23.79 -21.37
N ASN E 350 15.11 24.77 -20.58
CA ASN E 350 14.52 25.96 -21.16
C ASN E 350 15.54 26.81 -21.89
N ALA E 351 16.78 26.86 -21.38
CA ALA E 351 17.82 27.63 -22.06
C ALA E 351 18.32 26.88 -23.30
N ALA E 352 18.46 25.56 -23.21
CA ALA E 352 18.87 24.77 -24.36
C ALA E 352 17.84 24.85 -25.48
N SER E 353 16.55 24.91 -25.12
CA SER E 353 15.49 24.93 -26.11
C SER E 353 15.27 26.32 -26.72
N GLY E 354 15.77 27.37 -26.08
CA GLY E 354 15.47 28.73 -26.48
C GLY E 354 14.25 29.32 -25.81
N ARG E 355 13.49 28.53 -25.04
CA ARG E 355 12.31 29.06 -24.37
C ARG E 355 12.66 30.26 -23.51
N GLN E 356 13.86 30.29 -22.94
CA GLN E 356 14.30 31.38 -22.07
C GLN E 356 15.76 31.66 -22.34
N THR E 357 16.17 32.91 -22.10
CA THR E 357 17.58 33.24 -22.14
C THR E 357 18.30 32.55 -20.98
N VAL E 358 19.63 32.54 -21.06
CA VAL E 358 20.42 31.96 -19.98
C VAL E 358 20.20 32.74 -18.69
N ASP E 359 20.20 34.08 -18.78
CA ASP E 359 20.09 34.90 -17.58
C ASP E 359 18.72 34.73 -16.91
N ALA E 360 17.65 34.61 -17.70
CA ALA E 360 16.32 34.47 -17.13
C ALA E 360 16.09 33.07 -16.59
N ALA E 361 16.61 32.05 -17.28
CA ALA E 361 16.47 30.69 -16.80
C ALA E 361 17.15 30.52 -15.44
N LEU E 362 18.36 31.06 -15.29
CA LEU E 362 19.12 30.85 -14.06
C LEU E 362 18.64 31.73 -12.92
N ALA E 363 18.21 32.97 -13.23
CA ALA E 363 17.64 33.81 -12.17
C ALA E 363 16.44 33.13 -11.53
N ALA E 364 15.62 32.46 -12.33
CA ALA E 364 14.48 31.71 -11.79
C ALA E 364 14.94 30.48 -11.03
N ALA E 365 15.98 29.80 -11.53
CA ALA E 365 16.50 28.63 -10.82
C ALA E 365 17.06 29.03 -9.46
N GLN E 366 17.83 30.11 -9.41
CA GLN E 366 18.36 30.57 -8.13
C GLN E 366 17.24 30.85 -7.14
N THR E 367 16.09 31.32 -7.61
CA THR E 367 14.95 31.55 -6.73
C THR E 367 14.21 30.25 -6.43
N ASN E 368 14.05 29.39 -7.44
CA ASN E 368 13.33 28.14 -7.22
C ASN E 368 14.11 27.18 -6.34
N ALA E 369 15.45 27.20 -6.42
CA ALA E 369 16.24 26.22 -5.69
C ALA E 369 16.14 26.43 -4.19
N ALA E 370 15.85 27.64 -3.74
CA ALA E 370 15.74 27.95 -2.33
C ALA E 370 14.30 27.91 -1.83
N ARG E 371 13.37 27.42 -2.64
CA ARG E 371 11.96 27.39 -2.28
C ARG E 371 11.61 26.10 -1.56
N ARG E 372 10.90 26.22 -0.44
CA ARG E 372 10.38 25.08 0.28
C ARG E 372 9.24 24.45 -0.51
N LYS E 373 9.28 23.15 -0.69
CA LYS E 373 8.20 22.48 -1.40
C LYS E 373 6.98 22.35 -0.50
N PRO E 374 5.78 22.72 -0.97
CA PRO E 374 4.58 22.52 -0.17
C PRO E 374 4.17 21.06 -0.13
N SER E 375 3.63 20.61 0.99
CA SER E 375 3.21 19.23 1.08
C SER E 375 1.97 18.92 0.23
N TRP E 376 1.69 17.64 0.01
CA TRP E 376 0.48 17.27 -0.72
C TRP E 376 -0.70 17.73 0.08
N ARG E 377 -0.67 17.58 1.40
CA ARG E 377 -1.67 18.14 2.25
C ARG E 377 -1.75 19.63 1.95
N GLU E 378 -0.67 20.40 2.11
CA GLU E 378 -0.60 21.83 1.86
C GLU E 378 -1.24 22.21 0.53
N ARG E 379 -0.95 21.44 -0.53
CA ARG E 379 -1.56 21.68 -1.83
C ARG E 379 -3.07 21.55 -1.78
N GLU E 380 -3.59 20.53 -1.10
CA GLU E 380 -5.03 20.26 -1.11
C GLU E 380 -5.79 21.42 -0.49
N ASN E 381 -5.30 21.98 0.63
CA ASN E 381 -5.98 23.11 1.25
C ASN E 381 -6.09 24.29 0.29
N ASN E 382 -5.03 24.58 -0.48
CA ASN E 382 -5.09 25.70 -1.41
C ASN E 382 -6.05 25.42 -2.56
N ARG E 383 -6.14 24.16 -3.00
CA ARG E 383 -7.18 23.79 -3.95
C ARG E 383 -8.57 24.08 -3.37
N ARG E 384 -8.83 23.69 -2.12
CA ARG E 384 -10.09 24.01 -1.47
C ARG E 384 -10.44 25.48 -1.63
N ARG E 385 -9.52 26.35 -1.19
CA ARG E 385 -9.79 27.78 -1.16
C ARG E 385 -10.28 28.28 -2.51
N GLU E 386 -9.61 27.87 -3.60
CA GLU E 386 -9.98 28.36 -4.92
C GLU E 386 -11.26 27.69 -5.42
N ARG E 387 -11.49 26.41 -5.05
CA ARG E 387 -12.81 25.80 -5.26
C ARG E 387 -13.87 26.53 -4.44
N ARG E 388 -13.57 26.82 -3.17
CA ARG E 388 -14.42 27.65 -2.33
C ARG E 388 -14.67 29.02 -2.98
N ARG E 389 -13.63 29.64 -3.52
CA ARG E 389 -13.70 31.04 -3.91
C ARG E 389 -14.60 31.26 -5.11
N ARG E 390 -14.49 30.41 -6.09
CA ARG E 390 -15.29 30.59 -7.28
C ARG E 390 -16.75 30.34 -6.97
N ALA E 391 -17.00 29.43 -6.05
CA ALA E 391 -18.37 29.14 -5.68
C ALA E 391 -19.08 30.34 -5.07
N VAL E 392 -18.41 31.05 -4.15
CA VAL E 392 -19.01 32.18 -3.48
C VAL E 392 -19.38 33.18 -4.52
N ALA E 393 -18.42 33.49 -5.37
CA ALA E 393 -18.76 34.31 -6.54
C ALA E 393 -19.94 33.70 -7.30
N ALA E 394 -19.91 32.38 -7.54
CA ALA E 394 -20.99 31.72 -8.25
C ALA E 394 -22.34 31.96 -7.57
N LYS E 395 -22.39 31.79 -6.26
CA LYS E 395 -23.66 31.91 -5.54
C LYS E 395 -24.21 33.32 -5.62
N ILE E 396 -23.35 34.33 -5.41
CA ILE E 396 -23.80 35.71 -5.56
C ILE E 396 -24.50 35.89 -6.90
N TYR E 397 -23.86 35.42 -7.98
CA TYR E 397 -24.45 35.53 -9.29
C TYR E 397 -25.74 34.74 -9.39
N THR E 398 -25.75 33.52 -8.85
CA THR E 398 -26.97 32.70 -8.87
C THR E 398 -28.12 33.42 -8.16
N GLY E 399 -27.87 33.90 -6.95
CA GLY E 399 -28.91 34.63 -6.23
C GLY E 399 -29.35 35.89 -6.95
N LEU E 400 -28.43 36.56 -7.64
CA LEU E 400 -28.81 37.75 -8.41
C LEU E 400 -29.64 37.35 -9.62
N ARG E 401 -29.19 36.34 -10.37
CA ARG E 401 -29.96 35.87 -11.51
C ARG E 401 -31.36 35.44 -11.09
N ALA E 402 -31.44 34.53 -10.11
CA ALA E 402 -32.72 33.93 -9.76
C ALA E 402 -33.77 34.97 -9.39
N GLN E 403 -33.42 35.89 -8.49
CA GLN E 403 -34.42 36.81 -7.95
C GLN E 403 -33.96 38.27 -8.03
N GLY E 404 -33.16 38.54 -9.04
CA GLY E 404 -32.65 39.87 -9.23
C GLY E 404 -33.42 40.62 -10.28
N ASP E 405 -33.84 39.88 -11.31
CA ASP E 405 -34.67 40.38 -12.39
C ASP E 405 -34.11 41.65 -12.96
N TYR E 406 -32.99 41.61 -13.63
CA TYR E 406 -32.40 42.87 -14.07
C TYR E 406 -32.63 43.31 -15.49
N ASN E 407 -33.53 42.60 -16.16
CA ASN E 407 -33.97 42.86 -17.53
C ASN E 407 -32.87 42.55 -18.49
N LEU E 408 -32.24 41.46 -18.21
CA LEU E 408 -31.12 41.03 -19.03
C LEU E 408 -31.55 39.89 -19.93
N PRO E 409 -30.73 39.55 -20.93
CA PRO E 409 -31.06 38.40 -21.77
C PRO E 409 -30.85 37.12 -20.98
N LYS E 410 -31.73 36.15 -21.20
CA LYS E 410 -31.59 34.87 -20.50
C LYS E 410 -30.24 34.24 -20.85
N HIS E 411 -29.61 33.66 -19.83
CA HIS E 411 -28.30 33.01 -20.00
C HIS E 411 -27.22 34.02 -20.37
N CYS E 412 -27.32 35.23 -19.82
CA CYS E 412 -26.27 36.22 -19.98
C CYS E 412 -25.09 35.90 -19.06
N ASP E 413 -23.91 36.37 -19.45
CA ASP E 413 -22.71 36.06 -18.69
C ASP E 413 -22.69 36.83 -17.37
N ASN E 414 -21.78 36.42 -16.49
CA ASN E 414 -21.68 37.04 -15.16
C ASN E 414 -21.38 38.52 -15.27
N ASN E 415 -20.49 38.91 -16.19
CA ASN E 415 -20.09 40.31 -16.29
C ASN E 415 -21.30 41.21 -16.54
N GLU E 416 -22.25 40.75 -17.36
CA GLU E 416 -23.45 41.56 -17.61
C GLU E 416 -24.35 41.63 -16.38
N VAL E 417 -24.34 40.59 -15.54
CA VAL E 417 -25.06 40.66 -14.27
C VAL E 417 -24.42 41.70 -13.37
N LEU E 418 -23.09 41.68 -13.28
CA LEU E 418 -22.38 42.66 -12.47
C LEU E 418 -22.80 44.09 -12.82
N LYS E 419 -22.93 44.38 -14.11
CA LYS E 419 -23.31 45.72 -14.54
C LYS E 419 -24.73 46.06 -14.10
N ALA E 420 -25.65 45.08 -14.14
CA ALA E 420 -27.01 45.34 -13.70
C ALA E 420 -27.06 45.65 -12.22
N LEU E 421 -26.25 44.95 -11.42
CA LEU E 421 -26.11 45.31 -10.02
C LEU E 421 -25.45 46.68 -9.85
N CYS E 422 -24.52 47.02 -10.73
CA CYS E 422 -23.84 48.31 -10.64
C CYS E 422 -24.82 49.46 -10.89
N VAL E 423 -25.53 49.43 -12.03
CA VAL E 423 -26.52 50.48 -12.30
C VAL E 423 -27.58 50.50 -11.22
N GLU E 424 -27.75 49.39 -10.52
CA GLU E 424 -28.71 49.37 -9.46
C GLU E 424 -28.18 50.28 -8.38
N ALA E 425 -26.87 50.31 -8.24
CA ALA E 425 -26.21 51.08 -7.22
C ALA E 425 -25.89 52.52 -7.61
N GLY E 426 -26.29 52.89 -8.80
CA GLY E 426 -26.07 54.25 -9.23
C GLY E 426 -24.82 54.36 -10.01
N TRP E 427 -24.26 53.23 -10.34
CA TRP E 427 -23.03 53.25 -11.09
C TRP E 427 -23.32 53.27 -12.60
N VAL E 428 -22.26 53.41 -13.35
CA VAL E 428 -22.32 53.36 -14.79
C VAL E 428 -21.16 52.46 -15.22
N VAL E 429 -21.33 51.60 -16.20
CA VAL E 429 -20.19 50.79 -16.60
C VAL E 429 -19.92 50.79 -18.10
N GLU E 430 -18.73 51.17 -18.50
CA GLU E 430 -18.41 51.12 -19.89
C GLU E 430 -18.17 49.68 -20.29
N GLU E 431 -18.41 49.39 -21.56
CA GLU E 431 -18.25 48.06 -22.10
C GLU E 431 -16.86 47.62 -21.85
N ASP E 432 -15.97 48.58 -21.93
CA ASP E 432 -14.58 48.35 -21.55
C ASP E 432 -14.47 47.71 -20.17
N GLY E 433 -15.33 48.09 -19.26
CA GLY E 433 -15.24 47.57 -17.91
C GLY E 433 -14.90 48.67 -16.91
N THR E 434 -14.50 49.80 -17.44
CA THR E 434 -14.12 50.95 -16.67
C THR E 434 -15.35 51.53 -15.95
N THR E 435 -15.19 51.80 -14.67
CA THR E 435 -16.33 52.24 -13.89
C THR E 435 -16.20 53.61 -13.24
N TYR E 436 -17.35 54.23 -13.03
CA TYR E 436 -17.56 55.49 -12.35
C TYR E 436 -19.04 55.61 -12.07
N ARG E 437 -19.42 56.48 -11.15
CA ARG E 437 -20.85 56.65 -10.86
C ARG E 437 -21.61 57.42 -11.91
N LYS F 2 16.60 25.11 -42.52
CA LYS F 2 16.46 25.79 -43.80
C LYS F 2 17.31 25.15 -44.90
N ILE F 3 16.60 24.54 -45.82
CA ILE F 3 16.96 23.79 -46.99
C ILE F 3 17.76 24.62 -48.00
N GLU F 4 18.78 24.07 -48.66
CA GLU F 4 19.55 24.82 -49.67
C GLU F 4 19.48 24.22 -51.06
N GLU F 5 19.39 25.06 -52.09
CA GLU F 5 19.31 24.55 -53.46
C GLU F 5 20.61 23.86 -53.84
N GLY F 6 20.50 22.70 -54.48
CA GLY F 6 21.66 21.95 -54.89
C GLY F 6 22.20 20.97 -53.88
N LYS F 7 21.47 20.70 -52.80
CA LYS F 7 21.81 19.68 -51.83
C LYS F 7 20.52 19.01 -51.38
N LEU F 8 20.65 17.79 -50.87
CA LEU F 8 19.50 17.05 -50.35
C LEU F 8 19.74 16.72 -48.88
N VAL F 9 18.77 17.06 -48.04
CA VAL F 9 18.74 16.64 -46.66
C VAL F 9 17.59 15.66 -46.52
N ILE F 10 17.85 14.50 -45.92
CA ILE F 10 16.85 13.45 -45.77
C ILE F 10 16.70 13.15 -44.29
N TRP F 11 15.45 12.99 -43.84
CA TRP F 11 15.14 12.55 -42.49
C TRP F 11 14.57 11.14 -42.55
N ILE F 12 15.02 10.27 -41.63
CA ILE F 12 14.50 8.91 -41.53
C ILE F 12 14.68 8.45 -40.09
N ASN F 13 13.77 7.60 -39.63
CA ASN F 13 13.77 7.23 -38.23
C ASN F 13 15.04 6.45 -37.85
N GLY F 14 15.43 6.58 -36.57
CA GLY F 14 16.68 6.04 -36.05
C GLY F 14 16.75 4.53 -35.96
N ASP F 15 15.64 3.83 -36.19
CA ASP F 15 15.69 2.37 -36.21
C ASP F 15 15.83 1.81 -37.61
N LYS F 16 15.88 2.66 -38.64
CA LYS F 16 16.00 2.20 -40.02
C LYS F 16 17.45 2.23 -40.47
N GLY F 17 17.69 1.73 -41.68
CA GLY F 17 19.03 1.57 -42.20
C GLY F 17 19.59 2.86 -42.80
N TYR F 18 19.77 3.87 -41.97
CA TYR F 18 20.20 5.17 -42.47
C TYR F 18 21.66 5.19 -42.95
N ASN F 19 22.48 4.25 -42.51
CA ASN F 19 23.84 4.20 -43.05
C ASN F 19 23.83 3.63 -44.47
N GLY F 20 23.04 2.58 -44.69
CA GLY F 20 22.82 2.10 -46.05
C GLY F 20 22.23 3.19 -46.95
N LEU F 21 21.25 3.94 -46.43
CA LEU F 21 20.69 5.03 -47.21
C LEU F 21 21.75 6.08 -47.55
N ALA F 22 22.60 6.42 -46.58
CA ALA F 22 23.72 7.33 -46.82
C ALA F 22 24.63 6.82 -47.92
N GLU F 23 24.83 5.49 -48.01
CA GLU F 23 25.60 4.93 -49.12
C GLU F 23 24.94 5.24 -50.46
N VAL F 24 23.63 5.09 -50.56
CA VAL F 24 22.91 5.47 -51.79
C VAL F 24 23.15 6.94 -52.11
N GLY F 25 23.05 7.80 -51.09
CA GLY F 25 23.32 9.21 -51.30
C GLY F 25 24.75 9.48 -51.73
N LYS F 26 25.68 8.63 -51.30
CA LYS F 26 27.07 8.81 -51.72
C LYS F 26 27.23 8.47 -53.19
N LYS F 27 26.56 7.41 -53.65
CA LYS F 27 26.55 7.14 -55.09
C LYS F 27 25.92 8.30 -55.84
N PHE F 28 24.82 8.83 -55.33
CA PHE F 28 24.18 9.98 -55.96
C PHE F 28 25.16 11.13 -56.10
N GLU F 29 25.94 11.40 -55.04
CA GLU F 29 26.91 12.49 -55.09
C GLU F 29 28.05 12.19 -56.06
N LYS F 30 28.53 10.95 -56.09
CA LYS F 30 29.56 10.58 -57.06
C LYS F 30 29.08 10.83 -58.48
N ASP F 31 27.83 10.47 -58.78
CA ASP F 31 27.32 10.56 -60.15
C ASP F 31 26.98 11.98 -60.56
N THR F 32 26.43 12.78 -59.64
CA THR F 32 25.84 14.08 -59.93
C THR F 32 26.56 15.27 -59.31
N GLY F 33 27.32 15.07 -58.24
CA GLY F 33 27.88 16.19 -57.50
C GLY F 33 26.98 16.74 -56.42
N ILE F 34 25.76 16.22 -56.29
CA ILE F 34 24.78 16.72 -55.33
C ILE F 34 24.99 16.00 -54.00
N LYS F 35 25.30 16.77 -52.96
CA LYS F 35 25.51 16.21 -51.63
C LYS F 35 24.18 15.78 -51.03
N VAL F 36 24.17 14.60 -50.41
CA VAL F 36 22.99 14.07 -49.73
C VAL F 36 23.37 13.83 -48.28
N THR F 37 22.62 14.45 -47.38
CA THR F 37 22.85 14.35 -45.95
C THR F 37 21.68 13.62 -45.33
N VAL F 38 21.95 12.44 -44.76
CA VAL F 38 20.90 11.65 -44.12
C VAL F 38 20.95 11.90 -42.63
N GLU F 39 19.83 12.30 -42.05
CA GLU F 39 19.72 12.55 -40.62
C GLU F 39 18.63 11.66 -40.02
N HIS F 40 18.74 11.38 -38.72
CA HIS F 40 17.74 10.58 -38.01
C HIS F 40 17.36 11.34 -36.74
N PRO F 41 16.65 12.46 -36.88
CA PRO F 41 16.28 13.24 -35.71
C PRO F 41 15.33 12.49 -34.81
N ASP F 42 15.37 12.83 -33.54
CA ASP F 42 14.40 12.29 -32.59
C ASP F 42 13.02 12.87 -32.89
N LYS F 43 11.99 12.04 -32.79
CA LYS F 43 10.60 12.49 -32.98
C LYS F 43 10.41 13.21 -34.33
N LEU F 44 11.06 12.70 -35.36
CA LEU F 44 11.07 13.42 -36.63
C LEU F 44 9.66 13.57 -37.20
N GLU F 45 8.76 12.63 -36.90
CA GLU F 45 7.40 12.69 -37.42
C GLU F 45 6.57 13.78 -36.75
N GLU F 46 6.96 14.23 -35.56
CA GLU F 46 6.37 15.39 -34.92
C GLU F 46 7.06 16.68 -35.31
N LYS F 47 8.38 16.62 -35.54
CA LYS F 47 9.11 17.83 -35.87
C LYS F 47 8.81 18.30 -37.28
N PHE F 48 8.57 17.37 -38.19
CA PHE F 48 8.38 17.76 -39.59
C PHE F 48 7.24 18.74 -39.78
N PRO F 49 6.02 18.47 -39.31
CA PRO F 49 4.93 19.44 -39.51
C PRO F 49 5.23 20.78 -38.87
N GLN F 50 6.02 20.79 -37.79
CA GLN F 50 6.35 22.04 -37.13
C GLN F 50 7.30 22.87 -37.99
N VAL F 51 8.44 22.28 -38.35
CA VAL F 51 9.45 23.07 -39.07
C VAL F 51 9.04 23.30 -40.51
N ALA F 52 8.23 22.40 -41.09
CA ALA F 52 7.76 22.61 -42.46
C ALA F 52 6.79 23.78 -42.54
N ALA F 53 5.97 23.98 -41.51
CA ALA F 53 5.03 25.10 -41.51
C ALA F 53 5.74 26.46 -41.59
N THR F 54 7.04 26.51 -41.34
CA THR F 54 7.80 27.75 -41.44
C THR F 54 8.73 27.77 -42.66
N GLY F 55 8.64 26.77 -43.53
CA GLY F 55 9.52 26.68 -44.67
C GLY F 55 10.81 25.93 -44.43
N ASP F 56 11.04 25.46 -43.20
CA ASP F 56 12.24 24.70 -42.85
C ASP F 56 11.96 23.20 -43.07
N GLY F 57 12.78 22.33 -42.50
CA GLY F 57 12.61 20.92 -42.66
C GLY F 57 13.49 20.35 -43.75
N PRO F 58 13.50 19.03 -43.88
CA PRO F 58 14.34 18.39 -44.90
C PRO F 58 13.69 18.45 -46.27
N ASP F 59 14.47 18.04 -47.28
CA ASP F 59 13.91 17.91 -48.63
C ASP F 59 13.02 16.68 -48.73
N ILE F 60 13.41 15.59 -48.06
CA ILE F 60 12.73 14.30 -48.12
C ILE F 60 12.52 13.82 -46.71
N ILE F 61 11.33 13.31 -46.41
CA ILE F 61 11.04 12.74 -45.09
C ILE F 61 10.54 11.31 -45.28
N PHE F 62 11.10 10.39 -44.50
CA PHE F 62 10.71 8.99 -44.47
C PHE F 62 9.90 8.72 -43.22
N TRP F 63 8.76 8.07 -43.37
CA TRP F 63 7.94 7.58 -42.27
C TRP F 63 6.94 6.59 -42.83
N ALA F 64 6.35 5.79 -41.96
CA ALA F 64 5.21 4.98 -42.39
C ALA F 64 4.11 5.89 -42.92
N HIS F 65 3.33 5.35 -43.87
CA HIS F 65 2.37 6.14 -44.63
C HIS F 65 1.29 6.77 -43.78
N ASP F 66 1.07 6.32 -42.54
CA ASP F 66 -0.10 6.79 -41.81
C ASP F 66 -0.01 8.27 -41.48
N ARG F 67 1.19 8.85 -41.41
CA ARG F 67 1.32 10.26 -41.06
C ARG F 67 1.14 11.20 -42.25
N PHE F 68 1.12 10.67 -43.47
CA PHE F 68 1.28 11.55 -44.61
C PHE F 68 -0.01 12.27 -45.00
N GLY F 69 -1.17 11.71 -44.68
CA GLY F 69 -2.42 12.40 -44.96
C GLY F 69 -2.50 13.74 -44.25
N GLY F 70 -2.13 13.77 -42.96
CA GLY F 70 -2.11 15.04 -42.24
C GLY F 70 -1.09 16.01 -42.80
N TYR F 71 0.10 15.50 -43.14
CA TYR F 71 1.10 16.34 -43.81
C TYR F 71 0.53 16.93 -45.10
N ALA F 72 -0.11 16.10 -45.92
CA ALA F 72 -0.65 16.59 -47.18
C ALA F 72 -1.78 17.58 -46.95
N GLN F 73 -2.62 17.29 -45.94
CA GLN F 73 -3.74 18.18 -45.62
C GLN F 73 -3.25 19.56 -45.20
N SER F 74 -2.09 19.63 -44.56
CA SER F 74 -1.51 20.90 -44.14
C SER F 74 -0.71 21.56 -45.24
N GLY F 75 -0.65 20.96 -46.44
CA GLY F 75 0.07 21.55 -47.56
C GLY F 75 1.56 21.35 -47.52
N LEU F 76 2.04 20.33 -46.82
CA LEU F 76 3.47 20.21 -46.55
C LEU F 76 4.20 19.36 -47.58
N LEU F 77 3.49 18.68 -48.47
CA LEU F 77 4.08 17.71 -49.37
C LEU F 77 3.85 18.12 -50.82
N ALA F 78 4.85 17.83 -51.66
CA ALA F 78 4.66 17.98 -53.09
C ALA F 78 3.99 16.74 -53.65
N GLU F 79 3.10 16.94 -54.62
CA GLU F 79 2.46 15.82 -55.29
C GLU F 79 3.51 14.98 -56.00
N ILE F 80 3.36 13.67 -55.90
CA ILE F 80 4.23 12.70 -56.53
C ILE F 80 3.61 12.30 -57.87
N THR F 81 4.38 12.41 -58.96
CA THR F 81 3.88 12.13 -60.31
C THR F 81 4.86 11.25 -61.07
N PRO F 82 4.95 9.97 -60.73
CA PRO F 82 5.83 9.08 -61.47
C PRO F 82 5.26 8.71 -62.83
N ALA F 83 6.16 8.50 -63.78
CA ALA F 83 5.74 7.97 -65.06
C ALA F 83 5.06 6.61 -64.86
N ALA F 84 4.24 6.23 -65.83
CA ALA F 84 3.54 4.95 -65.73
C ALA F 84 4.51 3.80 -65.65
N ALA F 85 5.59 3.85 -66.42
CA ALA F 85 6.58 2.78 -66.39
C ALA F 85 7.18 2.61 -65.00
N PHE F 86 7.48 3.73 -64.33
CA PHE F 86 8.00 3.62 -62.97
C PHE F 86 6.92 3.15 -61.99
N GLN F 87 5.70 3.68 -62.14
CA GLN F 87 4.63 3.26 -61.25
C GLN F 87 4.41 1.75 -61.31
N ASP F 88 4.49 1.17 -62.51
CA ASP F 88 4.28 -0.26 -62.68
C ASP F 88 5.35 -1.11 -62.02
N LYS F 89 6.44 -0.51 -61.53
CA LYS F 89 7.51 -1.26 -60.89
C LYS F 89 7.22 -1.57 -59.43
N LEU F 90 6.21 -0.94 -58.83
CA LEU F 90 5.85 -1.15 -57.43
C LEU F 90 4.46 -1.76 -57.32
N TYR F 91 4.24 -2.54 -56.27
CA TYR F 91 2.96 -3.19 -56.07
C TYR F 91 1.85 -2.15 -55.97
N PRO F 92 0.71 -2.34 -56.67
CA PRO F 92 -0.33 -1.30 -56.64
C PRO F 92 -0.83 -0.98 -55.25
N PHE F 93 -0.90 -1.95 -54.33
CA PHE F 93 -1.41 -1.64 -53.00
C PHE F 93 -0.49 -0.71 -52.22
N THR F 94 0.81 -0.70 -52.53
CA THR F 94 1.70 0.24 -51.85
C THR F 94 1.46 1.67 -52.34
N TRP F 95 1.16 1.85 -53.63
CA TRP F 95 0.70 3.16 -54.08
C TRP F 95 -0.61 3.54 -53.40
N ASP F 96 -1.51 2.58 -53.19
CA ASP F 96 -2.78 2.88 -52.54
C ASP F 96 -2.56 3.51 -51.17
N ALA F 97 -1.53 3.04 -50.45
CA ALA F 97 -1.26 3.53 -49.11
C ALA F 97 -0.82 4.99 -49.09
N VAL F 98 -0.25 5.48 -50.19
CA VAL F 98 0.23 6.85 -50.25
C VAL F 98 -0.64 7.71 -51.17
N ARG F 99 -1.85 7.26 -51.47
CA ARG F 99 -2.80 8.08 -52.23
C ARG F 99 -3.72 8.78 -51.26
N TYR F 100 -3.87 10.09 -51.42
CA TYR F 100 -4.68 10.90 -50.52
C TYR F 100 -5.46 11.91 -51.33
N ASN F 101 -6.78 11.89 -51.18
CA ASN F 101 -7.66 12.76 -51.95
C ASN F 101 -7.37 12.66 -53.44
N GLY F 102 -7.14 11.44 -53.92
CA GLY F 102 -6.94 11.18 -55.32
C GLY F 102 -5.53 11.41 -55.82
N LYS F 103 -4.63 11.93 -54.99
CA LYS F 103 -3.28 12.29 -55.40
C LYS F 103 -2.26 11.43 -54.65
N LEU F 104 -1.20 11.06 -55.35
CA LEU F 104 -0.06 10.40 -54.71
C LEU F 104 0.77 11.44 -53.96
N ILE F 105 1.03 11.17 -52.68
CA ILE F 105 1.71 12.14 -51.82
C ILE F 105 3.05 11.64 -51.30
N ALA F 106 3.49 10.46 -51.72
CA ALA F 106 4.77 9.92 -51.27
C ALA F 106 5.13 8.74 -52.15
N TYR F 107 6.39 8.31 -52.06
CA TYR F 107 6.85 7.10 -52.69
C TYR F 107 6.83 5.99 -51.67
N PRO F 108 6.13 4.88 -51.93
CA PRO F 108 6.21 3.75 -51.01
C PRO F 108 7.54 3.04 -51.15
N ILE F 109 8.08 2.59 -50.03
CA ILE F 109 9.37 1.91 -49.98
C ILE F 109 9.22 0.46 -49.54
N ALA F 110 8.54 0.22 -48.43
CA ALA F 110 8.50 -1.13 -47.91
C ALA F 110 7.31 -1.31 -46.97
N VAL F 111 6.85 -2.54 -46.88
CA VAL F 111 5.69 -2.93 -46.08
C VAL F 111 6.19 -3.52 -44.77
N GLU F 112 5.73 -2.97 -43.65
CA GLU F 112 6.21 -3.33 -42.32
C GLU F 112 5.07 -3.94 -41.51
N ALA F 113 5.35 -5.06 -40.84
CA ALA F 113 4.38 -5.61 -39.90
C ALA F 113 5.12 -6.23 -38.72
N LEU F 114 4.53 -6.10 -37.54
CA LEU F 114 5.10 -6.72 -36.36
C LEU F 114 4.94 -8.25 -36.40
N SER F 115 5.86 -8.94 -35.75
CA SER F 115 5.84 -10.39 -35.68
C SER F 115 6.42 -10.80 -34.32
N LEU F 116 6.09 -12.02 -33.91
CA LEU F 116 6.73 -12.59 -32.73
C LEU F 116 8.14 -13.05 -33.06
N ILE F 117 9.10 -12.62 -32.26
CA ILE F 117 10.48 -13.06 -32.37
C ILE F 117 10.80 -13.80 -31.08
N TYR F 118 11.43 -14.97 -31.21
CA TYR F 118 11.66 -15.83 -30.06
C TYR F 118 13.03 -16.46 -30.16
N ASN F 119 13.61 -16.79 -29.00
CA ASN F 119 14.89 -17.47 -28.89
C ASN F 119 14.66 -18.97 -28.99
N LYS F 120 15.19 -19.60 -30.04
CA LYS F 120 14.91 -21.01 -30.27
C LYS F 120 15.59 -21.90 -29.24
N ASP F 121 16.72 -21.47 -28.70
CA ASP F 121 17.39 -22.26 -27.66
C ASP F 121 16.62 -22.19 -26.34
N LEU F 122 16.12 -20.99 -25.99
CA LEU F 122 15.35 -20.85 -24.75
C LEU F 122 13.95 -21.44 -24.90
N LEU F 123 13.28 -21.15 -26.02
CA LEU F 123 11.87 -21.48 -26.19
C LEU F 123 11.64 -22.11 -27.55
N PRO F 124 11.88 -23.42 -27.67
CA PRO F 124 11.74 -24.08 -28.97
C PRO F 124 10.31 -24.13 -29.49
N ASN F 125 9.31 -23.95 -28.61
CA ASN F 125 7.90 -24.03 -28.99
C ASN F 125 7.22 -22.73 -28.58
N PRO F 126 7.25 -21.71 -29.44
CA PRO F 126 6.65 -20.44 -29.07
C PRO F 126 5.17 -20.60 -28.81
N PRO F 127 4.59 -19.74 -27.97
CA PRO F 127 3.17 -19.89 -27.63
C PRO F 127 2.29 -19.48 -28.80
N LYS F 128 1.36 -20.36 -29.17
CA LYS F 128 0.39 -20.00 -30.20
C LYS F 128 -0.69 -19.07 -29.68
N THR F 129 -0.81 -18.93 -28.36
CA THR F 129 -1.78 -17.99 -27.79
C THR F 129 -1.22 -17.08 -26.71
N TRP F 130 -1.86 -15.94 -26.48
CA TRP F 130 -1.44 -15.01 -25.46
C TRP F 130 -1.69 -15.61 -24.08
N GLU F 131 -2.88 -16.15 -23.90
CA GLU F 131 -3.35 -16.71 -22.60
C GLU F 131 -2.36 -17.60 -21.90
N GLU F 132 -1.60 -18.31 -22.67
CA GLU F 132 -0.58 -19.16 -22.16
C GLU F 132 0.55 -18.42 -21.48
N ILE F 133 0.87 -17.24 -21.97
CA ILE F 133 2.02 -16.46 -21.50
C ILE F 133 2.33 -16.37 -20.03
N PRO F 134 1.34 -16.11 -19.19
CA PRO F 134 1.64 -16.06 -17.77
C PRO F 134 2.30 -17.35 -17.30
N ALA F 135 1.81 -18.51 -17.71
CA ALA F 135 2.46 -19.73 -17.22
C ALA F 135 3.82 -19.94 -17.86
N LEU F 136 4.00 -19.52 -19.12
CA LEU F 136 5.29 -19.68 -19.76
C LEU F 136 6.37 -18.87 -19.04
N ASP F 137 6.02 -17.67 -18.58
CA ASP F 137 6.98 -16.84 -17.88
C ASP F 137 7.34 -17.44 -16.52
N LYS F 138 6.34 -17.92 -15.79
CA LYS F 138 6.50 -18.51 -14.47
C LYS F 138 7.53 -19.54 -14.53
N GLU F 139 7.36 -20.34 -15.50
CA GLU F 139 8.27 -21.36 -15.71
C GLU F 139 9.65 -20.84 -16.01
N LEU F 140 9.80 -19.82 -16.85
CA LEU F 140 11.13 -19.32 -17.21
C LEU F 140 11.80 -18.57 -16.09
N LYS F 141 11.01 -17.84 -15.37
CA LYS F 141 11.45 -17.12 -14.19
C LYS F 141 12.29 -18.01 -13.27
N ALA F 142 11.74 -19.13 -12.92
CA ALA F 142 12.46 -20.05 -12.11
C ALA F 142 13.76 -20.45 -12.78
N LYS F 143 13.94 -19.96 -13.99
CA LYS F 143 15.15 -20.27 -14.72
C LYS F 143 16.03 -19.04 -14.85
N GLY F 144 15.61 -17.94 -14.23
CA GLY F 144 16.34 -16.70 -14.29
C GLY F 144 16.07 -15.86 -15.52
N LYS F 145 15.05 -16.24 -16.29
CA LYS F 145 14.73 -15.56 -17.49
C LYS F 145 13.32 -15.07 -17.46
N SER F 146 12.88 -14.51 -18.57
CA SER F 146 11.50 -14.08 -18.67
C SER F 146 10.95 -14.53 -20.02
N ALA F 147 9.62 -14.53 -20.13
CA ALA F 147 8.99 -15.03 -21.36
C ALA F 147 9.08 -14.00 -22.49
N LEU F 148 8.72 -12.76 -22.21
CA LEU F 148 8.49 -11.81 -23.28
C LEU F 148 8.80 -10.39 -22.81
N MET F 149 9.43 -9.62 -23.68
CA MET F 149 9.69 -8.22 -23.45
C MET F 149 9.57 -7.50 -24.79
N PHE F 150 8.76 -6.46 -24.85
CA PHE F 150 8.68 -5.62 -26.05
C PHE F 150 8.42 -4.19 -25.62
N ASN F 151 8.42 -3.28 -26.58
CA ASN F 151 8.28 -1.85 -26.29
C ASN F 151 6.85 -1.56 -25.88
N LEU F 152 6.63 -1.21 -24.62
CA LEU F 152 5.31 -0.88 -24.11
C LEU F 152 5.07 0.62 -24.10
N GLN F 153 6.03 1.42 -24.56
CA GLN F 153 5.91 2.86 -24.62
C GLN F 153 5.27 3.35 -25.91
N GLU F 154 5.24 2.53 -26.95
CA GLU F 154 4.65 2.93 -28.23
C GLU F 154 3.46 2.03 -28.51
N PRO F 155 2.25 2.58 -28.67
CA PRO F 155 1.06 1.73 -28.85
C PRO F 155 1.09 0.92 -30.14
N TYR F 156 1.98 1.23 -31.09
CA TYR F 156 2.14 0.38 -32.26
C TYR F 156 2.34 -1.08 -31.85
N PHE F 157 3.11 -1.32 -30.78
CA PHE F 157 3.50 -2.67 -30.39
C PHE F 157 2.40 -3.39 -29.61
N THR F 158 1.53 -2.68 -28.90
CA THR F 158 0.44 -3.34 -28.19
C THR F 158 -0.88 -3.35 -28.94
N TRP F 159 -0.98 -2.55 -30.01
CA TRP F 159 -2.22 -2.52 -30.76
C TRP F 159 -2.62 -3.86 -31.38
N PRO F 160 -1.70 -4.72 -31.83
CA PRO F 160 -2.16 -6.00 -32.40
C PRO F 160 -3.00 -6.79 -31.42
N LEU F 161 -2.59 -6.83 -30.16
CA LEU F 161 -3.37 -7.54 -29.15
C LEU F 161 -4.68 -6.80 -28.87
N ILE F 162 -4.64 -5.47 -28.83
CA ILE F 162 -5.86 -4.70 -28.56
C ILE F 162 -6.91 -5.00 -29.61
N ALA F 163 -6.52 -5.09 -30.87
CA ALA F 163 -7.46 -5.28 -31.97
C ALA F 163 -7.86 -6.75 -32.15
N ALA F 164 -7.15 -7.68 -31.52
CA ALA F 164 -7.39 -9.10 -31.76
C ALA F 164 -8.87 -9.45 -31.64
N ASP F 165 -9.51 -9.02 -30.55
CA ASP F 165 -10.88 -9.41 -30.24
C ASP F 165 -11.89 -8.33 -30.64
N GLY F 166 -11.51 -7.39 -31.50
CA GLY F 166 -12.51 -6.47 -32.01
C GLY F 166 -12.16 -5.00 -31.91
N GLY F 167 -11.03 -4.69 -31.28
CA GLY F 167 -10.58 -3.30 -31.28
C GLY F 167 -10.26 -2.83 -32.69
N TYR F 168 -10.59 -1.57 -32.97
CA TYR F 168 -10.26 -0.96 -34.25
C TYR F 168 -10.07 0.54 -34.05
N ALA F 169 -9.54 1.21 -35.08
CA ALA F 169 -9.31 2.64 -35.00
C ALA F 169 -10.52 3.43 -35.46
N PHE F 170 -10.72 3.52 -36.77
CA PHE F 170 -11.89 4.17 -37.37
C PHE F 170 -12.63 3.16 -38.22
N LYS F 171 -13.96 3.20 -38.14
CA LYS F 171 -14.78 2.27 -38.91
C LYS F 171 -14.75 2.64 -40.38
N TYR F 172 -14.34 1.69 -41.22
CA TYR F 172 -14.40 1.89 -42.67
C TYR F 172 -15.81 1.58 -43.16
N ALA F 173 -16.41 2.54 -43.86
CA ALA F 173 -17.78 2.40 -44.33
C ALA F 173 -17.98 3.21 -45.60
N ALA F 174 -18.62 2.62 -46.60
CA ALA F 174 -18.94 3.31 -47.85
C ALA F 174 -17.68 3.86 -48.53
N GLY F 175 -16.61 3.07 -48.50
CA GLY F 175 -15.36 3.52 -49.08
C GLY F 175 -14.75 4.72 -48.38
N LYS F 176 -14.95 4.83 -47.07
CA LYS F 176 -14.49 5.98 -46.30
C LYS F 176 -14.27 5.56 -44.86
N TYR F 177 -13.34 6.24 -44.19
CA TYR F 177 -13.17 6.07 -42.76
C TYR F 177 -14.05 7.09 -42.02
N ASP F 178 -14.90 6.60 -41.13
CA ASP F 178 -15.76 7.48 -40.33
C ASP F 178 -14.97 7.93 -39.11
N ILE F 179 -14.52 9.18 -39.11
CA ILE F 179 -13.72 9.70 -38.01
C ILE F 179 -14.52 9.90 -36.72
N LYS F 180 -15.84 9.70 -36.78
CA LYS F 180 -16.68 9.76 -35.59
C LYS F 180 -16.92 8.39 -34.98
N ASP F 181 -16.55 7.32 -35.66
CA ASP F 181 -16.78 5.94 -35.22
C ASP F 181 -15.44 5.35 -34.84
N VAL F 182 -15.14 5.34 -33.54
CA VAL F 182 -13.87 4.85 -33.03
C VAL F 182 -14.11 3.55 -32.27
N GLY F 183 -13.22 2.57 -32.43
CA GLY F 183 -13.31 1.30 -31.77
C GLY F 183 -12.23 0.99 -30.74
N VAL F 184 -11.86 1.96 -29.94
CA VAL F 184 -10.85 1.77 -28.90
C VAL F 184 -11.49 1.56 -27.54
N ASP F 185 -12.79 1.48 -27.52
CA ASP F 185 -13.52 1.32 -26.31
C ASP F 185 -14.55 0.18 -26.31
N ASN F 186 -14.61 -0.67 -27.33
CA ASN F 186 -15.55 -1.79 -27.33
C ASN F 186 -15.00 -2.96 -26.49
N ALA F 187 -15.78 -4.03 -26.43
CA ALA F 187 -15.43 -5.17 -25.57
C ALA F 187 -14.10 -5.80 -25.99
N GLY F 188 -13.79 -5.79 -27.28
CA GLY F 188 -12.57 -6.45 -27.74
C GLY F 188 -11.32 -5.70 -27.35
N ALA F 189 -11.37 -4.37 -27.42
CA ALA F 189 -10.23 -3.58 -26.95
C ALA F 189 -10.11 -3.62 -25.43
N LYS F 190 -11.23 -3.69 -24.72
CA LYS F 190 -11.20 -3.86 -23.27
C LYS F 190 -10.45 -5.14 -22.90
N ALA F 191 -10.90 -6.28 -23.42
CA ALA F 191 -10.25 -7.55 -23.15
C ALA F 191 -8.77 -7.50 -23.46
N GLY F 192 -8.41 -6.99 -24.66
CA GLY F 192 -7.03 -7.04 -25.08
C GLY F 192 -6.10 -6.28 -24.17
N LEU F 193 -6.52 -5.08 -23.73
CA LEU F 193 -5.67 -4.28 -22.87
C LEU F 193 -5.63 -4.84 -21.45
N THR F 194 -6.76 -5.37 -20.98
CA THR F 194 -6.78 -5.99 -19.67
C THR F 194 -5.75 -7.12 -19.58
N PHE F 195 -5.66 -7.90 -20.62
CA PHE F 195 -4.69 -8.94 -20.59
C PHE F 195 -3.25 -8.42 -20.43
N LEU F 196 -2.99 -7.28 -21.07
CA LEU F 196 -1.71 -6.66 -20.95
C LEU F 196 -1.51 -6.12 -19.57
N VAL F 197 -2.52 -5.46 -19.06
CA VAL F 197 -2.43 -4.89 -17.76
C VAL F 197 -2.22 -5.96 -16.70
N ASP F 198 -2.79 -7.13 -16.90
CA ASP F 198 -2.61 -8.23 -15.96
C ASP F 198 -1.21 -8.80 -16.05
N LEU F 199 -0.64 -8.86 -17.26
CA LEU F 199 0.74 -9.34 -17.41
C LEU F 199 1.71 -8.54 -16.56
N ILE F 200 1.51 -7.22 -16.49
CA ILE F 200 2.38 -6.38 -15.67
C ILE F 200 2.03 -6.50 -14.19
N LYS F 201 0.73 -6.53 -13.87
CA LYS F 201 0.33 -6.70 -12.48
C LYS F 201 0.92 -7.98 -11.89
N ASN F 202 0.82 -9.08 -12.63
CA ASN F 202 1.39 -10.37 -12.26
C ASN F 202 2.89 -10.46 -12.54
N LYS F 203 3.53 -9.36 -12.91
CA LYS F 203 5.00 -9.28 -13.00
C LYS F 203 5.57 -10.21 -14.06
N HIS F 204 4.83 -10.39 -15.15
CA HIS F 204 5.36 -11.05 -16.34
C HIS F 204 5.96 -10.06 -17.31
N MET F 205 5.72 -8.77 -17.11
CA MET F 205 6.33 -7.71 -17.88
C MET F 205 6.48 -6.50 -16.97
N ASN F 206 7.31 -5.56 -17.40
CA ASN F 206 7.53 -4.33 -16.67
C ASN F 206 6.94 -3.18 -17.49
N ALA F 207 6.03 -2.42 -16.88
CA ALA F 207 5.35 -1.35 -17.61
C ALA F 207 6.32 -0.28 -18.11
N ASP F 208 7.55 -0.26 -17.59
CA ASP F 208 8.55 0.71 -18.00
C ASP F 208 9.38 0.24 -19.19
N THR F 209 9.21 -1.01 -19.63
CA THR F 209 10.01 -1.53 -20.73
C THR F 209 9.82 -0.68 -21.99
N ASP F 210 10.92 -0.37 -22.65
CA ASP F 210 10.87 0.42 -23.87
C ASP F 210 11.58 -0.34 -25.00
N TYR F 211 11.80 0.35 -26.10
CA TYR F 211 12.39 -0.32 -27.26
C TYR F 211 13.80 -0.82 -26.95
N SER F 212 14.64 0.05 -26.39
CA SER F 212 16.04 -0.32 -26.18
C SER F 212 16.21 -1.38 -25.10
N ILE F 213 15.44 -1.29 -24.01
CA ILE F 213 15.54 -2.30 -22.96
C ILE F 213 15.16 -3.67 -23.51
N ALA F 214 14.10 -3.72 -24.31
CA ALA F 214 13.63 -5.01 -24.81
C ALA F 214 14.61 -5.58 -25.83
N GLU F 215 15.07 -4.76 -26.77
CA GLU F 215 16.06 -5.24 -27.74
C GLU F 215 17.31 -5.76 -27.03
N ALA F 216 17.79 -5.02 -26.03
CA ALA F 216 18.99 -5.46 -25.31
C ALA F 216 18.75 -6.77 -24.57
N ALA F 217 17.60 -6.89 -23.89
CA ALA F 217 17.32 -8.12 -23.15
C ALA F 217 17.22 -9.32 -24.08
N PHE F 218 16.54 -9.16 -25.23
CA PHE F 218 16.40 -10.29 -26.14
C PHE F 218 17.73 -10.65 -26.80
N ASN F 219 18.47 -9.64 -27.27
CA ASN F 219 19.71 -9.90 -28.00
C ASN F 219 20.81 -10.45 -27.08
N LYS F 220 20.65 -10.33 -25.76
CA LYS F 220 21.59 -10.88 -24.81
C LYS F 220 21.09 -12.15 -24.14
N GLY F 221 19.95 -12.69 -24.59
CA GLY F 221 19.49 -13.98 -24.10
C GLY F 221 18.75 -13.97 -22.77
N GLU F 222 18.31 -12.80 -22.31
CA GLU F 222 17.66 -12.69 -21.00
C GLU F 222 16.15 -12.90 -21.06
N THR F 223 15.55 -12.71 -22.23
CA THR F 223 14.13 -13.00 -22.46
C THR F 223 14.01 -13.84 -23.73
N ALA F 224 12.99 -14.71 -23.77
CA ALA F 224 12.87 -15.68 -24.84
C ALA F 224 12.04 -15.21 -26.03
N MET F 225 11.21 -14.19 -25.87
CA MET F 225 10.45 -13.63 -26.99
C MET F 225 10.54 -12.11 -26.99
N THR F 226 10.26 -11.56 -28.16
CA THR F 226 10.02 -10.13 -28.29
C THR F 226 9.14 -9.92 -29.50
N ILE F 227 8.58 -8.72 -29.61
CA ILE F 227 7.71 -8.33 -30.72
C ILE F 227 8.36 -7.14 -31.41
N ASN F 228 8.67 -7.31 -32.69
CA ASN F 228 9.38 -6.24 -33.40
C ASN F 228 9.23 -6.44 -34.90
N GLY F 229 9.70 -5.44 -35.65
CA GLY F 229 9.63 -5.45 -37.10
C GLY F 229 10.93 -5.89 -37.75
N PRO F 230 10.93 -5.95 -39.09
CA PRO F 230 12.11 -6.49 -39.79
C PRO F 230 13.39 -5.68 -39.55
N TRP F 231 13.29 -4.40 -39.21
CA TRP F 231 14.49 -3.59 -39.00
C TRP F 231 15.35 -4.13 -37.85
N ALA F 232 14.76 -4.92 -36.95
CA ALA F 232 15.47 -5.41 -35.78
C ALA F 232 16.30 -6.66 -36.03
N TRP F 233 16.13 -7.33 -37.18
CA TRP F 233 16.77 -8.64 -37.36
C TRP F 233 18.29 -8.52 -37.41
N SER F 234 18.82 -7.44 -37.97
CA SER F 234 20.26 -7.36 -38.17
C SER F 234 21.00 -7.33 -36.84
N ASN F 235 20.45 -6.64 -35.84
CA ASN F 235 21.08 -6.63 -34.52
C ASN F 235 20.98 -8.00 -33.83
N ILE F 236 19.95 -8.78 -34.12
CA ILE F 236 19.91 -10.14 -33.57
C ILE F 236 20.89 -11.04 -34.32
N ASP F 237 21.08 -10.80 -35.63
CA ASP F 237 22.06 -11.59 -36.37
C ASP F 237 23.46 -11.40 -35.79
N THR F 238 23.79 -10.19 -35.34
CA THR F 238 25.11 -9.91 -34.78
C THR F 238 25.28 -10.49 -33.39
N SER F 239 24.18 -10.76 -32.68
CA SER F 239 24.24 -11.38 -31.37
C SER F 239 24.50 -12.88 -31.50
N ALA F 240 24.55 -13.56 -30.36
CA ALA F 240 24.68 -15.01 -30.33
C ALA F 240 23.34 -15.72 -30.23
N VAL F 241 22.24 -15.00 -30.45
CA VAL F 241 20.90 -15.57 -30.26
C VAL F 241 20.48 -16.27 -31.55
N ASN F 242 20.12 -17.54 -31.43
CA ASN F 242 19.43 -18.25 -32.50
C ASN F 242 17.95 -17.94 -32.37
N TYR F 243 17.40 -17.22 -33.35
CA TYR F 243 16.03 -16.72 -33.24
C TYR F 243 15.18 -17.20 -34.41
N GLY F 244 13.86 -17.17 -34.18
CA GLY F 244 12.89 -17.37 -35.24
C GLY F 244 11.91 -16.22 -35.27
N VAL F 245 11.21 -16.10 -36.40
CA VAL F 245 10.20 -15.07 -36.62
C VAL F 245 8.91 -15.76 -37.02
N THR F 246 7.83 -15.51 -36.27
CA THR F 246 6.62 -16.31 -36.43
C THR F 246 5.38 -15.46 -36.20
N VAL F 247 4.22 -16.12 -36.34
CA VAL F 247 2.93 -15.45 -36.25
C VAL F 247 2.66 -15.01 -34.83
N LEU F 248 2.01 -13.85 -34.69
CA LEU F 248 1.70 -13.32 -33.38
C LEU F 248 0.76 -14.27 -32.64
N PRO F 249 0.87 -14.35 -31.32
CA PRO F 249 -0.03 -15.21 -30.55
C PRO F 249 -1.49 -14.81 -30.74
N THR F 250 -2.36 -15.81 -30.76
CA THR F 250 -3.79 -15.55 -30.80
C THR F 250 -4.27 -15.04 -29.43
N PHE F 251 -5.40 -14.35 -29.44
CA PHE F 251 -6.04 -13.90 -28.21
C PHE F 251 -7.53 -14.19 -28.32
N LYS F 252 -8.04 -15.02 -27.41
CA LYS F 252 -9.45 -15.38 -27.40
C LYS F 252 -9.87 -16.05 -28.71
N GLY F 253 -8.97 -16.86 -29.25
CA GLY F 253 -9.25 -17.56 -30.49
C GLY F 253 -9.38 -16.65 -31.70
N GLN F 254 -8.71 -15.52 -31.69
CA GLN F 254 -8.72 -14.64 -32.85
C GLN F 254 -7.31 -14.11 -33.07
N PRO F 255 -6.88 -13.99 -34.32
CA PRO F 255 -5.47 -13.64 -34.58
C PRO F 255 -5.14 -12.27 -34.00
N SER F 256 -3.87 -12.09 -33.63
CA SER F 256 -3.37 -10.76 -33.38
C SER F 256 -3.33 -10.00 -34.70
N LYS F 257 -3.74 -8.72 -34.67
CA LYS F 257 -4.03 -7.95 -35.89
C LYS F 257 -3.22 -6.66 -35.92
N PRO F 258 -1.97 -6.73 -36.33
CA PRO F 258 -1.14 -5.52 -36.31
C PRO F 258 -1.59 -4.52 -37.37
N PHE F 259 -1.37 -3.24 -37.07
CA PHE F 259 -1.51 -2.21 -38.10
C PHE F 259 -0.31 -2.29 -39.03
N VAL F 260 -0.56 -2.41 -40.32
CA VAL F 260 0.51 -2.54 -41.31
C VAL F 260 0.87 -1.16 -41.82
N GLY F 261 2.17 -0.85 -41.81
CA GLY F 261 2.67 0.43 -42.26
C GLY F 261 3.48 0.27 -43.54
N VAL F 262 3.37 1.26 -44.43
CA VAL F 262 4.20 1.32 -45.61
C VAL F 262 5.20 2.43 -45.39
N LEU F 263 6.46 2.06 -45.16
CA LEU F 263 7.50 3.06 -45.09
C LEU F 263 7.51 3.84 -46.39
N SER F 264 7.40 5.16 -46.29
CA SER F 264 7.19 6.02 -47.44
C SER F 264 8.11 7.23 -47.37
N ALA F 265 8.34 7.85 -48.53
CA ALA F 265 9.22 9.01 -48.65
C ALA F 265 8.46 10.12 -49.34
N GLY F 266 8.17 11.20 -48.60
CA GLY F 266 7.53 12.37 -49.16
C GLY F 266 8.52 13.47 -49.48
N ILE F 267 8.11 14.37 -50.36
CA ILE F 267 8.95 15.51 -50.76
C ILE F 267 8.35 16.77 -50.15
N ASN F 268 9.18 17.50 -49.40
CA ASN F 268 8.76 18.75 -48.78
C ASN F 268 8.30 19.74 -49.86
N ALA F 269 7.09 20.30 -49.67
CA ALA F 269 6.60 21.29 -50.64
C ALA F 269 7.48 22.53 -50.68
N ALA F 270 8.22 22.81 -49.62
CA ALA F 270 9.11 23.97 -49.57
C ALA F 270 10.50 23.69 -50.13
N SER F 271 10.76 22.48 -50.60
CA SER F 271 12.11 22.16 -51.09
C SER F 271 12.35 22.87 -52.42
N PRO F 272 13.49 23.54 -52.59
CA PRO F 272 13.90 23.98 -53.92
C PRO F 272 14.55 22.88 -54.74
N ASN F 273 14.53 21.66 -54.25
CA ASN F 273 15.25 20.54 -54.84
C ASN F 273 14.30 19.42 -55.27
N LYS F 274 13.09 19.77 -55.68
CA LYS F 274 12.09 18.72 -55.92
C LYS F 274 12.52 17.78 -57.04
N GLU F 275 13.10 18.33 -58.11
CA GLU F 275 13.54 17.47 -59.21
C GLU F 275 14.66 16.53 -58.77
N LEU F 276 15.63 17.03 -58.00
CA LEU F 276 16.68 16.15 -57.50
C LEU F 276 16.14 15.09 -56.54
N ALA F 277 15.19 15.47 -55.68
CA ALA F 277 14.59 14.49 -54.77
C ALA F 277 13.88 13.39 -55.55
N LYS F 278 13.11 13.77 -56.56
CA LYS F 278 12.43 12.78 -57.39
C LYS F 278 13.43 11.82 -58.01
N GLU F 279 14.50 12.37 -58.59
CA GLU F 279 15.51 11.53 -59.24
C GLU F 279 16.19 10.60 -58.25
N PHE F 280 16.52 11.12 -57.06
CA PHE F 280 17.16 10.29 -56.06
C PHE F 280 16.27 9.10 -55.70
N LEU F 281 14.99 9.38 -55.44
CA LEU F 281 14.09 8.33 -54.98
C LEU F 281 13.77 7.33 -56.08
N GLU F 282 13.51 7.82 -57.31
CA GLU F 282 13.11 6.92 -58.38
C GLU F 282 14.30 6.17 -58.99
N ASN F 283 15.44 6.85 -59.18
CA ASN F 283 16.52 6.29 -59.97
C ASN F 283 17.66 5.74 -59.13
N TYR F 284 17.73 6.08 -57.85
CA TYR F 284 18.80 5.58 -57.00
C TYR F 284 18.28 4.70 -55.87
N LEU F 285 17.28 5.15 -55.12
CA LEU F 285 16.80 4.37 -53.98
C LEU F 285 15.93 3.20 -54.44
N LEU F 286 14.86 3.49 -55.18
CA LEU F 286 13.93 2.45 -55.59
C LEU F 286 14.48 1.64 -56.77
N THR F 287 15.67 1.09 -56.55
CA THR F 287 16.35 0.16 -57.45
C THR F 287 16.75 -1.07 -56.66
N ASP F 288 17.09 -2.15 -57.39
CA ASP F 288 17.63 -3.32 -56.73
C ASP F 288 18.87 -2.96 -55.92
N GLU F 289 19.83 -2.29 -56.55
CA GLU F 289 21.07 -1.93 -55.87
C GLU F 289 20.79 -0.99 -54.69
N GLY F 290 19.86 -0.07 -54.86
CA GLY F 290 19.55 0.91 -53.84
C GLY F 290 18.88 0.32 -52.61
N LEU F 291 17.79 -0.43 -52.80
CA LEU F 291 17.14 -1.05 -51.66
C LEU F 291 18.06 -2.08 -51.01
N GLU F 292 18.86 -2.79 -51.80
CA GLU F 292 19.80 -3.75 -51.24
C GLU F 292 20.77 -3.07 -50.27
N ALA F 293 21.23 -1.87 -50.62
CA ALA F 293 22.15 -1.15 -49.75
C ALA F 293 21.49 -0.81 -48.42
N VAL F 294 20.24 -0.36 -48.46
CA VAL F 294 19.54 -0.05 -47.22
C VAL F 294 19.21 -1.33 -46.47
N ASN F 295 18.79 -2.35 -47.21
CA ASN F 295 18.38 -3.61 -46.59
C ASN F 295 19.55 -4.29 -45.89
N LYS F 296 20.74 -4.25 -46.49
CA LYS F 296 21.89 -4.88 -45.86
C LYS F 296 22.29 -4.16 -44.58
N ASP F 297 21.94 -2.89 -44.43
CA ASP F 297 22.14 -2.19 -43.17
C ASP F 297 21.11 -2.67 -42.13
N LYS F 298 19.84 -2.36 -42.37
CA LYS F 298 18.75 -2.87 -41.55
C LYS F 298 17.64 -3.37 -42.47
N PRO F 299 17.14 -4.58 -42.28
CA PRO F 299 16.11 -5.12 -43.19
C PRO F 299 14.89 -4.21 -43.30
N LEU F 300 14.45 -4.01 -44.55
CA LEU F 300 13.30 -3.16 -44.83
C LEU F 300 11.96 -3.85 -44.61
N GLY F 301 11.89 -5.17 -44.67
CA GLY F 301 10.62 -5.85 -44.76
C GLY F 301 10.29 -6.25 -46.17
N ALA F 302 9.02 -6.25 -46.54
CA ALA F 302 8.60 -6.61 -47.89
C ALA F 302 8.62 -5.35 -48.75
N VAL F 303 9.64 -5.22 -49.60
CA VAL F 303 9.83 -3.96 -50.30
C VAL F 303 8.73 -3.78 -51.35
N ALA F 304 8.52 -2.51 -51.73
CA ALA F 304 7.50 -2.17 -52.71
C ALA F 304 7.94 -2.49 -54.13
N LEU F 305 9.25 -2.49 -54.39
CA LEU F 305 9.79 -2.81 -55.71
C LEU F 305 9.66 -4.31 -55.97
N LYS F 306 8.96 -4.67 -57.04
CA LYS F 306 8.67 -6.09 -57.29
C LYS F 306 9.94 -6.86 -57.63
N SER F 307 10.82 -6.28 -58.43
CA SER F 307 12.03 -7.01 -58.84
C SER F 307 12.84 -7.46 -57.63
N TYR F 308 12.92 -6.61 -56.60
CA TYR F 308 13.70 -6.95 -55.42
C TYR F 308 12.90 -7.80 -54.44
N GLU F 309 11.58 -7.58 -54.37
CA GLU F 309 10.77 -8.35 -53.44
C GLU F 309 10.76 -9.83 -53.81
N GLU F 310 10.91 -10.16 -55.10
CA GLU F 310 10.93 -11.57 -55.47
C GLU F 310 12.11 -12.30 -54.83
N GLU F 311 13.23 -11.61 -54.63
CA GLU F 311 14.36 -12.23 -53.94
C GLU F 311 14.13 -12.24 -52.43
N LEU F 312 13.69 -11.12 -51.86
CA LEU F 312 13.46 -11.05 -50.43
C LEU F 312 12.34 -11.99 -49.99
N ALA F 313 11.38 -12.26 -50.88
CA ALA F 313 10.25 -13.12 -50.51
C ALA F 313 10.70 -14.52 -50.11
N LYS F 314 11.81 -14.99 -50.70
CA LYS F 314 12.31 -16.33 -50.39
C LYS F 314 12.65 -16.48 -48.92
N ASP F 315 12.88 -15.39 -48.21
CA ASP F 315 13.31 -15.38 -46.82
C ASP F 315 12.17 -15.79 -45.89
N PRO F 316 12.31 -16.86 -45.10
CA PRO F 316 11.22 -17.25 -44.19
C PRO F 316 10.84 -16.16 -43.19
N ARG F 317 11.75 -15.24 -42.88
CA ARG F 317 11.41 -14.13 -42.00
C ARG F 317 10.44 -13.16 -42.66
N ILE F 318 10.56 -12.96 -43.98
CA ILE F 318 9.62 -12.07 -44.65
C ILE F 318 8.26 -12.75 -44.77
N ALA F 319 8.23 -14.05 -45.03
CA ALA F 319 6.96 -14.78 -45.08
C ALA F 319 6.19 -14.60 -43.78
N ALA F 320 6.88 -14.72 -42.64
CA ALA F 320 6.24 -14.52 -41.34
C ALA F 320 5.69 -13.10 -41.21
N THR F 321 6.50 -12.10 -41.61
CA THR F 321 6.03 -10.72 -41.60
C THR F 321 4.75 -10.56 -42.41
N MET F 322 4.71 -11.12 -43.62
CA MET F 322 3.52 -10.99 -44.44
C MET F 322 2.37 -11.84 -43.94
N GLU F 323 2.67 -12.96 -43.27
CA GLU F 323 1.62 -13.73 -42.62
C GLU F 323 0.89 -12.87 -41.59
N ASN F 324 1.66 -12.16 -40.75
CA ASN F 324 1.03 -11.27 -39.77
C ASN F 324 0.34 -10.09 -40.46
N ALA F 325 0.98 -9.53 -41.48
CA ALA F 325 0.38 -8.40 -42.20
C ALA F 325 -0.99 -8.75 -42.76
N GLN F 326 -1.15 -9.96 -43.30
CA GLN F 326 -2.43 -10.32 -43.91
C GLN F 326 -3.53 -10.45 -42.86
N LYS F 327 -3.20 -10.88 -41.64
CA LYS F 327 -4.16 -10.91 -40.55
C LYS F 327 -4.46 -9.53 -39.98
N GLY F 328 -3.61 -8.54 -40.25
CA GLY F 328 -3.83 -7.17 -39.84
C GLY F 328 -4.51 -6.34 -40.90
N GLU F 329 -4.29 -5.03 -40.83
CA GLU F 329 -4.95 -4.06 -41.69
C GLU F 329 -3.99 -2.94 -42.02
N ILE F 330 -3.98 -2.51 -43.29
CA ILE F 330 -3.20 -1.33 -43.66
C ILE F 330 -3.71 -0.15 -42.84
N MET F 331 -2.78 0.62 -42.29
CA MET F 331 -3.20 1.80 -41.56
C MET F 331 -3.92 2.77 -42.49
N PRO F 332 -4.96 3.45 -42.02
CA PRO F 332 -5.46 4.61 -42.76
C PRO F 332 -4.35 5.66 -42.84
N ASN F 333 -4.44 6.56 -43.81
CA ASN F 333 -3.49 7.67 -43.89
C ASN F 333 -4.13 9.02 -43.60
N ILE F 334 -5.39 9.02 -43.16
CA ILE F 334 -6.14 10.26 -42.94
C ILE F 334 -5.50 11.11 -41.85
N PRO F 335 -5.77 12.42 -41.83
CA PRO F 335 -5.13 13.30 -40.84
C PRO F 335 -5.42 12.91 -39.40
N GLN F 336 -6.58 12.31 -39.12
CA GLN F 336 -6.92 12.00 -37.74
C GLN F 336 -6.04 10.90 -37.14
N MET F 337 -5.22 10.22 -37.94
CA MET F 337 -4.41 9.13 -37.42
C MET F 337 -3.52 9.58 -36.26
N SER F 338 -2.95 10.78 -36.34
CA SER F 338 -2.03 11.22 -35.29
C SER F 338 -2.74 11.37 -33.95
N ALA F 339 -3.98 11.85 -33.98
CA ALA F 339 -4.78 11.94 -32.76
C ALA F 339 -5.08 10.55 -32.21
N PHE F 340 -5.40 9.60 -33.09
CA PHE F 340 -5.62 8.23 -32.66
C PHE F 340 -4.39 7.69 -31.94
N TRP F 341 -3.21 7.86 -32.53
CA TRP F 341 -1.99 7.31 -31.94
C TRP F 341 -1.71 7.93 -30.57
N TYR F 342 -1.82 9.26 -30.47
CA TYR F 342 -1.63 9.92 -29.18
C TYR F 342 -2.60 9.37 -28.14
N ALA F 343 -3.87 9.23 -28.51
CA ALA F 343 -4.87 8.78 -27.55
C ALA F 343 -4.58 7.35 -27.08
N VAL F 344 -4.13 6.49 -27.99
CA VAL F 344 -3.87 5.10 -27.61
C VAL F 344 -2.57 5.00 -26.81
N ARG F 345 -1.56 5.82 -27.15
CA ARG F 345 -0.34 5.83 -26.36
C ARG F 345 -0.62 6.21 -24.91
N THR F 346 -1.45 7.23 -24.69
CA THR F 346 -1.74 7.67 -23.34
C THR F 346 -2.49 6.60 -22.56
N ALA F 347 -3.45 5.93 -23.20
CA ALA F 347 -4.26 4.95 -22.49
C ALA F 347 -3.43 3.74 -22.06
N VAL F 348 -2.57 3.25 -22.95
CA VAL F 348 -1.74 2.09 -22.62
C VAL F 348 -0.79 2.43 -21.48
N ILE F 349 -0.11 3.58 -21.57
CA ILE F 349 0.82 3.96 -20.51
C ILE F 349 0.09 4.23 -19.20
N ASN F 350 -1.12 4.79 -19.27
CA ASN F 350 -1.88 5.05 -18.04
C ASN F 350 -2.40 3.77 -17.42
N ALA F 351 -2.96 2.86 -18.24
CA ALA F 351 -3.41 1.58 -17.69
C ALA F 351 -2.23 0.74 -17.21
N ALA F 352 -1.14 0.74 -17.98
CA ALA F 352 0.02 -0.10 -17.65
C ALA F 352 0.75 0.39 -16.41
N SER F 353 0.71 1.70 -16.13
CA SER F 353 1.31 2.24 -14.92
C SER F 353 0.35 2.22 -13.73
N GLY F 354 -0.90 1.83 -13.93
CA GLY F 354 -1.90 1.90 -12.88
C GLY F 354 -2.48 3.28 -12.64
N ARG F 355 -1.98 4.30 -13.33
CA ARG F 355 -2.51 5.66 -13.16
C ARG F 355 -4.02 5.69 -13.36
N GLN F 356 -4.52 4.91 -14.30
CA GLN F 356 -5.93 4.86 -14.63
C GLN F 356 -6.37 3.40 -14.73
N THR F 357 -7.68 3.23 -14.75
CA THR F 357 -8.24 1.92 -14.98
C THR F 357 -8.25 1.69 -16.49
N VAL F 358 -8.46 0.46 -16.91
CA VAL F 358 -8.55 0.22 -18.32
C VAL F 358 -9.74 0.98 -18.91
N ASP F 359 -10.87 0.91 -18.23
CA ASP F 359 -12.06 1.55 -18.71
C ASP F 359 -11.91 3.01 -18.66
N ALA F 360 -11.23 3.49 -17.65
CA ALA F 360 -11.05 4.90 -17.58
C ALA F 360 -10.22 5.34 -18.78
N ALA F 361 -9.11 4.65 -19.00
CA ALA F 361 -8.18 4.94 -20.08
C ALA F 361 -8.71 4.78 -21.48
N LEU F 362 -9.41 3.70 -21.75
CA LEU F 362 -9.95 3.50 -23.07
C LEU F 362 -11.11 4.44 -23.32
N ALA F 363 -11.95 4.66 -22.34
CA ALA F 363 -13.01 5.65 -22.50
C ALA F 363 -12.44 7.01 -22.83
N ALA F 364 -11.35 7.40 -22.16
CA ALA F 364 -10.69 8.66 -22.51
C ALA F 364 -10.14 8.63 -23.92
N ALA F 365 -9.53 7.50 -24.30
CA ALA F 365 -8.91 7.41 -25.61
C ALA F 365 -9.95 7.46 -26.74
N GLN F 366 -11.20 7.05 -26.46
CA GLN F 366 -12.21 7.10 -27.52
C GLN F 366 -12.64 8.54 -27.79
N THR F 367 -12.70 9.38 -26.75
CA THR F 367 -12.98 10.79 -26.96
C THR F 367 -11.80 11.51 -27.61
N ASN F 368 -10.58 11.22 -27.12
CA ASN F 368 -9.40 11.91 -27.64
C ASN F 368 -9.09 11.51 -29.08
N ALA F 369 -9.51 10.31 -29.50
CA ALA F 369 -9.24 9.89 -30.88
C ALA F 369 -10.14 10.60 -31.88
N ALA F 370 -11.33 11.01 -31.46
CA ALA F 370 -12.29 11.67 -32.34
C ALA F 370 -12.27 13.19 -32.23
N ARG F 371 -11.39 13.74 -31.40
CA ARG F 371 -11.38 15.18 -31.15
C ARG F 371 -10.72 15.93 -32.31
N ARG F 372 -11.37 17.01 -32.76
CA ARG F 372 -10.86 17.86 -33.83
C ARG F 372 -9.81 18.79 -33.25
N LYS F 373 -8.54 18.48 -33.46
CA LYS F 373 -7.46 19.27 -32.88
C LYS F 373 -7.56 20.72 -33.38
N PRO F 374 -7.51 21.70 -32.49
CA PRO F 374 -7.61 23.10 -32.92
C PRO F 374 -6.27 23.65 -33.38
N SER F 375 -6.31 24.73 -34.10
CA SER F 375 -5.11 25.38 -34.57
C SER F 375 -4.45 26.19 -33.48
N TRP F 376 -3.22 26.57 -33.73
CA TRP F 376 -2.55 27.46 -32.82
C TRP F 376 -3.29 28.78 -32.81
N ARG F 377 -3.73 29.27 -33.98
CA ARG F 377 -4.50 30.48 -34.06
C ARG F 377 -5.70 30.41 -33.10
N GLU F 378 -6.49 29.36 -33.14
CA GLU F 378 -7.67 29.29 -32.27
C GLU F 378 -7.27 29.12 -30.81
N ARG F 379 -6.10 28.54 -30.53
CA ARG F 379 -5.68 28.39 -29.14
C ARG F 379 -5.38 29.75 -28.50
N GLU F 380 -4.60 30.57 -29.20
CA GLU F 380 -4.25 31.87 -28.66
C GLU F 380 -5.47 32.75 -28.62
N ASN F 381 -6.41 32.55 -29.55
CA ASN F 381 -7.60 33.37 -29.57
C ASN F 381 -8.33 33.15 -28.26
N ASN F 382 -8.34 31.93 -27.80
CA ASN F 382 -9.09 31.65 -26.61
C ASN F 382 -8.32 32.11 -25.40
N ARG F 383 -6.99 32.15 -25.51
CA ARG F 383 -6.17 32.61 -24.40
C ARG F 383 -6.50 34.04 -24.07
N ARG F 384 -6.69 34.87 -25.10
CA ARG F 384 -7.00 36.26 -24.97
C ARG F 384 -8.40 36.56 -24.38
N ARG F 385 -9.45 35.89 -24.87
CA ARG F 385 -10.83 36.05 -24.40
C ARG F 385 -10.91 35.85 -22.89
N GLU F 386 -10.25 34.81 -22.38
CA GLU F 386 -10.22 34.63 -20.93
C GLU F 386 -9.38 35.70 -20.25
N ARG F 387 -8.38 36.24 -20.96
CA ARG F 387 -7.58 37.31 -20.39
C ARG F 387 -8.35 38.64 -20.37
N ARG F 388 -9.15 38.91 -21.41
CA ARG F 388 -10.07 40.04 -21.34
C ARG F 388 -11.04 39.87 -20.19
N ARG F 389 -11.67 38.71 -20.10
CA ARG F 389 -12.74 38.49 -19.13
C ARG F 389 -12.25 38.80 -17.71
N ARG F 390 -11.10 38.24 -17.34
CA ARG F 390 -10.56 38.52 -16.00
C ARG F 390 -10.31 40.01 -15.81
N ALA F 391 -9.64 40.64 -16.79
CA ALA F 391 -9.33 42.07 -16.67
C ALA F 391 -10.59 42.91 -16.71
N VAL F 392 -11.53 42.61 -17.62
CA VAL F 392 -12.77 43.39 -17.68
C VAL F 392 -13.48 43.34 -16.33
N ALA F 393 -13.54 42.16 -15.72
CA ALA F 393 -14.06 42.07 -14.35
C ALA F 393 -13.13 42.80 -13.37
N ALA F 394 -11.86 42.74 -13.70
CA ALA F 394 -10.80 43.38 -12.97
C ALA F 394 -11.00 44.86 -12.88
N LYS F 395 -11.26 45.45 -14.02
CA LYS F 395 -11.45 46.84 -14.14
C LYS F 395 -12.61 47.31 -13.35
N ILE F 396 -13.69 46.57 -13.46
CA ILE F 396 -14.92 46.88 -12.78
C ILE F 396 -14.60 46.99 -11.33
N TYR F 397 -13.83 46.03 -10.84
CA TYR F 397 -13.43 46.06 -9.43
C TYR F 397 -12.55 47.26 -9.13
N THR F 398 -11.56 47.52 -10.00
CA THR F 398 -10.72 48.70 -9.84
C THR F 398 -11.58 49.95 -9.72
N GLY F 399 -12.51 50.14 -10.64
CA GLY F 399 -13.42 51.28 -10.55
C GLY F 399 -14.21 51.31 -9.26
N LEU F 400 -14.56 50.13 -8.72
CA LEU F 400 -15.33 50.08 -7.49
C LEU F 400 -14.51 50.57 -6.31
N ARG F 401 -13.30 50.06 -6.15
CA ARG F 401 -12.45 50.48 -5.04
C ARG F 401 -12.14 51.98 -5.11
N ALA F 402 -12.01 52.52 -6.32
CA ALA F 402 -11.51 53.89 -6.49
C ALA F 402 -12.54 54.93 -6.09
N GLN F 403 -13.74 54.79 -6.61
CA GLN F 403 -14.78 55.73 -6.29
C GLN F 403 -15.85 55.13 -5.40
N GLY F 404 -15.66 53.87 -5.05
CA GLY F 404 -16.62 53.22 -4.20
C GLY F 404 -16.76 53.71 -2.79
N ASP F 405 -15.64 53.88 -2.09
CA ASP F 405 -15.67 54.33 -0.71
C ASP F 405 -16.65 53.53 0.15
N TYR F 406 -16.43 52.22 0.25
CA TYR F 406 -17.34 51.32 0.94
C TYR F 406 -17.15 50.92 2.40
N ASN F 407 -16.32 51.65 3.14
CA ASN F 407 -16.10 51.41 4.57
C ASN F 407 -15.65 50.03 4.84
N LEU F 408 -14.70 49.61 4.06
CA LEU F 408 -14.19 48.30 4.26
C LEU F 408 -12.71 48.35 4.34
N PRO F 409 -12.12 47.23 4.75
CA PRO F 409 -10.68 47.14 4.89
C PRO F 409 -9.92 47.48 3.65
N LYS F 410 -8.73 48.01 3.84
CA LYS F 410 -7.88 48.30 2.71
C LYS F 410 -7.35 46.96 2.20
N HIS F 411 -7.16 46.85 0.89
CA HIS F 411 -6.65 45.64 0.25
C HIS F 411 -7.55 44.45 0.51
N CYS F 412 -8.83 44.72 0.73
CA CYS F 412 -9.84 43.70 0.96
C CYS F 412 -10.08 42.87 -0.31
N ASP F 413 -10.60 41.67 -0.10
CA ASP F 413 -10.88 40.73 -1.18
C ASP F 413 -11.88 41.30 -2.18
N ASN F 414 -11.76 40.84 -3.43
CA ASN F 414 -12.69 41.24 -4.49
C ASN F 414 -14.14 40.95 -4.10
N ASN F 415 -14.39 39.80 -3.50
CA ASN F 415 -15.77 39.42 -3.20
C ASN F 415 -16.39 40.37 -2.19
N GLU F 416 -15.63 40.79 -1.18
CA GLU F 416 -16.17 41.69 -0.17
C GLU F 416 -16.55 43.04 -0.72
N VAL F 417 -15.94 43.48 -1.83
CA VAL F 417 -16.46 44.68 -2.49
C VAL F 417 -17.72 44.35 -3.27
N LEU F 418 -17.80 43.14 -3.84
CA LEU F 418 -19.04 42.70 -4.47
C LEU F 418 -20.22 42.82 -3.51
N LYS F 419 -20.02 42.43 -2.25
CA LYS F 419 -21.07 42.57 -1.26
C LYS F 419 -21.43 44.03 -1.04
N ALA F 420 -20.41 44.90 -0.90
CA ALA F 420 -20.68 46.32 -0.73
C ALA F 420 -21.47 46.87 -1.91
N LEU F 421 -21.08 46.49 -3.14
CA LEU F 421 -21.92 46.77 -4.29
C LEU F 421 -23.32 46.20 -4.09
N CYS F 422 -23.39 44.91 -3.74
CA CYS F 422 -24.69 44.27 -3.54
C CYS F 422 -25.52 45.03 -2.50
N VAL F 423 -24.92 45.35 -1.36
CA VAL F 423 -25.68 46.08 -0.34
C VAL F 423 -25.97 47.50 -0.81
N GLU F 424 -25.07 48.02 -1.63
CA GLU F 424 -25.29 49.33 -2.18
C GLU F 424 -26.45 49.23 -3.11
N ALA F 425 -26.76 48.04 -3.58
CA ALA F 425 -27.88 47.94 -4.49
C ALA F 425 -29.07 47.31 -3.84
N GLY F 426 -29.17 47.51 -2.54
CA GLY F 426 -30.25 46.94 -1.79
C GLY F 426 -30.31 45.45 -1.74
N TRP F 427 -29.18 44.82 -1.57
CA TRP F 427 -29.18 43.41 -1.40
C TRP F 427 -28.54 43.09 -0.11
N VAL F 428 -28.55 41.83 0.18
CA VAL F 428 -27.92 41.30 1.38
C VAL F 428 -27.37 39.94 0.99
N VAL F 429 -26.08 39.69 1.26
CA VAL F 429 -25.46 38.43 0.90
C VAL F 429 -24.78 37.85 2.12
N GLU F 430 -24.96 36.54 2.33
CA GLU F 430 -24.42 35.84 3.47
C GLU F 430 -22.95 35.52 3.26
N GLU F 431 -22.24 35.30 4.38
CA GLU F 431 -20.82 34.93 4.28
C GLU F 431 -20.63 33.76 3.33
N ASP F 432 -21.59 32.83 3.29
CA ASP F 432 -21.52 31.67 2.42
C ASP F 432 -21.72 32.02 0.95
N GLY F 433 -22.22 33.22 0.64
CA GLY F 433 -22.40 33.64 -0.73
C GLY F 433 -23.83 33.64 -1.22
N THR F 434 -24.77 33.15 -0.40
CA THR F 434 -26.18 33.19 -0.75
C THR F 434 -26.66 34.63 -0.84
N THR F 435 -27.51 34.86 -1.80
CA THR F 435 -27.96 36.20 -2.00
C THR F 435 -29.46 36.34 -1.99
N TYR F 436 -29.97 37.47 -1.53
CA TYR F 436 -31.38 37.79 -1.57
C TYR F 436 -31.68 39.29 -1.54
N ARG F 437 -32.76 39.71 -2.19
CA ARG F 437 -33.10 41.14 -2.23
C ARG F 437 -33.28 41.72 -0.85
C1 GLC I . 23.14 8.12 -12.34
C2 GLC I . 23.70 8.47 -10.97
C3 GLC I . 22.81 9.46 -10.22
C4 GLC I . 22.42 10.61 -11.12
C5 GLC I . 21.79 10.09 -12.41
C6 GLC I . 21.43 11.27 -13.31
O1 GLC I . 22.06 7.25 -12.18
O2 GLC I . 23.86 7.28 -10.20
O3 GLC I . 23.48 9.94 -9.07
O4 GLC I . 21.52 11.46 -10.48
O5 GLC I . 22.69 9.25 -13.09
O6 GLC I . 20.58 10.85 -14.36
C1 GLC I . 22.01 12.62 -9.88
C2 GLC I . 21.45 12.66 -8.46
C3 GLC I . 19.94 12.74 -8.53
C4 GLC I . 19.53 13.96 -9.36
C5 GLC I . 20.17 13.88 -10.74
C6 GLC I . 19.85 15.14 -11.57
O2 GLC I . 21.83 11.50 -7.77
O3 GLC I . 19.39 12.84 -7.25
O4 GLC I . 18.13 14.06 -9.44
O5 GLC I . 21.57 13.76 -10.62
O6 GLC I . 20.19 14.98 -12.94
C1 GLC J . 8.60 1.62 -36.51
C2 GLC J . 7.65 1.81 -37.70
C3 GLC J . 6.61 2.89 -37.49
C4 GLC J . 6.03 2.84 -36.09
C5 GLC J . 7.16 2.87 -35.05
C6 GLC J . 6.59 2.78 -33.65
O1 GLC J . 9.67 2.53 -36.59
O2 GLC J . 8.44 2.15 -38.83
O3 GLC J . 5.54 2.74 -38.42
O4 GLC J . 5.16 3.92 -35.86
O5 GLC J . 8.00 1.75 -35.24
O6 GLC J . 7.65 3.00 -32.74
C1 GLC J . 3.78 3.63 -35.96
C2 GLC J . 3.11 4.71 -36.81
C3 GLC J . 3.27 6.07 -36.13
C4 GLC J . 2.70 5.97 -34.72
C5 GLC J . 3.35 4.83 -33.96
C6 GLC J . 2.74 4.69 -32.56
O2 GLC J . 3.71 4.68 -38.09
O3 GLC J . 2.56 7.07 -36.83
O4 GLC J . 2.93 7.17 -34.04
O5 GLC J . 3.19 3.63 -34.68
O6 GLC J . 3.48 3.75 -31.79
C1 GLC K . -25.01 -9.28 14.98
C2 GLC K . -25.88 -10.47 14.54
C3 GLC K . -25.07 -11.69 14.15
C4 GLC K . -23.89 -11.28 13.27
C5 GLC K . -23.06 -10.19 13.95
C6 GLC K . -21.88 -9.76 13.07
O1 GLC K . -24.59 -9.52 16.27
O2 GLC K . -26.71 -10.85 15.63
O3 GLC K . -25.90 -12.57 13.43
O4 GLC K . -23.12 -12.45 13.03
O5 GLC K . -23.85 -9.05 14.19
O6 GLC K . -20.91 -9.07 13.86
C1 GLC K . -23.25 -13.06 11.77
C2 GLC K . -23.34 -14.57 12.00
C3 GLC K . -22.06 -15.04 12.65
C4 GLC K . -20.89 -14.70 11.74
C5 GLC K . -20.88 -13.20 11.46
C6 GLC K . -19.75 -12.81 10.49
O2 GLC K . -24.46 -14.86 12.82
O3 GLC K . -22.09 -16.44 12.90
O4 GLC K . -19.68 -15.02 12.38
O5 GLC K . -22.13 -12.78 10.95
O6 GLC K . -19.61 -11.40 10.43
C1 GLC L . -7.28 -0.10 33.89
C2 GLC L . -5.94 0.61 34.15
C3 GLC L . -4.73 -0.16 33.68
C4 GLC L . -4.86 -1.63 34.07
C5 GLC L . -6.20 -2.21 33.62
C6 GLC L . -6.35 -3.65 34.10
O1 GLC L . -7.64 0.05 32.54
O2 GLC L . -5.95 1.88 33.51
O3 GLC L . -3.57 0.39 34.28
O4 GLC L . -3.80 -2.38 33.50
O5 GLC L . -7.25 -1.48 34.20
O6 GLC L . -7.34 -4.32 33.34
C1 GLC L . -2.71 -2.71 34.32
C2 GLC L . -1.41 -2.43 33.59
C3 GLC L . -1.35 -3.30 32.33
C4 GLC L . -1.48 -4.75 32.75
C5 GLC L . -2.74 -4.97 33.58
C6 GLC L . -2.80 -6.40 34.13
O2 GLC L . -1.34 -1.05 33.28
O3 GLC L . -0.14 -3.08 31.60
O4 GLC L . -1.51 -5.58 31.60
O5 GLC L . -2.76 -4.07 34.67
O6 GLC L . -4.08 -6.69 34.66
C1 EDO M . -31.19 -24.58 7.42
O1 EDO M . -29.96 -24.50 6.69
C2 EDO M . -31.49 -23.22 8.07
O2 EDO M . -31.76 -22.27 7.04
C1 EDO N . -17.12 -16.23 32.10
O1 EDO N . -18.08 -17.27 32.38
C2 EDO N . -17.56 -15.47 30.85
O2 EDO N . -18.80 -14.80 31.12
C1 EDO O . 19.39 -41.71 18.49
O1 EDO O . 20.42 -40.74 18.66
C2 EDO O . 18.08 -41.16 19.03
O2 EDO O . 17.71 -39.97 18.31
C1 EDO P . -26.97 -13.53 0.49
O1 EDO P . -28.15 -13.29 1.27
C2 EDO P . -26.88 -14.99 0.01
O2 EDO P . -26.73 -14.98 -1.43
H11 EDO P . -26.98 -12.86 -0.37
H12 EDO P . -26.09 -13.30 1.09
HO1 EDO P . -28.86 -13.86 0.98
H21 EDO P . -26.03 -15.48 0.47
H22 EDO P . -27.78 -15.53 0.29
HO2 EDO P . -26.93 -15.86 -1.78
C1 EDO Q . 14.24 -36.27 1.01
O1 EDO Q . 14.63 -35.82 2.31
C2 EDO Q . 15.47 -36.47 0.13
O2 EDO Q . 15.29 -37.67 -0.64
C1 EDO R . -1.38 14.78 42.68
O1 EDO R . -1.38 13.62 43.51
C2 EDO R . -2.11 14.44 41.38
O2 EDO R . -1.27 13.65 40.52
H11 EDO R . -1.90 15.60 43.19
H12 EDO R . -0.36 15.10 42.47
HO1 EDO R . -1.47 13.89 44.44
H21 EDO R . -3.02 13.90 41.59
H22 EDO R . -2.39 15.36 40.86
HO2 EDO R . -1.58 13.72 39.61
C1 EDO S . 10.36 3.60 36.28
O1 EDO S . 10.37 2.18 36.49
C2 EDO S . 8.95 4.15 36.55
O2 EDO S . 8.53 3.70 37.85
H11 EDO S . 11.08 4.07 36.96
H12 EDO S . 10.65 3.81 35.26
HO1 EDO S . 11.02 1.96 37.18
H21 EDO S . 8.97 5.23 36.52
H22 EDO S . 8.26 3.79 35.79
HO2 EDO S . 8.48 4.46 38.45
C1 EDO T . 3.87 -3.93 44.53
O1 EDO T . 4.57 -4.37 45.72
C2 EDO T . 2.43 -3.55 44.89
O2 EDO T . 2.28 -2.14 45.08
H11 EDO T . 4.39 -3.08 44.09
H12 EDO T . 3.87 -4.74 43.79
HO1 EDO T . 4.76 -5.31 45.64
H21 EDO T . 1.77 -3.87 44.07
H22 EDO T . 2.13 -4.08 45.79
HO2 EDO T . 2.51 -1.67 44.27
C1 EDO U . 26.68 16.05 3.75
O1 EDO U . 25.79 16.84 2.96
C2 EDO U . 27.21 14.91 2.90
O2 EDO U . 27.89 15.41 1.75
C1 EDO V . 25.34 -0.33 -26.80
O1 EDO V . 24.41 0.54 -26.16
C2 EDO V . 25.43 -1.66 -26.05
O2 EDO V . 26.62 -2.35 -26.46
C1 EDO W . 26.86 -13.48 -4.44
O1 EDO W . 28.09 -12.79 -4.20
C2 EDO W . 26.81 -13.90 -5.91
O2 EDO W . 28.11 -14.36 -6.30
H11 EDO W . 26.79 -14.36 -3.80
H12 EDO W . 26.01 -12.83 -4.21
HO1 EDO W . 28.33 -12.89 -3.27
H21 EDO W . 26.07 -14.69 -6.04
H22 EDO W . 26.50 -13.05 -6.53
HO2 EDO W . 28.02 -15.07 -6.95
C1 EDO X . -6.12 5.14 -46.99
O1 EDO X . -6.37 5.63 -45.66
C2 EDO X . -4.73 4.51 -47.06
O2 EDO X . -4.70 3.25 -46.37
C1 EDO Y . -4.00 1.20 -48.57
O1 EDO Y . -5.23 1.88 -48.84
C2 EDO Y . -3.98 -0.11 -49.32
O2 EDO Y . -2.65 -0.61 -49.43
H11 EDO Y . -3.89 1.02 -47.50
H12 EDO Y . -3.15 1.82 -48.89
HO1 EDO Y . -5.07 2.83 -48.89
H21 EDO Y . -4.61 -0.84 -48.80
H22 EDO Y . -4.40 0.03 -50.33
HO2 EDO Y . -2.04 0.02 -49.02
#